data_2PRB
# 
_entry.id   2PRB 
# 
_audit_conform.dict_name       mmcif_pdbx.dic 
_audit_conform.dict_version    5.377 
_audit_conform.dict_location   http://mmcif.pdb.org/dictionaries/ascii/mmcif_pdbx.dic 
# 
loop_
_database_2.database_id 
_database_2.database_code 
_database_2.pdbx_database_accession 
_database_2.pdbx_DOI 
PDB   2PRB         pdb_00002prb 10.2210/pdb2prb/pdb 
RCSB  RCSB042703   ?            ?                   
WWPDB D_1000042703 ?            ?                   
# 
_pdbx_database_related.db_name        PDB 
_pdbx_database_related.db_id          2PR8 
_pdbx_database_related.details        'extended spectrum variant' 
_pdbx_database_related.content_type   unspecified 
# 
_pdbx_database_status.entry_id                        2PRB 
_pdbx_database_status.deposit_site                    RCSB 
_pdbx_database_status.process_site                    RCSB 
_pdbx_database_status.recvd_initial_deposition_date   2007-05-04 
_pdbx_database_status.status_code                     REL 
_pdbx_database_status.status_code_sf                  REL 
_pdbx_database_status.status_code_mr                  ? 
_pdbx_database_status.SG_entry                        ? 
_pdbx_database_status.pdb_format_compatible           Y 
_pdbx_database_status.status_code_cs                  ? 
_pdbx_database_status.status_code_nmr_data            ? 
_pdbx_database_status.methods_development_category    ? 
# 
loop_
_audit_author.name 
_audit_author.pdbx_ordinal 
'Maurice, F.'   1 
'Broutin, I.'   2 
'Podglajen, I.' 3 
'Benas, P.'     4 
'Collatz, E.'   5 
'Dardel, F.'    6 
# 
_citation.id                        primary 
_citation.title                     'Enzyme structural plasticity and the emergence of broad-spectrum antibiotic resistance.' 
_citation.journal_abbrev            'Embo Rep.' 
_citation.journal_volume            9 
_citation.page_first                344 
_citation.page_last                 349 
_citation.year                      2008 
_citation.journal_id_ASTM           ? 
_citation.country                   UK 
_citation.journal_id_ISSN           1469-221X 
_citation.journal_id_CSD            ? 
_citation.book_publisher            ? 
_citation.pdbx_database_id_PubMed   18292754 
_citation.pdbx_database_id_DOI      10.1038/embor.2008.9 
# 
loop_
_citation_author.citation_id 
_citation_author.name 
_citation_author.ordinal 
_citation_author.identifier_ORCID 
primary 'Maurice, F.'   1 ? 
primary 'Broutin, I.'   2 ? 
primary 'Podglajen, I.' 3 ? 
primary 'Benas, P.'     4 ? 
primary 'Collatz, E.'   5 ? 
primary 'Dardel, F.'    6 ? 
# 
_cell.length_a           57.620 
_cell.length_b           57.620 
_cell.length_c           146.672 
_cell.angle_alpha        90.000 
_cell.angle_beta         90.000 
_cell.angle_gamma        90.000 
_cell.entry_id           2PRB 
_cell.pdbx_unique_axis   ? 
_cell.Z_PDB              8 
_cell.length_a_esd       ? 
_cell.length_b_esd       ? 
_cell.length_c_esd       ? 
_cell.angle_alpha_esd    ? 
_cell.angle_beta_esd     ? 
_cell.angle_gamma_esd    ? 
# 
_symmetry.space_group_name_H-M             'P 43 21 2' 
_symmetry.entry_id                         2PRB 
_symmetry.Int_Tables_number                96 
_symmetry.pdbx_full_space_group_name_H-M   ? 
_symmetry.cell_setting                     ? 
_symmetry.space_group_name_Hall            ? 
# 
loop_
_entity.id 
_entity.type 
_entity.src_method 
_entity.pdbx_description 
_entity.formula_weight 
_entity.pdbx_number_of_molecules 
_entity.pdbx_ec 
_entity.pdbx_mutation 
_entity.pdbx_fragment 
_entity.details 
1 polymer     man 'Aminoglycoside 6-N-acetyltransferase type Ib11' 21921.439 1   2.3.1.82 L106Q,S107L ? ? 
2 non-polymer syn 'COENZYME A'                                     767.534   1   ?        ?           ? ? 
3 water       nat water                                            18.015    172 ?        ?           ? ? 
# 
_entity_poly.entity_id                      1 
_entity_poly.type                           'polypeptide(L)' 
_entity_poly.nstd_linkage                   no 
_entity_poly.nstd_monomer                   no 
_entity_poly.pdbx_seq_one_letter_code       
;MKNTIHINSNDSVTLRLMTEHDLAMLYEWLNRSHIVEWWGGEEARPTLADVQEQYLPSVLAQESVTPYIAMLNGEPIGYA
QSYVALGSGDGWWEEETDPGVRGIDQLLANASQLGKGLGTKLVRALVELLFNDPEVTKIQTDPSPSNLRAIRCYEKAGFE
RQGTVTTPDGPAVYMVQTRQAFERTRSDEGRAQFEA
;
_entity_poly.pdbx_seq_one_letter_code_can   
;MKNTIHINSNDSVTLRLMTEHDLAMLYEWLNRSHIVEWWGGEEARPTLADVQEQYLPSVLAQESVTPYIAMLNGEPIGYA
QSYVALGSGDGWWEEETDPGVRGIDQLLANASQLGKGLGTKLVRALVELLFNDPEVTKIQTDPSPSNLRAIRCYEKAGFE
RQGTVTTPDGPAVYMVQTRQAFERTRSDEGRAQFEA
;
_entity_poly.pdbx_strand_id                 A 
_entity_poly.pdbx_target_identifier         ? 
# 
loop_
_entity_poly_seq.entity_id 
_entity_poly_seq.num 
_entity_poly_seq.mon_id 
_entity_poly_seq.hetero 
1 1   MET n 
1 2   LYS n 
1 3   ASN n 
1 4   THR n 
1 5   ILE n 
1 6   HIS n 
1 7   ILE n 
1 8   ASN n 
1 9   SER n 
1 10  ASN n 
1 11  ASP n 
1 12  SER n 
1 13  VAL n 
1 14  THR n 
1 15  LEU n 
1 16  ARG n 
1 17  LEU n 
1 18  MET n 
1 19  THR n 
1 20  GLU n 
1 21  HIS n 
1 22  ASP n 
1 23  LEU n 
1 24  ALA n 
1 25  MET n 
1 26  LEU n 
1 27  TYR n 
1 28  GLU n 
1 29  TRP n 
1 30  LEU n 
1 31  ASN n 
1 32  ARG n 
1 33  SER n 
1 34  HIS n 
1 35  ILE n 
1 36  VAL n 
1 37  GLU n 
1 38  TRP n 
1 39  TRP n 
1 40  GLY n 
1 41  GLY n 
1 42  GLU n 
1 43  GLU n 
1 44  ALA n 
1 45  ARG n 
1 46  PRO n 
1 47  THR n 
1 48  LEU n 
1 49  ALA n 
1 50  ASP n 
1 51  VAL n 
1 52  GLN n 
1 53  GLU n 
1 54  GLN n 
1 55  TYR n 
1 56  LEU n 
1 57  PRO n 
1 58  SER n 
1 59  VAL n 
1 60  LEU n 
1 61  ALA n 
1 62  GLN n 
1 63  GLU n 
1 64  SER n 
1 65  VAL n 
1 66  THR n 
1 67  PRO n 
1 68  TYR n 
1 69  ILE n 
1 70  ALA n 
1 71  MET n 
1 72  LEU n 
1 73  ASN n 
1 74  GLY n 
1 75  GLU n 
1 76  PRO n 
1 77  ILE n 
1 78  GLY n 
1 79  TYR n 
1 80  ALA n 
1 81  GLN n 
1 82  SER n 
1 83  TYR n 
1 84  VAL n 
1 85  ALA n 
1 86  LEU n 
1 87  GLY n 
1 88  SER n 
1 89  GLY n 
1 90  ASP n 
1 91  GLY n 
1 92  TRP n 
1 93  TRP n 
1 94  GLU n 
1 95  GLU n 
1 96  GLU n 
1 97  THR n 
1 98  ASP n 
1 99  PRO n 
1 100 GLY n 
1 101 VAL n 
1 102 ARG n 
1 103 GLY n 
1 104 ILE n 
1 105 ASP n 
1 106 GLN n 
1 107 LEU n 
1 108 LEU n 
1 109 ALA n 
1 110 ASN n 
1 111 ALA n 
1 112 SER n 
1 113 GLN n 
1 114 LEU n 
1 115 GLY n 
1 116 LYS n 
1 117 GLY n 
1 118 LEU n 
1 119 GLY n 
1 120 THR n 
1 121 LYS n 
1 122 LEU n 
1 123 VAL n 
1 124 ARG n 
1 125 ALA n 
1 126 LEU n 
1 127 VAL n 
1 128 GLU n 
1 129 LEU n 
1 130 LEU n 
1 131 PHE n 
1 132 ASN n 
1 133 ASP n 
1 134 PRO n 
1 135 GLU n 
1 136 VAL n 
1 137 THR n 
1 138 LYS n 
1 139 ILE n 
1 140 GLN n 
1 141 THR n 
1 142 ASP n 
1 143 PRO n 
1 144 SER n 
1 145 PRO n 
1 146 SER n 
1 147 ASN n 
1 148 LEU n 
1 149 ARG n 
1 150 ALA n 
1 151 ILE n 
1 152 ARG n 
1 153 CYS n 
1 154 TYR n 
1 155 GLU n 
1 156 LYS n 
1 157 ALA n 
1 158 GLY n 
1 159 PHE n 
1 160 GLU n 
1 161 ARG n 
1 162 GLN n 
1 163 GLY n 
1 164 THR n 
1 165 VAL n 
1 166 THR n 
1 167 THR n 
1 168 PRO n 
1 169 ASP n 
1 170 GLY n 
1 171 PRO n 
1 172 ALA n 
1 173 VAL n 
1 174 TYR n 
1 175 MET n 
1 176 VAL n 
1 177 GLN n 
1 178 THR n 
1 179 ARG n 
1 180 GLN n 
1 181 ALA n 
1 182 PHE n 
1 183 GLU n 
1 184 ARG n 
1 185 THR n 
1 186 ARG n 
1 187 SER n 
1 188 ASP n 
1 189 GLU n 
1 190 GLY n 
1 191 ARG n 
1 192 ALA n 
1 193 GLN n 
1 194 PHE n 
1 195 GLU n 
1 196 ALA n 
# 
_entity_src_gen.entity_id                          1 
_entity_src_gen.pdbx_src_id                        1 
_entity_src_gen.pdbx_alt_source_flag               sample 
_entity_src_gen.pdbx_seq_type                      ? 
_entity_src_gen.pdbx_beg_seq_num                   ? 
_entity_src_gen.pdbx_end_seq_num                   ? 
_entity_src_gen.gene_src_common_name               ? 
_entity_src_gen.gene_src_genus                     Salmonella 
_entity_src_gen.pdbx_gene_src_gene                 ? 
_entity_src_gen.gene_src_species                   ? 
_entity_src_gen.gene_src_strain                    ? 
_entity_src_gen.gene_src_tissue                    ? 
_entity_src_gen.gene_src_tissue_fraction           ? 
_entity_src_gen.gene_src_details                   ? 
_entity_src_gen.pdbx_gene_src_fragment             ? 
_entity_src_gen.pdbx_gene_src_scientific_name      'Salmonella typhimurium' 
_entity_src_gen.pdbx_gene_src_ncbi_taxonomy_id     602 
_entity_src_gen.pdbx_gene_src_variant              ? 
_entity_src_gen.pdbx_gene_src_cell_line            ? 
_entity_src_gen.pdbx_gene_src_atcc                 ? 
_entity_src_gen.pdbx_gene_src_organ                ? 
_entity_src_gen.pdbx_gene_src_organelle            ? 
_entity_src_gen.pdbx_gene_src_cell                 ? 
_entity_src_gen.pdbx_gene_src_cellular_location    ? 
_entity_src_gen.host_org_common_name               ? 
_entity_src_gen.pdbx_host_org_scientific_name      'Escherichia coli' 
_entity_src_gen.pdbx_host_org_ncbi_taxonomy_id     562 
_entity_src_gen.host_org_genus                     Escherichia 
_entity_src_gen.pdbx_host_org_gene                 ? 
_entity_src_gen.pdbx_host_org_organ                ? 
_entity_src_gen.host_org_species                   ? 
_entity_src_gen.pdbx_host_org_tissue               ? 
_entity_src_gen.pdbx_host_org_tissue_fraction      ? 
_entity_src_gen.pdbx_host_org_strain               ? 
_entity_src_gen.pdbx_host_org_variant              ? 
_entity_src_gen.pdbx_host_org_cell_line            ? 
_entity_src_gen.pdbx_host_org_atcc                 ? 
_entity_src_gen.pdbx_host_org_culture_collection   ? 
_entity_src_gen.pdbx_host_org_cell                 ? 
_entity_src_gen.pdbx_host_org_organelle            ? 
_entity_src_gen.pdbx_host_org_cellular_location    ? 
_entity_src_gen.pdbx_host_org_vector_type          plasmid 
_entity_src_gen.pdbx_host_org_vector               ? 
_entity_src_gen.host_org_details                   ? 
_entity_src_gen.expression_system_id               ? 
_entity_src_gen.plasmid_name                       pET101 
_entity_src_gen.plasmid_details                    ? 
_entity_src_gen.pdbx_description                   ? 
# 
_struct_ref.id                         1 
_struct_ref.db_name                    UNP 
_struct_ref.db_code                    Q8GLI5_SALTY 
_struct_ref.pdbx_db_accession          Q8GLI5 
_struct_ref.entity_id                  1 
_struct_ref.pdbx_seq_one_letter_code   
;MKNTIHINSNDSVTLRLMTEHDLAMLYEWLNRSHIVEWWGGEEARPTLADVQEQYLPSVLAQESVTPYIAMLNGEPIGYA
QSYVALGSGDGWWEEETDPGVRGIDLSLANASQLGKGLGTKLVRALVELLFNDPEVTKIQTDPSPSNLRAIRCYEKAGFE
RQGTVTTPDGPAVYMVQTRQAFERTRSD
;
_struct_ref.pdbx_align_begin           1 
_struct_ref.pdbx_db_isoform            ? 
# 
_struct_ref_seq.align_id                      1 
_struct_ref_seq.ref_id                        1 
_struct_ref_seq.pdbx_PDB_id_code              2PRB 
_struct_ref_seq.pdbx_strand_id                A 
_struct_ref_seq.seq_align_beg                 1 
_struct_ref_seq.pdbx_seq_align_beg_ins_code   ? 
_struct_ref_seq.seq_align_end                 188 
_struct_ref_seq.pdbx_seq_align_end_ins_code   ? 
_struct_ref_seq.pdbx_db_accession             Q8GLI5 
_struct_ref_seq.db_align_beg                  1 
_struct_ref_seq.pdbx_db_align_beg_ins_code    ? 
_struct_ref_seq.db_align_end                  188 
_struct_ref_seq.pdbx_db_align_end_ins_code    ? 
_struct_ref_seq.pdbx_auth_seq_align_beg       1 
_struct_ref_seq.pdbx_auth_seq_align_end       188 
# 
loop_
_struct_ref_seq_dif.align_id 
_struct_ref_seq_dif.pdbx_pdb_id_code 
_struct_ref_seq_dif.mon_id 
_struct_ref_seq_dif.pdbx_pdb_strand_id 
_struct_ref_seq_dif.seq_num 
_struct_ref_seq_dif.pdbx_pdb_ins_code 
_struct_ref_seq_dif.pdbx_seq_db_name 
_struct_ref_seq_dif.pdbx_seq_db_accession_code 
_struct_ref_seq_dif.db_mon_id 
_struct_ref_seq_dif.pdbx_seq_db_seq_num 
_struct_ref_seq_dif.details 
_struct_ref_seq_dif.pdbx_auth_seq_num 
_struct_ref_seq_dif.pdbx_ordinal 
1 2PRB GLN A 106 ? UNP Q8GLI5 LEU 106 'engineered mutation' 106 1  
1 2PRB LEU A 107 ? UNP Q8GLI5 SER 107 'engineered mutation' 107 2  
1 2PRB GLU A 189 ? UNP Q8GLI5 ?   ?   'expression tag'      189 3  
1 2PRB GLY A 190 ? UNP Q8GLI5 ?   ?   'expression tag'      190 4  
1 2PRB ARG A 191 ? UNP Q8GLI5 ?   ?   'expression tag'      191 5  
1 2PRB ALA A 192 ? UNP Q8GLI5 ?   ?   'expression tag'      192 6  
1 2PRB GLN A 193 ? UNP Q8GLI5 ?   ?   'expression tag'      193 7  
1 2PRB PHE A 194 ? UNP Q8GLI5 ?   ?   'expression tag'      194 8  
1 2PRB GLU A 195 ? UNP Q8GLI5 ?   ?   'expression tag'      195 9  
1 2PRB ALA A 196 ? UNP Q8GLI5 ?   ?   'expression tag'      196 10 
# 
loop_
_chem_comp.id 
_chem_comp.type 
_chem_comp.mon_nstd_flag 
_chem_comp.name 
_chem_comp.pdbx_synonyms 
_chem_comp.formula 
_chem_comp.formula_weight 
ALA 'L-peptide linking' y ALANINE         ? 'C3 H7 N O2'          89.093  
ARG 'L-peptide linking' y ARGININE        ? 'C6 H15 N4 O2 1'      175.209 
ASN 'L-peptide linking' y ASPARAGINE      ? 'C4 H8 N2 O3'         132.118 
ASP 'L-peptide linking' y 'ASPARTIC ACID' ? 'C4 H7 N O4'          133.103 
COA non-polymer         . 'COENZYME A'    ? 'C21 H36 N7 O16 P3 S' 767.534 
CYS 'L-peptide linking' y CYSTEINE        ? 'C3 H7 N O2 S'        121.158 
GLN 'L-peptide linking' y GLUTAMINE       ? 'C5 H10 N2 O3'        146.144 
GLU 'L-peptide linking' y 'GLUTAMIC ACID' ? 'C5 H9 N O4'          147.129 
GLY 'peptide linking'   y GLYCINE         ? 'C2 H5 N O2'          75.067  
HIS 'L-peptide linking' y HISTIDINE       ? 'C6 H10 N3 O2 1'      156.162 
HOH non-polymer         . WATER           ? 'H2 O'                18.015  
ILE 'L-peptide linking' y ISOLEUCINE      ? 'C6 H13 N O2'         131.173 
LEU 'L-peptide linking' y LEUCINE         ? 'C6 H13 N O2'         131.173 
LYS 'L-peptide linking' y LYSINE          ? 'C6 H15 N2 O2 1'      147.195 
MET 'L-peptide linking' y METHIONINE      ? 'C5 H11 N O2 S'       149.211 
PHE 'L-peptide linking' y PHENYLALANINE   ? 'C9 H11 N O2'         165.189 
PRO 'L-peptide linking' y PROLINE         ? 'C5 H9 N O2'          115.130 
SER 'L-peptide linking' y SERINE          ? 'C3 H7 N O3'          105.093 
THR 'L-peptide linking' y THREONINE       ? 'C4 H9 N O3'          119.119 
TRP 'L-peptide linking' y TRYPTOPHAN      ? 'C11 H12 N2 O2'       204.225 
TYR 'L-peptide linking' y TYROSINE        ? 'C9 H11 N O3'         181.189 
VAL 'L-peptide linking' y VALINE          ? 'C5 H11 N O2'         117.146 
# 
_exptl.crystals_number   1 
_exptl.entry_id          2PRB 
_exptl.method            'X-RAY DIFFRACTION' 
# 
_exptl_crystal.id                    1 
_exptl_crystal.density_Matthews      2.78 
_exptl_crystal.density_meas          ? 
_exptl_crystal.density_percent_sol   55.68 
_exptl_crystal.description           ? 
_exptl_crystal.F_000                 ? 
_exptl_crystal.preparation           ? 
# 
_exptl_crystal_grow.crystal_id      1 
_exptl_crystal_grow.method          'VAPOR DIFFUSION, HANGING DROP' 
_exptl_crystal_grow.pH              7 
_exptl_crystal_grow.temp            291 
_exptl_crystal_grow.temp_details    ? 
_exptl_crystal_grow.pdbx_details    
;1.5 M K2HPO4   
0.06M NaH2PO4   
0.1M guanidine-HCl, pH 7, VAPOR DIFFUSION, HANGING DROP, temperature 291K
;
_exptl_crystal_grow.pdbx_pH_range   . 
# 
_diffrn.id                     1 
_diffrn.ambient_temp           77 
_diffrn.ambient_temp_details   ? 
_diffrn.crystal_id             1 
# 
_diffrn_detector.diffrn_id              1 
_diffrn_detector.detector               CCD 
_diffrn_detector.type                   'ADSC QUANTUM 4r' 
_diffrn_detector.pdbx_collection_date   2007-03-03 
_diffrn_detector.details                ? 
# 
_diffrn_radiation.diffrn_id                        1 
_diffrn_radiation.wavelength_id                    1 
_diffrn_radiation.pdbx_diffrn_protocol             'SINGLE WAVELENGTH' 
_diffrn_radiation.monochromator                    'diamond 111' 
_diffrn_radiation.pdbx_monochromatic_or_laue_m_l   M 
_diffrn_radiation.pdbx_scattering_type             x-ray 
# 
_diffrn_radiation_wavelength.id           1 
_diffrn_radiation_wavelength.wavelength   0.9310 
_diffrn_radiation_wavelength.wt           1.0 
# 
_diffrn_source.diffrn_id                   1 
_diffrn_source.source                      SYNCHROTRON 
_diffrn_source.type                        'ESRF BEAMLINE ID14-3' 
_diffrn_source.pdbx_wavelength             ? 
_diffrn_source.pdbx_wavelength_list        0.9310 
_diffrn_source.pdbx_synchrotron_site       ESRF 
_diffrn_source.pdbx_synchrotron_beamline   ID14-3 
# 
_reflns.entry_id                     2PRB 
_reflns.d_resolution_high            1.800 
_reflns.d_resolution_low             53.630 
_reflns.number_obs                   23836 
_reflns.pdbx_Rmerge_I_obs            0.059 
_reflns.pdbx_netI_over_sigmaI        8.300 
_reflns.pdbx_Rsym_value              0.059 
_reflns.pdbx_redundancy              13.500 
_reflns.percent_possible_obs         100.000 
_reflns.observed_criterion_sigma_F   0 
_reflns.observed_criterion_sigma_I   1 
_reflns.number_all                   23842 
_reflns.B_iso_Wilson_estimate        ? 
_reflns.R_free_details               ? 
_reflns.limit_h_max                  ? 
_reflns.limit_h_min                  ? 
_reflns.limit_k_max                  ? 
_reflns.limit_k_min                  ? 
_reflns.limit_l_max                  ? 
_reflns.limit_l_min                  ? 
_reflns.observed_criterion_F_max     ? 
_reflns.observed_criterion_F_min     ? 
_reflns.pdbx_chi_squared             ? 
_reflns.pdbx_scaling_rejects         ? 
_reflns.pdbx_diffrn_id               1 
_reflns.pdbx_ordinal                 1 
# 
_reflns_shell.d_res_high             1.80 
_reflns_shell.d_res_low              1.90 
_reflns_shell.number_measured_obs    ? 
_reflns_shell.number_measured_all    35626 
_reflns_shell.number_unique_obs      ? 
_reflns_shell.Rmerge_I_obs           0.183 
_reflns_shell.meanI_over_sigI_obs    4.1 
_reflns_shell.pdbx_Rsym_value        0.183 
_reflns_shell.pdbx_chi_squared       ? 
_reflns_shell.pdbx_redundancy        10.50 
_reflns_shell.percent_possible_obs   ? 
_reflns_shell.number_unique_all      3394 
_reflns_shell.percent_possible_all   100.00 
_reflns_shell.pdbx_diffrn_id         ? 
_reflns_shell.pdbx_ordinal           1 
# 
_refine.entry_id                                 2PRB 
_refine.ls_d_res_high                            1.800 
_refine.ls_d_res_low                             40.760 
_refine.pdbx_ls_sigma_F                          0.00 
_refine.ls_percent_reflns_obs                    99.980 
_refine.ls_number_reflns_obs                     23761 
_refine.pdbx_ls_cross_valid_method               THROUGHOUT 
_refine.pdbx_R_Free_selection_details            RANDOM 
_refine.details                                  'HYDROGENS HAVE BEEN ADDED IN THE RIDING POSITIONS' 
_refine.ls_R_factor_obs                          0.210 
_refine.ls_R_factor_R_work                       0.209 
_refine.ls_R_factor_R_free                       0.226 
_refine.ls_percent_reflns_R_free                 5.100 
_refine.ls_number_reflns_R_free                  1219 
_refine.B_iso_mean                               15.468 
_refine.aniso_B[1][1]                            0.000 
_refine.aniso_B[2][2]                            0.000 
_refine.aniso_B[3][3]                            0.000 
_refine.aniso_B[1][2]                            0.000 
_refine.aniso_B[1][3]                            0.000 
_refine.aniso_B[2][3]                            0.000 
_refine.correlation_coeff_Fo_to_Fc               0.936 
_refine.correlation_coeff_Fo_to_Fc_free          0.909 
_refine.pdbx_overall_ESU_R                       0.120 
_refine.pdbx_overall_ESU_R_Free                  0.110 
_refine.overall_SU_ML                            0.071 
_refine.overall_SU_B                             2.200 
_refine.solvent_model_details                    MASK 
_refine.pdbx_solvent_vdw_probe_radii             1.200 
_refine.pdbx_solvent_ion_probe_radii             0.800 
_refine.pdbx_solvent_shrinkage_radii             0.800 
_refine.pdbx_stereochemistry_target_values       'MAXIMUM LIKELIHOOD' 
_refine.pdbx_ls_sigma_I                          ? 
_refine.ls_number_reflns_all                     23765 
_refine.ls_R_factor_all                          0.209 
_refine.ls_redundancy_reflns_obs                 ? 
_refine.pdbx_data_cutoff_high_absF               ? 
_refine.pdbx_data_cutoff_low_absF                ? 
_refine.ls_number_parameters                     ? 
_refine.ls_number_restraints                     ? 
_refine.ls_R_factor_R_free_error                 ? 
_refine.ls_R_factor_R_free_error_details         ? 
_refine.pdbx_method_to_determine_struct          'MOLECULAR REPLACEMENT' 
_refine.pdbx_starting_model                      'pdb entry 2PR8' 
_refine.pdbx_stereochem_target_val_spec_case     ? 
_refine.solvent_model_param_bsol                 ? 
_refine.solvent_model_param_ksol                 ? 
_refine.occupancy_max                            ? 
_refine.occupancy_min                            ? 
_refine.pdbx_isotropic_thermal_model             ? 
_refine.B_iso_min                                ? 
_refine.B_iso_max                                ? 
_refine.overall_SU_R_Cruickshank_DPI             ? 
_refine.overall_SU_R_free                        ? 
_refine.pdbx_data_cutoff_high_rms_absF           ? 
_refine.ls_wR_factor_R_free                      ? 
_refine.ls_wR_factor_R_work                      ? 
_refine.overall_FOM_free_R_set                   ? 
_refine.overall_FOM_work_R_set                   ? 
_refine.pdbx_refine_id                           'X-RAY DIFFRACTION' 
_refine.pdbx_diffrn_id                           1 
_refine.pdbx_TLS_residual_ADP_flag               ? 
_refine.pdbx_overall_phase_error                 ? 
_refine.pdbx_overall_SU_R_free_Cruickshank_DPI   ? 
_refine.pdbx_overall_SU_R_Blow_DPI               ? 
_refine.pdbx_overall_SU_R_free_Blow_DPI          ? 
# 
_refine_hist.pdbx_refine_id                   'X-RAY DIFFRACTION' 
_refine_hist.cycle_id                         LAST 
_refine_hist.pdbx_number_atoms_protein        1360 
_refine_hist.pdbx_number_atoms_nucleic_acid   0 
_refine_hist.pdbx_number_atoms_ligand         48 
_refine_hist.number_atoms_solvent             172 
_refine_hist.number_atoms_total               1580 
_refine_hist.d_res_high                       1.800 
_refine_hist.d_res_low                        40.760 
# 
loop_
_refine_ls_restr.type 
_refine_ls_restr.number 
_refine_ls_restr.dev_ideal 
_refine_ls_restr.dev_ideal_target 
_refine_ls_restr.weight 
_refine_ls_restr.pdbx_refine_id 
_refine_ls_restr.pdbx_restraint_function 
r_bond_refined_d         1440 0.006  0.022  ? 'X-RAY DIFFRACTION' ? 
r_angle_refined_deg      1968 1.003  2.000  ? 'X-RAY DIFFRACTION' ? 
r_dihedral_angle_1_deg   171  4.859  5.000  ? 'X-RAY DIFFRACTION' ? 
r_dihedral_angle_2_deg   65   33.842 24.000 ? 'X-RAY DIFFRACTION' ? 
r_dihedral_angle_3_deg   226  10.485 15.000 ? 'X-RAY DIFFRACTION' ? 
r_dihedral_angle_4_deg   11   12.229 15.000 ? 'X-RAY DIFFRACTION' ? 
r_chiral_restr           214  0.063  0.200  ? 'X-RAY DIFFRACTION' ? 
r_gen_planes_refined     1083 0.002  0.020  ? 'X-RAY DIFFRACTION' ? 
r_nbd_refined            653  0.176  0.200  ? 'X-RAY DIFFRACTION' ? 
r_nbtor_refined          989  0.295  0.200  ? 'X-RAY DIFFRACTION' ? 
r_xyhbond_nbd_refined    137  0.087  0.200  ? 'X-RAY DIFFRACTION' ? 
r_symmetry_vdw_refined   29   0.128  0.200  ? 'X-RAY DIFFRACTION' ? 
r_symmetry_hbond_refined 18   0.085  0.200  ? 'X-RAY DIFFRACTION' ? 
r_mcbond_it              889  0.411  1.500  ? 'X-RAY DIFFRACTION' ? 
r_mcangle_it             1384 0.753  2.000  ? 'X-RAY DIFFRACTION' ? 
r_scbond_it              644  1.044  3.000  ? 'X-RAY DIFFRACTION' ? 
r_scangle_it             584  1.804  4.500  ? 'X-RAY DIFFRACTION' ? 
# 
_refine_ls_shell.d_res_high                       1.800 
_refine_ls_shell.d_res_low                        1.847 
_refine_ls_shell.pdbx_total_number_of_bins_used   20 
_refine_ls_shell.percent_reflns_obs               100.000 
_refine_ls_shell.number_reflns_R_work             1611 
_refine_ls_shell.R_factor_all                     ? 
_refine_ls_shell.R_factor_R_work                  0.238 
_refine_ls_shell.R_factor_R_free                  0.285 
_refine_ls_shell.percent_reflns_R_free            ? 
_refine_ls_shell.number_reflns_R_free             93 
_refine_ls_shell.R_factor_R_free_error            ? 
_refine_ls_shell.number_reflns_all                ? 
_refine_ls_shell.number_reflns_obs                1704 
_refine_ls_shell.redundancy_reflns_obs            ? 
_refine_ls_shell.pdbx_refine_id                   'X-RAY DIFFRACTION' 
# 
_struct.entry_id                  2PRB 
_struct.title                     
;crystal structure of aminoglycoside acetyltransferase AAC(6')-Ib in complex whith coenzyme A
;
_struct.pdbx_model_details        ? 
_struct.pdbx_CASP_flag            ? 
_struct.pdbx_model_type_details   ? 
# 
_struct_keywords.entry_id        2PRB 
_struct_keywords.pdbx_keywords   TRANSFERASE 
_struct_keywords.text            'GNAT, aminoglycoside acetyltransferase, TRANSFERASE' 
# 
loop_
_struct_asym.id 
_struct_asym.pdbx_blank_PDB_chainid_flag 
_struct_asym.pdbx_modified 
_struct_asym.entity_id 
_struct_asym.details 
A N N 1 ? 
B N N 2 ? 
C N N 3 ? 
# 
_struct_biol.id        1 
_struct_biol.details   ? 
# 
loop_
_struct_conf.conf_type_id 
_struct_conf.id 
_struct_conf.pdbx_PDB_helix_id 
_struct_conf.beg_label_comp_id 
_struct_conf.beg_label_asym_id 
_struct_conf.beg_label_seq_id 
_struct_conf.pdbx_beg_PDB_ins_code 
_struct_conf.end_label_comp_id 
_struct_conf.end_label_asym_id 
_struct_conf.end_label_seq_id 
_struct_conf.pdbx_end_PDB_ins_code 
_struct_conf.beg_auth_comp_id 
_struct_conf.beg_auth_asym_id 
_struct_conf.beg_auth_seq_id 
_struct_conf.end_auth_comp_id 
_struct_conf.end_auth_asym_id 
_struct_conf.end_auth_seq_id 
_struct_conf.pdbx_PDB_helix_class 
_struct_conf.details 
_struct_conf.pdbx_PDB_helix_length 
HELX_P HELX_P1  1  THR A 19  ? HIS A 21  ? THR A 19  HIS A 21  5 ? 3  
HELX_P HELX_P2  2  ASP A 22  ? LEU A 30  ? ASP A 22  LEU A 30  1 ? 9  
HELX_P HELX_P3  3  ARG A 32  ? GLU A 37  ? ARG A 32  GLU A 37  1 ? 6  
HELX_P HELX_P4  4  THR A 47  ? TYR A 55  ? THR A 47  TYR A 55  1 ? 9  
HELX_P HELX_P5  5  LEU A 56  ? ALA A 61  ? LEU A 56  ALA A 61  1 ? 6  
HELX_P HELX_P6  6  LEU A 86  ? SER A 88  ? LEU A 86  SER A 88  5 ? 3  
HELX_P HELX_P7  7  ASN A 110 ? LEU A 114 ? ASN A 110 LEU A 114 5 ? 5  
HELX_P HELX_P8  8  GLY A 117 ? ASN A 132 ? GLY A 117 ASN A 132 1 ? 16 
HELX_P HELX_P9  9  ASN A 147 ? ALA A 157 ? ASN A 147 ALA A 157 1 ? 11 
HELX_P HELX_P10 10 ARG A 179 ? SER A 187 ? ARG A 179 SER A 187 1 ? 9  
# 
_struct_conf_type.id          HELX_P 
_struct_conf_type.criteria    ? 
_struct_conf_type.reference   ? 
# 
_struct_sheet.id               A 
_struct_sheet.type             ? 
_struct_sheet.number_strands   7 
_struct_sheet.details          ? 
# 
loop_
_struct_sheet_order.sheet_id 
_struct_sheet_order.range_id_1 
_struct_sheet_order.range_id_2 
_struct_sheet_order.offset 
_struct_sheet_order.sense 
A 1 2 ? anti-parallel 
A 2 3 ? anti-parallel 
A 3 4 ? anti-parallel 
A 4 5 ? parallel      
A 5 6 ? anti-parallel 
A 6 7 ? anti-parallel 
# 
loop_
_struct_sheet_range.sheet_id 
_struct_sheet_range.id 
_struct_sheet_range.beg_label_comp_id 
_struct_sheet_range.beg_label_asym_id 
_struct_sheet_range.beg_label_seq_id 
_struct_sheet_range.pdbx_beg_PDB_ins_code 
_struct_sheet_range.end_label_comp_id 
_struct_sheet_range.end_label_asym_id 
_struct_sheet_range.end_label_seq_id 
_struct_sheet_range.pdbx_end_PDB_ins_code 
_struct_sheet_range.beg_auth_comp_id 
_struct_sheet_range.beg_auth_asym_id 
_struct_sheet_range.beg_auth_seq_id 
_struct_sheet_range.end_auth_comp_id 
_struct_sheet_range.end_auth_asym_id 
_struct_sheet_range.end_auth_seq_id 
A 1 VAL A 13  ? LEU A 17  ? VAL A 13  LEU A 17  
A 2 VAL A 65  ? LEU A 72  ? VAL A 65  LEU A 72  
A 3 GLU A 75  ? VAL A 84  ? GLU A 75  VAL A 84  
A 4 VAL A 101 ? LEU A 108 ? VAL A 101 LEU A 108 
A 5 LYS A 138 ? THR A 141 ? LYS A 138 THR A 141 
A 6 GLY A 170 ? THR A 178 ? GLY A 170 THR A 178 
A 7 GLU A 160 ? THR A 167 ? GLU A 160 THR A 167 
# 
loop_
_pdbx_struct_sheet_hbond.sheet_id 
_pdbx_struct_sheet_hbond.range_id_1 
_pdbx_struct_sheet_hbond.range_id_2 
_pdbx_struct_sheet_hbond.range_1_label_atom_id 
_pdbx_struct_sheet_hbond.range_1_label_comp_id 
_pdbx_struct_sheet_hbond.range_1_label_asym_id 
_pdbx_struct_sheet_hbond.range_1_label_seq_id 
_pdbx_struct_sheet_hbond.range_1_PDB_ins_code 
_pdbx_struct_sheet_hbond.range_1_auth_atom_id 
_pdbx_struct_sheet_hbond.range_1_auth_comp_id 
_pdbx_struct_sheet_hbond.range_1_auth_asym_id 
_pdbx_struct_sheet_hbond.range_1_auth_seq_id 
_pdbx_struct_sheet_hbond.range_2_label_atom_id 
_pdbx_struct_sheet_hbond.range_2_label_comp_id 
_pdbx_struct_sheet_hbond.range_2_label_asym_id 
_pdbx_struct_sheet_hbond.range_2_label_seq_id 
_pdbx_struct_sheet_hbond.range_2_PDB_ins_code 
_pdbx_struct_sheet_hbond.range_2_auth_atom_id 
_pdbx_struct_sheet_hbond.range_2_auth_comp_id 
_pdbx_struct_sheet_hbond.range_2_auth_asym_id 
_pdbx_struct_sheet_hbond.range_2_auth_seq_id 
A 1 2 N THR A 14  ? N THR A 14  O MET A 71  ? O MET A 71  
A 2 3 N THR A 66  ? N THR A 66  O SER A 82  ? O SER A 82  
A 3 4 N GLN A 81  ? N GLN A 81  O ASP A 105 ? O ASP A 105 
A 4 5 N ARG A 102 ? N ARG A 102 O GLN A 140 ? O GLN A 140 
A 5 6 N ILE A 139 ? N ILE A 139 O GLN A 177 ? O GLN A 177 
A 6 7 O TYR A 174 ? O TYR A 174 N GLN A 162 ? N GLN A 162 
# 
_struct_site.id                   AC1 
_struct_site.pdbx_evidence_code   Software 
_struct_site.pdbx_auth_asym_id    A 
_struct_site.pdbx_auth_comp_id    COA 
_struct_site.pdbx_auth_seq_id     501 
_struct_site.pdbx_auth_ins_code   ? 
_struct_site.pdbx_num_residues    19 
_struct_site.details              'BINDING SITE FOR RESIDUE COA A 501' 
# 
loop_
_struct_site_gen.id 
_struct_site_gen.site_id 
_struct_site_gen.pdbx_num_res 
_struct_site_gen.label_comp_id 
_struct_site_gen.label_asym_id 
_struct_site_gen.label_seq_id 
_struct_site_gen.pdbx_auth_ins_code 
_struct_site_gen.auth_comp_id 
_struct_site_gen.auth_asym_id 
_struct_site_gen.auth_seq_id 
_struct_site_gen.label_atom_id 
_struct_site_gen.label_alt_id 
_struct_site_gen.symmetry 
_struct_site_gen.details 
1  AC1 19 TRP A 38  ? TRP A 38  . ? 1_555 ? 
2  AC1 19 GLN A 106 ? GLN A 106 . ? 1_555 ? 
3  AC1 19 LEU A 107 ? LEU A 107 . ? 1_555 ? 
4  AC1 19 LEU A 108 ? LEU A 108 . ? 1_555 ? 
5  AC1 19 GLY A 115 ? GLY A 115 . ? 1_555 ? 
6  AC1 19 LYS A 116 ? LYS A 116 . ? 1_555 ? 
7  AC1 19 GLY A 117 ? GLY A 117 . ? 1_555 ? 
8  AC1 19 LEU A 118 ? LEU A 118 . ? 1_555 ? 
9  AC1 19 GLY A 119 ? GLY A 119 . ? 1_555 ? 
10 AC1 19 THR A 120 ? THR A 120 . ? 1_555 ? 
11 AC1 19 ASN A 147 ? ASN A 147 . ? 1_555 ? 
12 AC1 19 LEU A 148 ? LEU A 148 . ? 1_555 ? 
13 AC1 19 ARG A 149 ? ARG A 149 . ? 1_555 ? 
14 AC1 19 ARG A 152 ? ARG A 152 . ? 1_555 ? 
15 AC1 19 LYS A 156 ? LYS A 156 . ? 1_555 ? 
16 AC1 19 HOH C .   ? HOH A 542 . ? 1_555 ? 
17 AC1 19 HOH C .   ? HOH A 570 . ? 1_555 ? 
18 AC1 19 HOH C .   ? HOH A 657 . ? 1_555 ? 
19 AC1 19 HOH C .   ? HOH A 658 . ? 1_555 ? 
# 
_atom_sites.entry_id                    2PRB 
_atom_sites.fract_transf_matrix[1][1]   -0.01115505 
_atom_sites.fract_transf_matrix[1][2]   -0.00229877 
_atom_sites.fract_transf_matrix[1][3]   -0.01309490 
_atom_sites.fract_transf_matrix[2][1]   0.01284170 
_atom_sites.fract_transf_matrix[2][2]   -0.00628916 
_atom_sites.fract_transf_matrix[2][3]   -0.00983531 
_atom_sites.fract_transf_matrix[3][1]   -0.00135245 
_atom_sites.fract_transf_matrix[3][2]   -0.00629008 
_atom_sites.fract_transf_matrix[3][3]   0.00225631 
_atom_sites.fract_transf_vector[1]      -0.125532 
_atom_sites.fract_transf_vector[2]      0.288947 
_atom_sites.fract_transf_vector[3]      -0.124788 
# 
loop_
_atom_type.symbol 
C 
N 
O 
P 
S 
# 
loop_
_atom_site.group_PDB 
_atom_site.id 
_atom_site.type_symbol 
_atom_site.label_atom_id 
_atom_site.label_alt_id 
_atom_site.label_comp_id 
_atom_site.label_asym_id 
_atom_site.label_entity_id 
_atom_site.label_seq_id 
_atom_site.pdbx_PDB_ins_code 
_atom_site.Cartn_x 
_atom_site.Cartn_y 
_atom_site.Cartn_z 
_atom_site.occupancy 
_atom_site.B_iso_or_equiv 
_atom_site.pdbx_formal_charge 
_atom_site.auth_seq_id 
_atom_site.auth_comp_id 
_atom_site.auth_asym_id 
_atom_site.auth_atom_id 
_atom_site.pdbx_PDB_model_num 
ATOM   1    N N   . SER A 1 12  ? -9.677  -13.511 -9.402  1.00 22.73 ? 12  SER A N   1 
ATOM   2    C CA  . SER A 1 12  ? -8.477  -13.358 -8.531  1.00 22.64 ? 12  SER A CA  1 
ATOM   3    C C   . SER A 1 12  ? -7.663  -12.122 -8.905  1.00 22.30 ? 12  SER A C   1 
ATOM   4    O O   . SER A 1 12  ? -7.508  -11.800 -10.088 1.00 22.33 ? 12  SER A O   1 
ATOM   5    C CB  . SER A 1 12  ? -7.597  -14.607 -8.600  1.00 22.93 ? 12  SER A CB  1 
ATOM   6    O OG  . SER A 1 12  ? -7.028  -14.761 -9.888  1.00 23.81 ? 12  SER A OG  1 
ATOM   7    N N   . VAL A 1 13  ? -7.140  -11.446 -7.887  1.00 21.70 ? 13  VAL A N   1 
ATOM   8    C CA  . VAL A 1 13  ? -6.338  -10.243 -8.083  1.00 21.02 ? 13  VAL A CA  1 
ATOM   9    C C   . VAL A 1 13  ? -4.855  -10.593 -8.005  1.00 20.61 ? 13  VAL A C   1 
ATOM   10   O O   . VAL A 1 13  ? -4.409  -11.235 -7.051  1.00 20.49 ? 13  VAL A O   1 
ATOM   11   C CB  . VAL A 1 13  ? -6.694  -9.140  -7.051  1.00 21.08 ? 13  VAL A CB  1 
ATOM   12   C CG1 . VAL A 1 13  ? -5.850  -7.885  -7.276  1.00 20.89 ? 13  VAL A CG1 1 
ATOM   13   C CG2 . VAL A 1 13  ? -8.180  -8.794  -7.126  1.00 20.95 ? 13  VAL A CG2 1 
ATOM   14   N N   . THR A 1 14  ? -4.107  -10.183 -9.027  1.00 20.01 ? 14  THR A N   1 
ATOM   15   C CA  . THR A 1 14  ? -2.661  -10.374 -9.064  1.00 19.56 ? 14  THR A CA  1 
ATOM   16   C C   . THR A 1 14  ? -1.941  -9.029  -9.096  1.00 19.11 ? 14  THR A C   1 
ATOM   17   O O   . THR A 1 14  ? -2.557  -7.988  -9.342  1.00 18.96 ? 14  THR A O   1 
ATOM   18   C CB  . THR A 1 14  ? -2.216  -11.217 -10.280 1.00 19.62 ? 14  THR A CB  1 
ATOM   19   O OG1 . THR A 1 14  ? -2.692  -10.611 -11.486 1.00 19.94 ? 14  THR A OG1 1 
ATOM   20   C CG2 . THR A 1 14  ? -2.751  -12.643 -10.180 1.00 19.85 ? 14  THR A CG2 1 
ATOM   21   N N   . LEU A 1 15  ? -0.636  -9.061  -8.849  1.00 18.52 ? 15  LEU A N   1 
ATOM   22   C CA  . LEU A 1 15  ? 0.175   -7.851  -8.849  1.00 17.93 ? 15  LEU A CA  1 
ATOM   23   C C   . LEU A 1 15  ? 1.342   -7.958  -9.816  1.00 17.52 ? 15  LEU A C   1 
ATOM   24   O O   . LEU A 1 15  ? 2.018   -8.989  -9.882  1.00 17.59 ? 15  LEU A O   1 
ATOM   25   C CB  . LEU A 1 15  ? 0.701   -7.560  -7.444  1.00 18.01 ? 15  LEU A CB  1 
ATOM   26   C CG  . LEU A 1 15  ? -0.316  -7.265  -6.341  1.00 18.28 ? 15  LEU A CG  1 
ATOM   27   C CD1 . LEU A 1 15  ? 0.322   -7.551  -5.008  1.00 18.59 ? 15  LEU A CD1 1 
ATOM   28   C CD2 . LEU A 1 15  ? -0.826  -5.831  -6.408  1.00 18.39 ? 15  LEU A CD2 1 
ATOM   29   N N   . ARG A 1 16  ? 1.562   -6.884  -10.567 1.00 16.65 ? 16  ARG A N   1 
ATOM   30   C CA  . ARG A 1 16  ? 2.736   -6.748  -11.416 1.00 16.03 ? 16  ARG A CA  1 
ATOM   31   C C   . ARG A 1 16  ? 3.462   -5.458  -11.055 1.00 15.72 ? 16  ARG A C   1 
ATOM   32   O O   . ARG A 1 16  ? 2.855   -4.528  -10.515 1.00 15.20 ? 16  ARG A O   1 
ATOM   33   C CB  . ARG A 1 16  ? 2.347   -6.749  -12.900 1.00 15.97 ? 16  ARG A CB  1 
ATOM   34   C CG  . ARG A 1 16  ? 1.491   -5.563  -13.343 1.00 15.64 ? 16  ARG A CG  1 
ATOM   35   C CD  . ARG A 1 16  ? 1.433   -5.472  -14.858 1.00 15.23 ? 16  ARG A CD  1 
ATOM   36   N NE  . ARG A 1 16  ? 0.530   -4.422  -15.329 1.00 14.49 ? 16  ARG A NE  1 
ATOM   37   C CZ  . ARG A 1 16  ? 0.868   -3.144  -15.482 1.00 14.14 ? 16  ARG A CZ  1 
ATOM   38   N NH1 . ARG A 1 16  ? -0.029  -2.274  -15.928 1.00 14.16 ? 16  ARG A NH1 1 
ATOM   39   N NH2 . ARG A 1 16  ? 2.093   -2.729  -15.186 1.00 13.43 ? 16  ARG A NH2 1 
ATOM   40   N N   . LEU A 1 17  ? 4.759   -5.402  -11.346 1.00 15.30 ? 17  LEU A N   1 
ATOM   41   C CA  . LEU A 1 17  ? 5.516   -4.170  -11.153 1.00 15.16 ? 17  LEU A CA  1 
ATOM   42   C C   . LEU A 1 17  ? 4.939   -3.073  -12.031 1.00 14.98 ? 17  LEU A C   1 
ATOM   43   O O   . LEU A 1 17  ? 4.583   -3.318  -13.188 1.00 15.04 ? 17  LEU A O   1 
ATOM   44   C CB  . LEU A 1 17  ? 6.991   -4.368  -11.507 1.00 15.40 ? 17  LEU A CB  1 
ATOM   45   C CG  . LEU A 1 17  ? 7.863   -5.262  -10.627 1.00 15.76 ? 17  LEU A CG  1 
ATOM   46   C CD1 . LEU A 1 17  ? 9.182   -5.531  -11.345 1.00 16.97 ? 17  LEU A CD1 1 
ATOM   47   C CD2 . LEU A 1 17  ? 8.099   -4.639  -9.253  1.00 16.40 ? 17  LEU A CD2 1 
ATOM   48   N N   . MET A 1 18  ? 4.828   -1.869  -11.476 1.00 14.63 ? 18  MET A N   1 
ATOM   49   C CA  . MET A 1 18  ? 4.475   -0.711  -12.281 1.00 14.44 ? 18  MET A CA  1 
ATOM   50   C C   . MET A 1 18  ? 5.688   -0.279  -13.104 1.00 14.83 ? 18  MET A C   1 
ATOM   51   O O   . MET A 1 18  ? 6.828   -0.381  -12.644 1.00 14.58 ? 18  MET A O   1 
ATOM   52   C CB  . MET A 1 18  ? 3.985   0.444   -11.408 1.00 14.42 ? 18  MET A CB  1 
ATOM   53   C CG  . MET A 1 18  ? 3.291   1.536   -12.208 1.00 13.81 ? 18  MET A CG  1 
ATOM   54   S SD  . MET A 1 18  ? 2.780   2.979   -11.266 1.00 13.73 ? 18  MET A SD  1 
ATOM   55   C CE  . MET A 1 18  ? 4.358   3.786   -11.027 1.00 13.62 ? 18  MET A CE  1 
ATOM   56   N N   . THR A 1 19  ? 5.425   0.186   -14.323 1.00 15.41 ? 19  THR A N   1 
ATOM   57   C CA  . THR A 1 19  ? 6.463   0.710   -15.211 1.00 15.99 ? 19  THR A CA  1 
ATOM   58   C C   . THR A 1 19  ? 6.203   2.186   -15.516 1.00 16.31 ? 19  THR A C   1 
ATOM   59   O O   . THR A 1 19  ? 5.140   2.719   -15.183 1.00 16.00 ? 19  THR A O   1 
ATOM   60   C CB  . THR A 1 19  ? 6.524   -0.075  -16.548 1.00 16.03 ? 19  THR A CB  1 
ATOM   61   O OG1 . THR A 1 19  ? 5.392   0.261   -17.360 1.00 16.23 ? 19  THR A OG1 1 
ATOM   62   C CG2 . THR A 1 19  ? 6.542   -1.581  -16.303 1.00 16.14 ? 19  THR A CG2 1 
ATOM   63   N N   . GLU A 1 20  ? 7.174   2.835   -16.162 1.00 16.83 ? 20  GLU A N   1 
ATOM   64   C CA  . GLU A 1 20  ? 7.028   4.220   -16.618 1.00 17.65 ? 20  GLU A CA  1 
ATOM   65   C C   . GLU A 1 20  ? 5.803   4.399   -17.523 1.00 17.29 ? 20  GLU A C   1 
ATOM   66   O O   . GLU A 1 20  ? 5.173   5.459   -17.523 1.00 17.42 ? 20  GLU A O   1 
ATOM   67   C CB  . GLU A 1 20  ? 8.299   4.686   -17.339 1.00 17.66 ? 20  GLU A CB  1 
ATOM   68   C CG  . GLU A 1 20  ? 8.314   6.183   -17.661 1.00 18.94 ? 20  GLU A CG  1 
ATOM   69   C CD  . GLU A 1 20  ? 9.608   6.662   -18.299 1.00 19.35 ? 20  GLU A CD  1 
ATOM   70   O OE1 . GLU A 1 20  ? 10.568  5.867   -18.424 1.00 21.72 ? 20  GLU A OE1 1 
ATOM   71   O OE2 . GLU A 1 20  ? 9.661   7.852   -18.677 1.00 22.09 ? 20  GLU A OE2 1 
ATOM   72   N N   . HIS A 1 21  ? 5.465   3.352   -18.273 1.00 17.13 ? 21  HIS A N   1 
ATOM   73   C CA  . HIS A 1 21  ? 4.325   3.371   -19.194 1.00 17.13 ? 21  HIS A CA  1 
ATOM   74   C C   . HIS A 1 21  ? 2.957   3.438   -18.502 1.00 16.51 ? 21  HIS A C   1 
ATOM   75   O O   . HIS A 1 21  ? 1.944   3.701   -19.156 1.00 16.30 ? 21  HIS A O   1 
ATOM   76   C CB  . HIS A 1 21  ? 4.380   2.157   -20.125 1.00 17.63 ? 21  HIS A CB  1 
ATOM   77   C CG  . HIS A 1 21  ? 5.642   2.074   -20.926 1.00 19.39 ? 21  HIS A CG  1 
ATOM   78   N ND1 . HIS A 1 21  ? 6.682   1.235   -20.589 1.00 21.18 ? 21  HIS A ND1 1 
ATOM   79   C CD2 . HIS A 1 21  ? 6.038   2.738   -22.037 1.00 21.14 ? 21  HIS A CD2 1 
ATOM   80   C CE1 . HIS A 1 21  ? 7.661   1.377   -21.464 1.00 21.62 ? 21  HIS A CE1 1 
ATOM   81   N NE2 . HIS A 1 21  ? 7.296   2.284   -22.353 1.00 21.80 ? 21  HIS A NE2 1 
ATOM   82   N N   . ASP A 1 22  ? 2.935   3.198   -17.191 1.00 15.68 ? 22  ASP A N   1 
ATOM   83   C CA  . ASP A 1 22  ? 1.694   3.229   -16.410 1.00 15.11 ? 22  ASP A CA  1 
ATOM   84   C C   . ASP A 1 22  ? 1.403   4.597   -15.791 1.00 14.65 ? 22  ASP A C   1 
ATOM   85   O O   . ASP A 1 22  ? 0.314   4.816   -15.259 1.00 14.55 ? 22  ASP A O   1 
ATOM   86   C CB  . ASP A 1 22  ? 1.735   2.185   -15.289 1.00 15.00 ? 22  ASP A CB  1 
ATOM   87   C CG  . ASP A 1 22  ? 1.811   0.760   -15.807 1.00 15.28 ? 22  ASP A CG  1 
ATOM   88   O OD1 . ASP A 1 22  ? 0.995   0.388   -16.679 1.00 15.41 ? 22  ASP A OD1 1 
ATOM   89   O OD2 . ASP A 1 22  ? 2.681   0.008   -15.320 1.00 14.90 ? 22  ASP A OD2 1 
ATOM   90   N N   . LEU A 1 23  ? 2.372   5.507   -15.867 1.00 14.23 ? 23  LEU A N   1 
ATOM   91   C CA  . LEU A 1 23  ? 2.294   6.794   -15.161 1.00 13.98 ? 23  LEU A CA  1 
ATOM   92   C C   . LEU A 1 23  ? 1.118   7.693   -15.569 1.00 13.87 ? 23  LEU A C   1 
ATOM   93   O O   . LEU A 1 23  ? 0.494   8.315   -14.711 1.00 13.31 ? 23  LEU A O   1 
ATOM   94   C CB  . LEU A 1 23  ? 3.623   7.554   -15.257 1.00 13.96 ? 23  LEU A CB  1 
ATOM   95   C CG  . LEU A 1 23  ? 4.806   6.974   -14.469 1.00 14.04 ? 23  LEU A CG  1 
ATOM   96   C CD1 . LEU A 1 23  ? 6.101   7.658   -14.867 1.00 13.72 ? 23  LEU A CD1 1 
ATOM   97   C CD2 . LEU A 1 23  ? 4.581   7.078   -12.959 1.00 14.46 ? 23  LEU A CD2 1 
ATOM   98   N N   . ALA A 1 24  ? 0.822   7.757   -16.868 1.00 13.98 ? 24  ALA A N   1 
ATOM   99   C CA  . ALA A 1 24  ? -0.319  8.544   -17.360 1.00 14.05 ? 24  ALA A CA  1 
ATOM   100  C C   . ALA A 1 24  ? -1.652  7.997   -16.843 1.00 13.99 ? 24  ALA A C   1 
ATOM   101  O O   . ALA A 1 24  ? -2.553  8.763   -16.478 1.00 13.74 ? 24  ALA A O   1 
ATOM   102  C CB  . ALA A 1 24  ? -0.318  8.607   -18.888 1.00 14.33 ? 24  ALA A CB  1 
ATOM   103  N N   . MET A 1 25  ? -1.764  6.670   -16.817 1.00 13.75 ? 25  MET A N   1 
ATOM   104  C CA  . MET A 1 25  ? -2.922  5.989   -16.245 1.00 13.99 ? 25  MET A CA  1 
ATOM   105  C C   . MET A 1 25  ? -3.047  6.280   -14.746 1.00 13.21 ? 25  MET A C   1 
ATOM   106  O O   . MET A 1 25  ? -4.135  6.601   -14.257 1.00 13.08 ? 25  MET A O   1 
ATOM   107  C CB  . MET A 1 25  ? -2.821  4.482   -16.501 1.00 13.94 ? 25  MET A CB  1 
ATOM   108  C CG  . MET A 1 25  ? -3.932  3.651   -15.870 1.00 14.51 ? 25  MET A CG  1 
ATOM   109  S SD  . MET A 1 25  ? -3.766  1.882   -16.181 1.00 15.90 ? 25  MET A SD  1 
ATOM   110  C CE  . MET A 1 25  ? -2.316  1.464   -15.216 1.00 15.58 ? 25  MET A CE  1 
ATOM   111  N N   . LEU A 1 26  ? -1.931  6.178   -14.027 1.00 12.55 ? 26  LEU A N   1 
ATOM   112  C CA  . LEU A 1 26  ? -1.910  6.456   -12.586 1.00 11.94 ? 26  LEU A CA  1 
ATOM   113  C C   . LEU A 1 26  ? -2.295  7.903   -12.294 1.00 11.58 ? 26  LEU A C   1 
ATOM   114  O O   . LEU A 1 26  ? -3.005  8.185   -11.323 1.00 11.27 ? 26  LEU A O   1 
ATOM   115  C CB  . LEU A 1 26  ? -0.534  6.138   -11.986 1.00 11.88 ? 26  LEU A CB  1 
ATOM   116  C CG  . LEU A 1 26  ? -0.348  6.401   -10.483 1.00 11.83 ? 26  LEU A CG  1 
ATOM   117  C CD1 . LEU A 1 26  ? -1.272  5.521   -9.639  1.00 11.93 ? 26  LEU A CD1 1 
ATOM   118  C CD2 . LEU A 1 26  ? 1.098   6.214   -10.065 1.00 11.92 ? 26  LEU A CD2 1 
ATOM   119  N N   . TYR A 1 27  ? -1.822  8.812   -13.141 1.00 11.19 ? 27  TYR A N   1 
ATOM   120  C CA  . TYR A 1 27  ? -2.180  10.222  -13.051 1.00 11.31 ? 27  TYR A CA  1 
ATOM   121  C C   . TYR A 1 27  ? -3.701  10.417  -13.079 1.00 11.38 ? 27  TYR A C   1 
ATOM   122  O O   . TYR A 1 27  ? -4.253  11.133  -12.240 1.00 11.38 ? 27  TYR A O   1 
ATOM   123  C CB  . TYR A 1 27  ? -1.478  11.014  -14.164 1.00 11.36 ? 27  TYR A CB  1 
ATOM   124  C CG  . TYR A 1 27  ? -2.145  12.316  -14.548 1.00 11.11 ? 27  TYR A CG  1 
ATOM   125  C CD1 . TYR A 1 27  ? -2.203  13.384  -13.654 1.00 10.81 ? 27  TYR A CD1 1 
ATOM   126  C CD2 . TYR A 1 27  ? -2.706  12.481  -15.814 1.00 10.92 ? 27  TYR A CD2 1 
ATOM   127  C CE1 . TYR A 1 27  ? -2.815  14.584  -14.006 1.00 11.35 ? 27  TYR A CE1 1 
ATOM   128  C CE2 . TYR A 1 27  ? -3.320  13.680  -16.177 1.00 10.61 ? 27  TYR A CE2 1 
ATOM   129  C CZ  . TYR A 1 27  ? -3.367  14.724  -15.271 1.00 11.36 ? 27  TYR A CZ  1 
ATOM   130  O OH  . TYR A 1 27  ? -3.965  15.909  -15.623 1.00 11.61 ? 27  TYR A OH  1 
ATOM   131  N N   . GLU A 1 28  ? -4.377  9.763   -14.023 1.00 11.48 ? 28  GLU A N   1 
ATOM   132  C CA  . GLU A 1 28  ? -5.837  9.841   -14.093 1.00 11.67 ? 28  GLU A CA  1 
ATOM   133  C C   . GLU A 1 28  ? -6.491  9.326   -12.810 1.00 11.39 ? 28  GLU A C   1 
ATOM   134  O O   . GLU A 1 28  ? -7.398  9.964   -12.265 1.00 11.30 ? 28  GLU A O   1 
ATOM   135  C CB  . GLU A 1 28  ? -6.378  9.077   -15.302 1.00 12.07 ? 28  GLU A CB  1 
ATOM   136  C CG  . GLU A 1 28  ? -7.871  9.303   -15.528 1.00 13.09 ? 28  GLU A CG  1 
ATOM   137  C CD  . GLU A 1 28  ? -8.499  8.310   -16.486 1.00 15.40 ? 28  GLU A CD  1 
ATOM   138  O OE1 . GLU A 1 28  ? -7.759  7.579   -17.184 1.00 16.95 ? 28  GLU A OE1 1 
ATOM   139  O OE2 . GLU A 1 28  ? -9.744  8.266   -16.538 1.00 16.72 ? 28  GLU A OE2 1 
ATOM   140  N N   . TRP A 1 29  ? -6.022  8.175   -12.331 1.00 11.31 ? 29  TRP A N   1 
ATOM   141  C CA  . TRP A 1 29  ? -6.559  7.561   -11.117 1.00 11.29 ? 29  TRP A CA  1 
ATOM   142  C C   . TRP A 1 29  ? -6.427  8.477   -9.901  1.00 11.29 ? 29  TRP A C   1 
ATOM   143  O O   . TRP A 1 29  ? -7.370  8.622   -9.119  1.00 11.05 ? 29  TRP A O   1 
ATOM   144  C CB  . TRP A 1 29  ? -5.845  6.241   -10.819 1.00 11.35 ? 29  TRP A CB  1 
ATOM   145  C CG  . TRP A 1 29  ? -6.080  5.132   -11.805 1.00 11.57 ? 29  TRP A CG  1 
ATOM   146  C CD1 . TRP A 1 29  ? -6.961  5.117   -12.856 1.00 11.53 ? 29  TRP A CD1 1 
ATOM   147  C CD2 . TRP A 1 29  ? -5.442  3.853   -11.798 1.00 11.77 ? 29  TRP A CD2 1 
ATOM   148  N NE1 . TRP A 1 29  ? -6.890  3.910   -13.513 1.00 11.68 ? 29  TRP A NE1 1 
ATOM   149  C CE2 . TRP A 1 29  ? -5.967  3.115   -12.883 1.00 11.42 ? 29  TRP A CE2 1 
ATOM   150  C CE3 . TRP A 1 29  ? -4.468  3.258   -10.981 1.00 11.78 ? 29  TRP A CE3 1 
ATOM   151  C CZ2 . TRP A 1 29  ? -5.554  1.805   -13.170 1.00 11.88 ? 29  TRP A CZ2 1 
ATOM   152  C CZ3 . TRP A 1 29  ? -4.056  1.957   -11.271 1.00 11.83 ? 29  TRP A CZ3 1 
ATOM   153  C CH2 . TRP A 1 29  ? -4.601  1.248   -12.356 1.00 11.58 ? 29  TRP A CH2 1 
ATOM   154  N N   . LEU A 1 30  ? -5.257  9.095   -9.755  1.00 11.16 ? 30  LEU A N   1 
ATOM   155  C CA  . LEU A 1 30  ? -4.955  9.928   -8.593  1.00 11.30 ? 30  LEU A CA  1 
ATOM   156  C C   . LEU A 1 30  ? -5.756  11.235  -8.541  1.00 11.56 ? 30  LEU A C   1 
ATOM   157  O O   . LEU A 1 30  ? -5.706  11.957  -7.545  1.00 11.93 ? 30  LEU A O   1 
ATOM   158  C CB  . LEU A 1 30  ? -3.450  10.210  -8.502  1.00 11.19 ? 30  LEU A CB  1 
ATOM   159  C CG  . LEU A 1 30  ? -2.532  9.022   -8.193  1.00 10.86 ? 30  LEU A CG  1 
ATOM   160  C CD1 . LEU A 1 30  ? -1.080  9.463   -8.234  1.00 10.88 ? 30  LEU A CD1 1 
ATOM   161  C CD2 . LEU A 1 30  ? -2.866  8.378   -6.844  1.00 11.13 ? 30  LEU A CD2 1 
ATOM   162  N N   . ASN A 1 31  ? -6.492  11.522  -9.612  1.00 11.81 ? 31  ASN A N   1 
ATOM   163  C CA  . ASN A 1 31  ? -7.364  12.693  -9.666  1.00 12.08 ? 31  ASN A CA  1 
ATOM   164  C C   . ASN A 1 31  ? -8.856  12.350  -9.614  1.00 12.45 ? 31  ASN A C   1 
ATOM   165  O O   . ASN A 1 31  ? -9.712  13.231  -9.748  1.00 12.64 ? 31  ASN A O   1 
ATOM   166  C CB  . ASN A 1 31  ? -7.033  13.552  -10.889 1.00 12.14 ? 31  ASN A CB  1 
ATOM   167  C CG  . ASN A 1 31  ? -5.742  14.320  -10.722 1.00 11.97 ? 31  ASN A CG  1 
ATOM   168  O OD1 . ASN A 1 31  ? -4.690  13.909  -11.219 1.00 12.61 ? 31  ASN A OD1 1 
ATOM   169  N ND2 . ASN A 1 31  ? -5.805  15.432  -10.001 1.00 10.92 ? 31  ASN A ND2 1 
ATOM   170  N N   . ARG A 1 32  ? -9.162  11.071  -9.407  1.00 12.67 ? 32  ARG A N   1 
ATOM   171  C CA  . ARG A 1 32  ? -10.544 10.634  -9.208  1.00 12.99 ? 32  ARG A CA  1 
ATOM   172  C C   . ARG A 1 32  ? -10.970 10.935  -7.774  1.00 13.12 ? 32  ARG A C   1 
ATOM   173  O O   . ARG A 1 32  ? -10.202 10.716  -6.834  1.00 12.83 ? 32  ARG A O   1 
ATOM   174  C CB  . ARG A 1 32  ? -10.709 9.148   -9.543  1.00 12.90 ? 32  ARG A CB  1 
ATOM   175  C CG  . ARG A 1 32  ? -10.487 8.849   -11.024 1.00 12.89 ? 32  ARG A CG  1 
ATOM   176  C CD  . ARG A 1 32  ? -10.719 7.391   -11.392 1.00 13.33 ? 32  ARG A CD  1 
ATOM   177  N NE  . ARG A 1 32  ? -10.581 7.204   -12.838 1.00 14.59 ? 32  ARG A NE  1 
ATOM   178  C CZ  . ARG A 1 32  ? -10.538 6.029   -13.460 1.00 15.12 ? 32  ARG A CZ  1 
ATOM   179  N NH1 . ARG A 1 32  ? -10.614 4.893   -12.778 1.00 15.72 ? 32  ARG A NH1 1 
ATOM   180  N NH2 . ARG A 1 32  ? -10.410 5.993   -14.781 1.00 15.22 ? 32  ARG A NH2 1 
ATOM   181  N N   . SER A 1 33  ? -12.191 11.443  -7.618  1.00 13.48 ? 33  SER A N   1 
ATOM   182  C CA  . SER A 1 33  ? -12.663 11.945  -6.325  1.00 14.14 ? 33  SER A CA  1 
ATOM   183  C C   . SER A 1 33  ? -12.539 10.941  -5.172  1.00 13.96 ? 33  SER A C   1 
ATOM   184  O O   . SER A 1 33  ? -12.176 11.324  -4.060  1.00 13.90 ? 33  SER A O   1 
ATOM   185  C CB  . SER A 1 33  ? -14.096 12.482  -6.431  1.00 14.43 ? 33  SER A CB  1 
ATOM   186  O OG  . SER A 1 33  ? -15.007 11.456  -6.772  1.00 16.86 ? 33  SER A OG  1 
ATOM   187  N N   . HIS A 1 34  ? -12.825 9.668   -5.441  1.00 13.99 ? 34  HIS A N   1 
ATOM   188  C CA  . HIS A 1 34  ? -12.776 8.641   -4.395  1.00 14.10 ? 34  HIS A CA  1 
ATOM   189  C C   . HIS A 1 34  ? -11.346 8.369   -3.914  1.00 14.32 ? 34  HIS A C   1 
ATOM   190  O O   . HIS A 1 34  ? -11.139 7.921   -2.783  1.00 14.44 ? 34  HIS A O   1 
ATOM   191  C CB  . HIS A 1 34  ? -13.490 7.351   -4.831  1.00 14.09 ? 34  HIS A CB  1 
ATOM   192  C CG  . HIS A 1 34  ? -12.786 6.594   -5.915  1.00 13.94 ? 34  HIS A CG  1 
ATOM   193  N ND1 . HIS A 1 34  ? -12.025 5.472   -5.664  1.00 14.13 ? 34  HIS A ND1 1 
ATOM   194  C CD2 . HIS A 1 34  ? -12.735 6.792   -7.253  1.00 13.01 ? 34  HIS A CD2 1 
ATOM   195  C CE1 . HIS A 1 34  ? -11.542 5.008   -6.803  1.00 13.73 ? 34  HIS A CE1 1 
ATOM   196  N NE2 . HIS A 1 34  ? -11.952 5.795   -7.781  1.00 14.32 ? 34  HIS A NE2 1 
ATOM   197  N N   . ILE A 1 35  ? -10.373 8.660   -4.777  1.00 14.36 ? 35  ILE A N   1 
ATOM   198  C CA  . ILE A 1 35  ? -8.952  8.533   -4.442  1.00 14.57 ? 35  ILE A CA  1 
ATOM   199  C C   . ILE A 1 35  ? -8.446  9.800   -3.750  1.00 14.75 ? 35  ILE A C   1 
ATOM   200  O O   . ILE A 1 35  ? -7.769  9.728   -2.721  1.00 14.76 ? 35  ILE A O   1 
ATOM   201  C CB  . ILE A 1 35  ? -8.094  8.204   -5.705  1.00 14.48 ? 35  ILE A CB  1 
ATOM   202  C CG1 . ILE A 1 35  ? -8.516  6.864   -6.323  1.00 14.66 ? 35  ILE A CG1 1 
ATOM   203  C CG2 . ILE A 1 35  ? -6.592  8.207   -5.384  1.00 14.54 ? 35  ILE A CG2 1 
ATOM   204  C CD1 . ILE A 1 35  ? -8.467  5.680   -5.360  1.00 15.86 ? 35  ILE A CD1 1 
ATOM   205  N N   . VAL A 1 36  ? -8.798  10.954  -4.313  1.00 14.99 ? 36  VAL A N   1 
ATOM   206  C CA  . VAL A 1 36  ? -8.384  12.259  -3.785  1.00 15.55 ? 36  VAL A CA  1 
ATOM   207  C C   . VAL A 1 36  ? -8.732  12.434  -2.301  1.00 16.19 ? 36  VAL A C   1 
ATOM   208  O O   . VAL A 1 36  ? -7.943  12.996  -1.531  1.00 16.33 ? 36  VAL A O   1 
ATOM   209  C CB  . VAL A 1 36  ? -8.986  13.419  -4.628  1.00 15.44 ? 36  VAL A CB  1 
ATOM   210  C CG1 . VAL A 1 36  ? -8.782  14.769  -3.947  1.00 15.36 ? 36  VAL A CG1 1 
ATOM   211  C CG2 . VAL A 1 36  ? -8.374  13.430  -6.023  1.00 15.29 ? 36  VAL A CG2 1 
ATOM   212  N N   . GLU A 1 37  ? -9.897  11.934  -1.898  1.00 16.83 ? 37  GLU A N   1 
ATOM   213  C CA  . GLU A 1 37  ? -10.353 12.133  -0.522  1.00 17.96 ? 37  GLU A CA  1 
ATOM   214  C C   . GLU A 1 37  ? -9.541  11.386  0.548   1.00 17.74 ? 37  GLU A C   1 
ATOM   215  O O   . GLU A 1 37  ? -9.578  11.766  1.719   1.00 17.88 ? 37  GLU A O   1 
ATOM   216  C CB  . GLU A 1 37  ? -11.860 11.873  -0.379  1.00 18.07 ? 37  GLU A CB  1 
ATOM   217  C CG  . GLU A 1 37  ? -12.304 10.434  -0.542  1.00 19.33 ? 37  GLU A CG  1 
ATOM   218  C CD  . GLU A 1 37  ? -13.737 10.208  -0.062  1.00 19.65 ? 37  GLU A CD  1 
ATOM   219  O OE1 . GLU A 1 37  ? -14.041 10.516  1.112   1.00 22.89 ? 37  GLU A OE1 1 
ATOM   220  O OE2 . GLU A 1 37  ? -14.560 9.717   -0.861  1.00 22.02 ? 37  GLU A OE2 1 
ATOM   221  N N   . TRP A 1 38  ? -8.793  10.356  0.146   1.00 17.65 ? 38  TRP A N   1 
ATOM   222  C CA  . TRP A 1 38  ? -8.012  9.554   1.100   1.00 17.73 ? 38  TRP A CA  1 
ATOM   223  C C   . TRP A 1 38  ? -6.502  9.488   0.848   1.00 18.02 ? 38  TRP A C   1 
ATOM   224  O O   . TRP A 1 38  ? -5.723  9.385   1.800   1.00 17.86 ? 38  TRP A O   1 
ATOM   225  C CB  . TRP A 1 38  ? -8.565  8.127   1.195   1.00 17.52 ? 38  TRP A CB  1 
ATOM   226  C CG  . TRP A 1 38  ? -9.960  8.046   1.739   1.00 17.25 ? 38  TRP A CG  1 
ATOM   227  C CD1 . TRP A 1 38  ? -11.072 7.621   1.074   1.00 17.20 ? 38  TRP A CD1 1 
ATOM   228  C CD2 . TRP A 1 38  ? -10.392 8.403   3.061   1.00 17.02 ? 38  TRP A CD2 1 
ATOM   229  N NE1 . TRP A 1 38  ? -12.173 7.691   1.896   1.00 16.89 ? 38  TRP A NE1 1 
ATOM   230  C CE2 . TRP A 1 38  ? -11.784 8.169   3.120   1.00 17.17 ? 38  TRP A CE2 1 
ATOM   231  C CE3 . TRP A 1 38  ? -9.739  8.900   4.199   1.00 16.92 ? 38  TRP A CE3 1 
ATOM   232  C CZ2 . TRP A 1 38  ? -12.539 8.411   4.276   1.00 16.92 ? 38  TRP A CZ2 1 
ATOM   233  C CZ3 . TRP A 1 38  ? -10.490 9.146   5.347   1.00 17.06 ? 38  TRP A CZ3 1 
ATOM   234  C CH2 . TRP A 1 38  ? -11.877 8.898   5.374   1.00 17.23 ? 38  TRP A CH2 1 
ATOM   235  N N   . TRP A 1 39  ? -6.093  9.533   -0.418  1.00 18.39 ? 39  TRP A N   1 
ATOM   236  C CA  . TRP A 1 39  ? -4.700  9.257   -0.787  1.00 19.02 ? 39  TRP A CA  1 
ATOM   237  C C   . TRP A 1 39  ? -3.728  10.352  -0.343  1.00 19.80 ? 39  TRP A C   1 
ATOM   238  O O   . TRP A 1 39  ? -3.864  11.518  -0.724  1.00 19.86 ? 39  TRP A O   1 
ATOM   239  C CB  . TRP A 1 39  ? -4.574  8.982   -2.291  1.00 18.73 ? 39  TRP A CB  1 
ATOM   240  C CG  . TRP A 1 39  ? -3.231  8.444   -2.699  1.00 18.37 ? 39  TRP A CG  1 
ATOM   241  C CD1 . TRP A 1 39  ? -2.234  9.130   -3.331  1.00 17.99 ? 39  TRP A CD1 1 
ATOM   242  C CD2 . TRP A 1 39  ? -2.740  7.109   -2.507  1.00 17.96 ? 39  TRP A CD2 1 
ATOM   243  N NE1 . TRP A 1 39  ? -1.153  8.308   -3.546  1.00 17.82 ? 39  TRP A NE1 1 
ATOM   244  C CE2 . TRP A 1 39  ? -1.436  7.062   -3.050  1.00 18.14 ? 39  TRP A CE2 1 
ATOM   245  C CE3 . TRP A 1 39  ? -3.275  5.948   -1.928  1.00 18.26 ? 39  TRP A CE3 1 
ATOM   246  C CZ2 . TRP A 1 39  ? -0.654  5.899   -3.031  1.00 18.47 ? 39  TRP A CZ2 1 
ATOM   247  C CZ3 . TRP A 1 39  ? -2.498  4.789   -1.911  1.00 18.05 ? 39  TRP A CZ3 1 
ATOM   248  C CH2 . TRP A 1 39  ? -1.202  4.776   -2.458  1.00 18.17 ? 39  TRP A CH2 1 
ATOM   249  N N   . GLY A 1 40  ? -2.745  9.954   0.462   1.00 20.67 ? 40  GLY A N   1 
ATOM   250  C CA  . GLY A 1 40  ? -1.766  10.884  1.020   1.00 21.58 ? 40  GLY A CA  1 
ATOM   251  C C   . GLY A 1 40  ? -0.688  11.267  0.029   1.00 22.11 ? 40  GLY A C   1 
ATOM   252  O O   . GLY A 1 40  ? 0.402   11.691  0.421   1.00 22.83 ? 40  GLY A O   1 
ATOM   253  N N   . ALA A 1 44  ? -2.537  16.416  -3.255  1.00 21.25 ? 44  ALA A N   1 
ATOM   254  C CA  . ALA A 1 44  ? -3.930  15.978  -3.217  1.00 21.03 ? 44  ALA A CA  1 
ATOM   255  C C   . ALA A 1 44  ? -4.499  15.771  -4.617  1.00 20.72 ? 44  ALA A C   1 
ATOM   256  O O   . ALA A 1 44  ? -5.238  14.814  -4.857  1.00 21.09 ? 44  ALA A O   1 
ATOM   257  C CB  . ALA A 1 44  ? -4.786  16.968  -2.431  1.00 21.21 ? 44  ALA A CB  1 
ATOM   258  N N   . ARG A 1 45  ? -4.161  16.680  -5.531  1.00 19.96 ? 45  ARG A N   1 
ATOM   259  C CA  . ARG A 1 45  ? -4.566  16.567  -6.934  1.00 19.19 ? 45  ARG A CA  1 
ATOM   260  C C   . ARG A 1 45  ? -3.348  16.765  -7.831  1.00 18.11 ? 45  ARG A C   1 
ATOM   261  O O   . ARG A 1 45  ? -3.163  17.843  -8.407  1.00 18.24 ? 45  ARG A O   1 
ATOM   262  C CB  . ARG A 1 45  ? -5.658  17.585  -7.275  1.00 19.39 ? 45  ARG A CB  1 
ATOM   263  C CG  . ARG A 1 45  ? -6.997  17.290  -6.635  1.00 20.78 ? 45  ARG A CG  1 
ATOM   264  C CD  . ARG A 1 45  ? -8.018  18.361  -6.972  1.00 23.05 ? 45  ARG A CD  1 
ATOM   265  N NE  . ARG A 1 45  ? -9.190  18.278  -6.101  1.00 24.63 ? 45  ARG A NE  1 
ATOM   266  C CZ  . ARG A 1 45  ? -10.204 17.435  -6.277  1.00 25.34 ? 45  ARG A CZ  1 
ATOM   267  N NH1 . ARG A 1 45  ? -10.206 16.582  -7.296  1.00 25.31 ? 45  ARG A NH1 1 
ATOM   268  N NH2 . ARG A 1 45  ? -11.220 17.442  -5.422  1.00 26.34 ? 45  ARG A NH2 1 
ATOM   269  N N   . PRO A 1 46  ? -2.515  15.718  -7.966  1.00 16.87 ? 46  PRO A N   1 
ATOM   270  C CA  . PRO A 1 46  ? -1.232  15.895  -8.631  1.00 15.86 ? 46  PRO A CA  1 
ATOM   271  C C   . PRO A 1 46  ? -1.395  16.158  -10.124 1.00 14.92 ? 46  PRO A C   1 
ATOM   272  O O   . PRO A 1 46  ? -2.252  15.550  -10.771 1.00 14.74 ? 46  PRO A O   1 
ATOM   273  C CB  . PRO A 1 46  ? -0.528  14.555  -8.395  1.00 15.88 ? 46  PRO A CB  1 
ATOM   274  C CG  . PRO A 1 46  ? -1.632  13.573  -8.237  1.00 16.43 ? 46  PRO A CG  1 
ATOM   275  C CD  . PRO A 1 46  ? -2.734  14.320  -7.545  1.00 16.72 ? 46  PRO A CD  1 
ATOM   276  N N   . THR A 1 47  ? -0.587  17.073  -10.653 1.00 13.90 ? 47  THR A N   1 
ATOM   277  C CA  . THR A 1 47  ? -0.509  17.286  -12.096 1.00 12.85 ? 47  THR A CA  1 
ATOM   278  C C   . THR A 1 47  ? 0.187   16.083  -12.725 1.00 12.41 ? 47  THR A C   1 
ATOM   279  O O   . THR A 1 47  ? 0.756   15.247  -12.014 1.00 12.05 ? 47  THR A O   1 
ATOM   280  C CB  . THR A 1 47  ? 0.294   18.557  -12.447 1.00 12.82 ? 47  THR A CB  1 
ATOM   281  O OG1 . THR A 1 47  ? 1.652   18.397  -12.015 1.00 12.58 ? 47  THR A OG1 1 
ATOM   282  C CG2 . THR A 1 47  ? -0.310  19.792  -11.795 1.00 12.37 ? 47  THR A CG2 1 
ATOM   283  N N   . LEU A 1 48  ? 0.156   15.993  -14.052 1.00 11.90 ? 48  LEU A N   1 
ATOM   284  C CA  . LEU A 1 48  ? 0.861   14.915  -14.744 1.00 11.74 ? 48  LEU A CA  1 
ATOM   285  C C   . LEU A 1 48  ? 2.358   14.929  -14.424 1.00 11.79 ? 48  LEU A C   1 
ATOM   286  O O   . LEU A 1 48  ? 2.943   13.879  -14.144 1.00 11.69 ? 48  LEU A O   1 
ATOM   287  C CB  . LEU A 1 48  ? 0.625   14.968  -16.258 1.00 11.61 ? 48  LEU A CB  1 
ATOM   288  C CG  . LEU A 1 48  ? 1.375   13.932  -17.108 1.00 11.54 ? 48  LEU A CG  1 
ATOM   289  C CD1 . LEU A 1 48  ? 1.009   12.492  -16.722 1.00 11.02 ? 48  LEU A CD1 1 
ATOM   290  C CD2 . LEU A 1 48  ? 1.118   14.167  -18.585 1.00 11.95 ? 48  LEU A CD2 1 
ATOM   291  N N   . ALA A 1 49  ? 2.959   16.118  -14.461 1.00 11.88 ? 49  ALA A N   1 
ATOM   292  C CA  . ALA A 1 49  ? 4.372   16.293  -14.118 1.00 12.33 ? 49  ALA A CA  1 
ATOM   293  C C   . ALA A 1 49  ? 4.663   15.842  -12.686 1.00 12.48 ? 49  ALA A C   1 
ATOM   294  O O   . ALA A 1 49  ? 5.697   15.218  -12.439 1.00 12.67 ? 49  ALA A O   1 
ATOM   295  C CB  . ALA A 1 49  ? 4.804   17.743  -14.321 1.00 12.21 ? 49  ALA A CB  1 
ATOM   296  N N   . ASP A 1 50  ? 3.752   16.153  -11.757 1.00 12.76 ? 50  ASP A N   1 
ATOM   297  C CA  . ASP A 1 50  ? 3.868   15.703  -10.360 1.00 13.00 ? 50  ASP A CA  1 
ATOM   298  C C   . ASP A 1 50  ? 3.969   14.183  -10.278 1.00 12.97 ? 50  ASP A C   1 
ATOM   299  O O   . ASP A 1 50  ? 4.850   13.650  -9.601  1.00 12.98 ? 50  ASP A O   1 
ATOM   300  C CB  . ASP A 1 50  ? 2.674   16.163  -9.514  1.00 13.17 ? 50  ASP A CB  1 
ATOM   301  C CG  . ASP A 1 50  ? 2.700   17.645  -9.187  1.00 13.77 ? 50  ASP A CG  1 
ATOM   302  O OD1 . ASP A 1 50  ? 3.759   18.294  -9.318  1.00 14.68 ? 50  ASP A OD1 1 
ATOM   303  O OD2 . ASP A 1 50  ? 1.637   18.157  -8.779  1.00 13.89 ? 50  ASP A OD2 1 
ATOM   304  N N   . VAL A 1 51  ? 3.056   13.495  -10.965 1.00 12.91 ? 51  VAL A N   1 
ATOM   305  C CA  . VAL A 1 51  ? 3.020   12.030  -10.976 1.00 13.03 ? 51  VAL A CA  1 
ATOM   306  C C   . VAL A 1 51  ? 4.281   11.453  -11.627 1.00 13.26 ? 51  VAL A C   1 
ATOM   307  O O   . VAL A 1 51  ? 4.904   10.542  -11.080 1.00 13.12 ? 51  VAL A O   1 
ATOM   308  C CB  . VAL A 1 51  ? 1.742   11.492  -11.675 1.00 12.92 ? 51  VAL A CB  1 
ATOM   309  C CG1 . VAL A 1 51  ? 1.748   9.962   -11.736 1.00 13.12 ? 51  VAL A CG1 1 
ATOM   310  C CG2 . VAL A 1 51  ? 0.495   11.986  -10.953 1.00 12.41 ? 51  VAL A CG2 1 
ATOM   311  N N   . GLN A 1 52  ? 4.664   12.004  -12.777 1.00 13.40 ? 52  GLN A N   1 
ATOM   312  C CA  . GLN A 1 52  ? 5.850   11.546  -13.504 1.00 13.85 ? 52  GLN A CA  1 
ATOM   313  C C   . GLN A 1 52  ? 7.132   11.692  -12.686 1.00 14.31 ? 52  GLN A C   1 
ATOM   314  O O   . GLN A 1 52  ? 8.017   10.830  -12.744 1.00 14.52 ? 52  GLN A O   1 
ATOM   315  C CB  . GLN A 1 52  ? 5.985   12.289  -14.838 1.00 13.72 ? 52  GLN A CB  1 
ATOM   316  C CG  . GLN A 1 52  ? 4.948   11.892  -15.879 1.00 13.89 ? 52  GLN A CG  1 
ATOM   317  C CD  . GLN A 1 52  ? 4.925   12.827  -17.075 1.00 13.83 ? 52  GLN A CD  1 
ATOM   318  O OE1 . GLN A 1 52  ? 5.220   14.017  -16.955 1.00 13.82 ? 52  GLN A OE1 1 
ATOM   319  N NE2 . GLN A 1 52  ? 4.561   12.292  -18.235 1.00 13.73 ? 52  GLN A NE2 1 
ATOM   320  N N   . GLU A 1 53  ? 7.216   12.777  -11.919 1.00 14.56 ? 53  GLU A N   1 
ATOM   321  C CA  . GLU A 1 53  ? 8.401   13.087  -11.121 1.00 15.20 ? 53  GLU A CA  1 
ATOM   322  C C   . GLU A 1 53  ? 8.460   12.312  -9.810  1.00 14.99 ? 53  GLU A C   1 
ATOM   323  O O   . GLU A 1 53  ? 9.548   12.018  -9.318  1.00 15.32 ? 53  GLU A O   1 
ATOM   324  C CB  . GLU A 1 53  ? 8.474   14.588  -10.834 1.00 15.48 ? 53  GLU A CB  1 
ATOM   325  C CG  . GLU A 1 53  ? 8.852   15.438  -12.045 1.00 17.43 ? 53  GLU A CG  1 
ATOM   326  C CD  . GLU A 1 53  ? 8.528   16.912  -11.865 1.00 19.73 ? 53  GLU A CD  1 
ATOM   327  O OE1 . GLU A 1 53  ? 8.239   17.342  -10.724 1.00 21.27 ? 53  GLU A OE1 1 
ATOM   328  O OE2 . GLU A 1 53  ? 8.564   17.646  -12.875 1.00 21.36 ? 53  GLU A OE2 1 
ATOM   329  N N   . GLN A 1 54  ? 7.296   11.984  -9.253  1.00 14.55 ? 54  GLN A N   1 
ATOM   330  C CA  . GLN A 1 54  ? 7.220   11.379  -7.921  1.00 14.34 ? 54  GLN A CA  1 
ATOM   331  C C   . GLN A 1 54  ? 6.995   9.865   -7.919  1.00 13.86 ? 54  GLN A C   1 
ATOM   332  O O   . GLN A 1 54  ? 7.421   9.182   -6.985  1.00 14.02 ? 54  GLN A O   1 
ATOM   333  C CB  . GLN A 1 54  ? 6.135   12.064  -7.088  1.00 14.49 ? 54  GLN A CB  1 
ATOM   334  C CG  . GLN A 1 54  ? 6.457   13.507  -6.716  1.00 15.68 ? 54  GLN A CG  1 
ATOM   335  C CD  . GLN A 1 54  ? 5.236   14.289  -6.279  1.00 16.89 ? 54  GLN A CD  1 
ATOM   336  O OE1 . GLN A 1 54  ? 4.330   13.748  -5.648  1.00 18.16 ? 54  GLN A OE1 1 
ATOM   337  N NE2 . GLN A 1 54  ? 5.211   15.575  -6.608  1.00 17.39 ? 54  GLN A NE2 1 
ATOM   338  N N   . TYR A 1 55  ? 6.335   9.345   -8.953  1.00 13.07 ? 55  TYR A N   1 
ATOM   339  C CA  . TYR A 1 55  ? 5.962   7.927   -8.985  1.00 12.60 ? 55  TYR A CA  1 
ATOM   340  C C   . TYR A 1 55  ? 6.763   7.074   -9.964  1.00 12.40 ? 55  TYR A C   1 
ATOM   341  O O   . TYR A 1 55  ? 6.536   5.867   -10.066 1.00 12.17 ? 55  TYR A O   1 
ATOM   342  C CB  . TYR A 1 55  ? 4.462   7.760   -9.245  1.00 12.46 ? 55  TYR A CB  1 
ATOM   343  C CG  . TYR A 1 55  ? 3.580   8.205   -8.099  1.00 12.07 ? 55  TYR A CG  1 
ATOM   344  C CD1 . TYR A 1 55  ? 3.150   7.296   -7.130  1.00 11.49 ? 55  TYR A CD1 1 
ATOM   345  C CD2 . TYR A 1 55  ? 3.170   9.535   -7.986  1.00 11.42 ? 55  TYR A CD2 1 
ATOM   346  C CE1 . TYR A 1 55  ? 2.334   7.703   -6.074  1.00 11.74 ? 55  TYR A CE1 1 
ATOM   347  C CE2 . TYR A 1 55  ? 2.359   9.951   -6.935  1.00 11.98 ? 55  TYR A CE2 1 
ATOM   348  C CZ  . TYR A 1 55  ? 1.942   9.030   -5.987  1.00 12.20 ? 55  TYR A CZ  1 
ATOM   349  O OH  . TYR A 1 55  ? 1.135   9.443   -4.951  1.00 12.70 ? 55  TYR A OH  1 
ATOM   350  N N   . LEU A 1 56  ? 7.696   7.693   -10.684 1.00 12.34 ? 56  LEU A N   1 
ATOM   351  C CA  . LEU A 1 56  ? 8.612   6.938   -11.533 1.00 12.47 ? 56  LEU A CA  1 
ATOM   352  C C   . LEU A 1 56  ? 9.279   5.866   -10.672 1.00 12.34 ? 56  LEU A C   1 
ATOM   353  O O   . LEU A 1 56  ? 9.818   6.184   -9.613  1.00 12.24 ? 56  LEU A O   1 
ATOM   354  C CB  . LEU A 1 56  ? 9.658   7.867   -12.156 1.00 12.42 ? 56  LEU A CB  1 
ATOM   355  C CG  . LEU A 1 56  ? 10.622  7.307   -13.210 1.00 12.66 ? 56  LEU A CG  1 
ATOM   356  C CD1 . LEU A 1 56  ? 9.900   6.920   -14.496 1.00 12.95 ? 56  LEU A CD1 1 
ATOM   357  C CD2 . LEU A 1 56  ? 11.713  8.330   -13.504 1.00 12.93 ? 56  LEU A CD2 1 
ATOM   358  N N   . PRO A 1 57  ? 9.202   4.588   -11.094 1.00 12.63 ? 57  PRO A N   1 
ATOM   359  C CA  . PRO A 1 57  ? 9.746   3.499   -10.272 1.00 12.74 ? 57  PRO A CA  1 
ATOM   360  C C   . PRO A 1 57  ? 11.183  3.726   -9.779  1.00 12.84 ? 57  PRO A C   1 
ATOM   361  O O   . PRO A 1 57  ? 11.481  3.415   -8.627  1.00 12.69 ? 57  PRO A O   1 
ATOM   362  C CB  . PRO A 1 57  ? 9.642   2.283   -11.196 1.00 12.83 ? 57  PRO A CB  1 
ATOM   363  C CG  . PRO A 1 57  ? 8.458   2.592   -12.048 1.00 12.99 ? 57  PRO A CG  1 
ATOM   364  C CD  . PRO A 1 57  ? 8.577   4.071   -12.324 1.00 12.63 ? 57  PRO A CD  1 
ATOM   365  N N   . SER A 1 58  ? 12.049  4.288   -10.622 1.00 12.93 ? 58  SER A N   1 
ATOM   366  C CA  . SER A 1 58  ? 13.431  4.579   -10.217 1.00 13.01 ? 58  SER A CA  1 
ATOM   367  C C   . SER A 1 58  ? 13.531  5.683   -9.158  1.00 12.91 ? 58  SER A C   1 
ATOM   368  O O   . SER A 1 58  ? 14.463  5.688   -8.355  1.00 13.38 ? 58  SER A O   1 
ATOM   369  C CB  . SER A 1 58  ? 14.302  4.919   -11.432 1.00 13.17 ? 58  SER A CB  1 
ATOM   370  O OG  . SER A 1 58  ? 13.753  6.005   -12.155 1.00 13.27 ? 58  SER A OG  1 
ATOM   371  N N   . VAL A 1 59  ? 12.570  6.608   -9.157  1.00 12.78 ? 59  VAL A N   1 
ATOM   372  C CA  . VAL A 1 59  ? 12.507  7.667   -8.149  1.00 12.41 ? 59  VAL A CA  1 
ATOM   373  C C   . VAL A 1 59  ? 11.998  7.114   -6.815  1.00 12.19 ? 59  VAL A C   1 
ATOM   374  O O   . VAL A 1 59  ? 12.562  7.407   -5.759  1.00 11.95 ? 59  VAL A O   1 
ATOM   375  C CB  . VAL A 1 59  ? 11.627  8.861   -8.620  1.00 12.58 ? 59  VAL A CB  1 
ATOM   376  C CG1 . VAL A 1 59  ? 11.356  9.833   -7.475  1.00 12.34 ? 59  VAL A CG1 1 
ATOM   377  C CG2 . VAL A 1 59  ? 12.292  9.584   -9.793  1.00 12.57 ? 59  VAL A CG2 1 
ATOM   378  N N   . LEU A 1 60  ? 10.931  6.319   -6.868  1.00 11.99 ? 60  LEU A N   1 
ATOM   379  C CA  . LEU A 1 60  ? 10.404  5.673   -5.664  1.00 11.95 ? 60  LEU A CA  1 
ATOM   380  C C   . LEU A 1 60  ? 11.444  4.754   -5.022  1.00 12.12 ? 60  LEU A C   1 
ATOM   381  O O   . LEU A 1 60  ? 11.501  4.635   -3.796  1.00 11.58 ? 60  LEU A O   1 
ATOM   382  C CB  . LEU A 1 60  ? 9.116   4.904   -5.971  1.00 11.70 ? 60  LEU A CB  1 
ATOM   383  C CG  . LEU A 1 60  ? 7.865   5.753   -6.227  1.00 11.11 ? 60  LEU A CG  1 
ATOM   384  C CD1 . LEU A 1 60  ? 6.756   4.879   -6.759  1.00 11.37 ? 60  LEU A CD1 1 
ATOM   385  C CD2 . LEU A 1 60  ? 7.420   6.479   -4.959  1.00 11.24 ? 60  LEU A CD2 1 
ATOM   386  N N   . ALA A 1 61  ? 12.269  4.129   -5.862  1.00 12.74 ? 61  ALA A N   1 
ATOM   387  C CA  . ALA A 1 61  ? 13.354  3.254   -5.408  1.00 13.42 ? 61  ALA A CA  1 
ATOM   388  C C   . ALA A 1 61  ? 14.312  3.941   -4.431  1.00 13.92 ? 61  ALA A C   1 
ATOM   389  O O   . ALA A 1 61  ? 14.861  3.292   -3.539  1.00 14.15 ? 61  ALA A O   1 
ATOM   390  C CB  . ALA A 1 61  ? 14.125  2.698   -6.599  1.00 13.20 ? 61  ALA A CB  1 
ATOM   391  N N   . GLN A 1 62  ? 14.500  5.250   -4.601  1.00 14.57 ? 62  GLN A N   1 
ATOM   392  C CA  . GLN A 1 62  ? 15.394  6.033   -3.743  1.00 15.05 ? 62  GLN A CA  1 
ATOM   393  C C   . GLN A 1 62  ? 14.893  6.123   -2.298  1.00 14.89 ? 62  GLN A C   1 
ATOM   394  O O   . GLN A 1 62  ? 15.680  6.341   -1.373  1.00 14.99 ? 62  GLN A O   1 
ATOM   395  C CB  . GLN A 1 62  ? 15.624  7.442   -4.317  1.00 15.59 ? 62  GLN A CB  1 
ATOM   396  C CG  . GLN A 1 62  ? 15.889  7.508   -5.829  1.00 17.48 ? 62  GLN A CG  1 
ATOM   397  C CD  . GLN A 1 62  ? 17.132  6.751   -6.277  1.00 20.35 ? 62  GLN A CD  1 
ATOM   398  O OE1 . GLN A 1 62  ? 18.176  6.788   -5.618  1.00 22.58 ? 62  GLN A OE1 1 
ATOM   399  N NE2 . GLN A 1 62  ? 17.028  6.074   -7.416  1.00 21.77 ? 62  GLN A NE2 1 
ATOM   400  N N   . GLU A 1 63  ? 13.586  5.946   -2.108  1.00 14.49 ? 63  GLU A N   1 
ATOM   401  C CA  . GLU A 1 63  ? 12.999  5.933   -0.769  1.00 14.22 ? 63  GLU A CA  1 
ATOM   402  C C   . GLU A 1 63  ? 12.587  4.522   -0.338  1.00 13.20 ? 63  GLU A C   1 
ATOM   403  O O   . GLU A 1 63  ? 11.772  4.353   0.574   1.00 12.91 ? 63  GLU A O   1 
ATOM   404  C CB  . GLU A 1 63  ? 11.810  6.903   -0.683  1.00 14.82 ? 63  GLU A CB  1 
ATOM   405  C CG  . GLU A 1 63  ? 12.188  8.375   -0.882  1.00 17.28 ? 63  GLU A CG  1 
ATOM   406  C CD  . GLU A 1 63  ? 13.038  8.929   0.248   1.00 20.36 ? 63  GLU A CD  1 
ATOM   407  O OE1 . GLU A 1 63  ? 12.608  8.842   1.419   1.00 22.19 ? 63  GLU A OE1 1 
ATOM   408  O OE2 . GLU A 1 63  ? 14.134  9.463   -0.037  1.00 22.37 ? 63  GLU A OE2 1 
ATOM   409  N N   . SER A 1 64  ? 13.170  3.519   -0.997  1.00 12.16 ? 64  SER A N   1 
ATOM   410  C CA  . SER A 1 64  ? 12.865  2.102   -0.752  1.00 11.33 ? 64  SER A CA  1 
ATOM   411  C C   . SER A 1 64  ? 11.382  1.771   -0.971  1.00 10.89 ? 64  SER A C   1 
ATOM   412  O O   . SER A 1 64  ? 10.809  0.950   -0.253  1.00 10.56 ? 64  SER A O   1 
ATOM   413  C CB  . SER A 1 64  ? 13.331  1.661   0.646   1.00 11.49 ? 64  SER A CB  1 
ATOM   414  O OG  . SER A 1 64  ? 14.740  1.734   0.759   1.00 11.22 ? 64  SER A OG  1 
ATOM   415  N N   . VAL A 1 65  ? 10.778  2.413   -1.969  1.00 10.21 ? 65  VAL A N   1 
ATOM   416  C CA  . VAL A 1 65  ? 9.380   2.168   -2.328  1.00 9.97  ? 65  VAL A CA  1 
ATOM   417  C C   . VAL A 1 65  ? 9.274   1.433   -3.667  1.00 9.71  ? 65  VAL A C   1 
ATOM   418  O O   . VAL A 1 65  ? 9.914   1.821   -4.650  1.00 9.56  ? 65  VAL A O   1 
ATOM   419  C CB  . VAL A 1 65  ? 8.562   3.495   -2.374  1.00 9.75  ? 65  VAL A CB  1 
ATOM   420  C CG1 . VAL A 1 65  ? 7.132   3.239   -2.836  1.00 10.21 ? 65  VAL A CG1 1 
ATOM   421  C CG2 . VAL A 1 65  ? 8.558   4.170   -1.009  1.00 10.16 ? 65  VAL A CG2 1 
ATOM   422  N N   . THR A 1 66  ? 8.461   0.376   -3.692  1.00 9.32  ? 66  THR A N   1 
ATOM   423  C CA  . THR A 1 66  ? 8.196   -0.391  -4.906  1.00 9.34  ? 66  THR A CA  1 
ATOM   424  C C   . THR A 1 66  ? 6.732   -0.235  -5.320  1.00 9.27  ? 66  THR A C   1 
ATOM   425  O O   . THR A 1 66  ? 5.835   -0.586  -4.549  1.00 9.18  ? 66  THR A O   1 
ATOM   426  C CB  . THR A 1 66  ? 8.519   -1.890  -4.704  1.00 9.27  ? 66  THR A CB  1 
ATOM   427  O OG1 . THR A 1 66  ? 9.889   -2.034  -4.306  1.00 9.22  ? 66  THR A OG1 1 
ATOM   428  C CG2 . THR A 1 66  ? 8.274   -2.675  -5.982  1.00 9.43  ? 66  THR A CG2 1 
ATOM   429  N N   . PRO A 1 67  ? 6.487   0.319   -6.526  1.00 9.43  ? 67  PRO A N   1 
ATOM   430  C CA  . PRO A 1 67  ? 5.125   0.449   -7.048  1.00 9.35  ? 67  PRO A CA  1 
ATOM   431  C C   . PRO A 1 67  ? 4.619   -0.781  -7.808  1.00 9.61  ? 67  PRO A C   1 
ATOM   432  O O   . PRO A 1 67  ? 5.374   -1.416  -8.562  1.00 9.31  ? 67  PRO A O   1 
ATOM   433  C CB  . PRO A 1 67  ? 5.231   1.654   -7.987  1.00 9.26  ? 67  PRO A CB  1 
ATOM   434  C CG  . PRO A 1 67  ? 6.639   1.612   -8.495  1.00 9.38  ? 67  PRO A CG  1 
ATOM   435  C CD  . PRO A 1 67  ? 7.483   0.915   -7.439  1.00 9.60  ? 67  PRO A CD  1 
ATOM   436  N N   . TYR A 1 68  ? 3.342   -1.097  -7.611  1.00 9.67  ? 68  TYR A N   1 
ATOM   437  C CA  . TYR A 1 68  ? 2.697   -2.216  -8.295  1.00 10.27 ? 68  TYR A CA  1 
ATOM   438  C C   . TYR A 1 68  ? 1.390   -1.784  -8.945  1.00 10.42 ? 68  TYR A C   1 
ATOM   439  O O   . TYR A 1 68  ? 0.734   -0.847  -8.478  1.00 9.84  ? 68  TYR A O   1 
ATOM   440  C CB  . TYR A 1 68  ? 2.369   -3.354  -7.320  1.00 10.37 ? 68  TYR A CB  1 
ATOM   441  C CG  . TYR A 1 68  ? 3.486   -3.781  -6.399  1.00 10.86 ? 68  TYR A CG  1 
ATOM   442  C CD1 . TYR A 1 68  ? 4.385   -4.783  -6.771  1.00 10.83 ? 68  TYR A CD1 1 
ATOM   443  C CD2 . TYR A 1 68  ? 3.623   -3.205  -5.138  1.00 10.86 ? 68  TYR A CD2 1 
ATOM   444  C CE1 . TYR A 1 68  ? 5.408   -5.182  -5.910  1.00 11.04 ? 68  TYR A CE1 1 
ATOM   445  C CE2 . TYR A 1 68  ? 4.637   -3.591  -4.276  1.00 11.00 ? 68  TYR A CE2 1 
ATOM   446  C CZ  . TYR A 1 68  ? 5.526   -4.578  -4.665  1.00 11.02 ? 68  TYR A CZ  1 
ATOM   447  O OH  . TYR A 1 68  ? 6.523   -4.956  -3.799  1.00 11.99 ? 68  TYR A OH  1 
ATOM   448  N N   . ILE A 1 69  ? 1.010   -2.489  -10.008 1.00 10.94 ? 69  ILE A N   1 
ATOM   449  C CA  . ILE A 1 69  ? -0.333  -2.378  -10.576 1.00 11.54 ? 69  ILE A CA  1 
ATOM   450  C C   . ILE A 1 69  ? -1.100  -3.666  -10.276 1.00 12.20 ? 69  ILE A C   1 
ATOM   451  O O   . ILE A 1 69  ? -0.608  -4.766  -10.541 1.00 12.21 ? 69  ILE A O   1 
ATOM   452  C CB  . ILE A 1 69  ? -0.311  -2.092  -12.108 1.00 11.48 ? 69  ILE A CB  1 
ATOM   453  C CG1 . ILE A 1 69  ? 0.343   -0.734  -12.415 1.00 11.03 ? 69  ILE A CG1 1 
ATOM   454  C CG2 . ILE A 1 69  ? -1.723  -2.163  -12.709 1.00 11.29 ? 69  ILE A CG2 1 
ATOM   455  C CD1 . ILE A 1 69  ? -0.332  0.492   -11.766 1.00 11.24 ? 69  ILE A CD1 1 
ATOM   456  N N   . ALA A 1 70  ? -2.289  -3.517  -9.698  1.00 12.99 ? 70  ALA A N   1 
ATOM   457  C CA  . ALA A 1 70  ? -3.162  -4.649  -9.414  1.00 13.96 ? 70  ALA A CA  1 
ATOM   458  C C   . ALA A 1 70  ? -3.972  -4.990  -10.659 1.00 14.61 ? 70  ALA A C   1 
ATOM   459  O O   . ALA A 1 70  ? -4.523  -4.099  -11.316 1.00 14.43 ? 70  ALA A O   1 
ATOM   460  C CB  . ALA A 1 70  ? -4.083  -4.332  -8.248  1.00 14.07 ? 70  ALA A CB  1 
ATOM   461  N N   . MET A 1 71  ? -4.039  -6.283  -10.967 1.00 15.63 ? 71  MET A N   1 
ATOM   462  C CA  . MET A 1 71  ? -4.685  -6.777  -12.182 1.00 16.78 ? 71  MET A CA  1 
ATOM   463  C C   . MET A 1 71  ? -5.849  -7.712  -11.868 1.00 17.42 ? 71  MET A C   1 
ATOM   464  O O   . MET A 1 71  ? -5.764  -8.538  -10.956 1.00 17.48 ? 71  MET A O   1 
ATOM   465  C CB  . MET A 1 71  ? -3.668  -7.516  -13.062 1.00 16.91 ? 71  MET A CB  1 
ATOM   466  C CG  . MET A 1 71  ? -2.445  -6.699  -13.479 1.00 17.78 ? 71  MET A CG  1 
ATOM   467  S SD  . MET A 1 71  ? -2.799  -5.359  -14.632 1.00 19.60 ? 71  MET A SD  1 
ATOM   468  C CE  . MET A 1 71  ? -3.366  -6.265  -16.075 1.00 19.56 ? 71  MET A CE  1 
ATOM   469  N N   . LEU A 1 72  ? -6.930  -7.576  -12.635 1.00 18.44 ? 72  LEU A N   1 
ATOM   470  C CA  . LEU A 1 72  ? -8.079  -8.477  -12.551 1.00 19.30 ? 72  LEU A CA  1 
ATOM   471  C C   . LEU A 1 72  ? -8.616  -8.746  -13.954 1.00 19.94 ? 72  LEU A C   1 
ATOM   472  O O   . LEU A 1 72  ? -9.002  -7.814  -14.665 1.00 19.97 ? 72  LEU A O   1 
ATOM   473  C CB  . LEU A 1 72  ? -9.179  -7.892  -11.654 1.00 19.30 ? 72  LEU A CB  1 
ATOM   474  C CG  . LEU A 1 72  ? -10.508 -8.649  -11.496 1.00 18.97 ? 72  LEU A CG  1 
ATOM   475  C CD1 . LEU A 1 72  ? -10.342 -9.938  -10.693 1.00 19.57 ? 72  LEU A CD1 1 
ATOM   476  C CD2 . LEU A 1 72  ? -11.560 -7.756  -10.857 1.00 19.59 ? 72  LEU A CD2 1 
ATOM   477  N N   . ASN A 1 73  ? -8.630  -10.024 -14.334 1.00 20.81 ? 73  ASN A N   1 
ATOM   478  C CA  . ASN A 1 73  ? -9.075  -10.472 -15.664 1.00 21.54 ? 73  ASN A CA  1 
ATOM   479  C C   . ASN A 1 73  ? -8.447  -9.681  -16.821 1.00 21.56 ? 73  ASN A C   1 
ATOM   480  O O   . ASN A 1 73  ? -9.136  -9.276  -17.763 1.00 21.98 ? 73  ASN A O   1 
ATOM   481  C CB  . ASN A 1 73  ? -10.611 -10.478 -15.760 1.00 21.86 ? 73  ASN A CB  1 
ATOM   482  C CG  . ASN A 1 73  ? -11.266 -11.359 -14.701 1.00 22.93 ? 73  ASN A CG  1 
ATOM   483  O OD1 . ASN A 1 73  ? -10.870 -12.507 -14.493 1.00 25.00 ? 73  ASN A OD1 1 
ATOM   484  N ND2 . ASN A 1 73  ? -12.282 -10.821 -14.035 1.00 24.46 ? 73  ASN A ND2 1 
ATOM   485  N N   . GLY A 1 74  ? -7.138  -9.460  -16.731 1.00 21.54 ? 74  GLY A N   1 
ATOM   486  C CA  . GLY A 1 74  ? -6.377  -8.775  -17.775 1.00 21.30 ? 74  GLY A CA  1 
ATOM   487  C C   . GLY A 1 74  ? -6.476  -7.258  -17.773 1.00 21.07 ? 74  GLY A C   1 
ATOM   488  O O   . GLY A 1 74  ? -5.965  -6.603  -18.683 1.00 21.23 ? 74  GLY A O   1 
ATOM   489  N N   . GLU A 1 75  ? -7.119  -6.701  -16.750 1.00 20.72 ? 75  GLU A N   1 
ATOM   490  C CA  . GLU A 1 75  ? -7.335  -5.257  -16.649 1.00 20.39 ? 75  GLU A CA  1 
ATOM   491  C C   . GLU A 1 75  ? -6.716  -4.680  -15.374 1.00 19.54 ? 75  GLU A C   1 
ATOM   492  O O   . GLU A 1 75  ? -6.852  -5.273  -14.305 1.00 19.42 ? 75  GLU A O   1 
ATOM   493  C CB  . GLU A 1 75  ? -8.833  -4.930  -16.676 1.00 20.77 ? 75  GLU A CB  1 
ATOM   494  C CG  . GLU A 1 75  ? -9.551  -5.293  -17.974 1.00 22.68 ? 75  GLU A CG  1 
ATOM   495  C CD  . GLU A 1 75  ? -9.205  -4.368  -19.129 1.00 25.04 ? 75  GLU A CD  1 
ATOM   496  O OE1 . GLU A 1 75  ? -9.284  -3.131  -18.958 1.00 26.16 ? 75  GLU A OE1 1 
ATOM   497  O OE2 . GLU A 1 75  ? -8.862  -4.882  -20.216 1.00 26.65 ? 75  GLU A OE2 1 
ATOM   498  N N   . PRO A 1 76  ? -6.032  -3.523  -15.487 1.00 18.72 ? 76  PRO A N   1 
ATOM   499  C CA  . PRO A 1 76  ? -5.537  -2.832  -14.293 1.00 17.94 ? 76  PRO A CA  1 
ATOM   500  C C   . PRO A 1 76  ? -6.689  -2.258  -13.462 1.00 17.04 ? 76  PRO A C   1 
ATOM   501  O O   . PRO A 1 76  ? -7.519  -1.508  -13.984 1.00 17.06 ? 76  PRO A O   1 
ATOM   502  C CB  . PRO A 1 76  ? -4.651  -1.717  -14.865 1.00 18.08 ? 76  PRO A CB  1 
ATOM   503  C CG  . PRO A 1 76  ? -5.148  -1.498  -16.251 1.00 18.65 ? 76  PRO A CG  1 
ATOM   504  C CD  . PRO A 1 76  ? -5.673  -2.816  -16.732 1.00 18.81 ? 76  PRO A CD  1 
ATOM   505  N N   . ILE A 1 77  ? -6.744  -2.632  -12.185 1.00 15.96 ? 77  ILE A N   1 
ATOM   506  C CA  . ILE A 1 77  ? -7.838  -2.214  -11.301 1.00 14.92 ? 77  ILE A CA  1 
ATOM   507  C C   . ILE A 1 77  ? -7.370  -1.405  -10.090 1.00 14.13 ? 77  ILE A C   1 
ATOM   508  O O   . ILE A 1 77  ? -8.188  -0.920  -9.306  1.00 13.77 ? 77  ILE A O   1 
ATOM   509  C CB  . ILE A 1 77  ? -8.692  -3.418  -10.805 1.00 15.19 ? 77  ILE A CB  1 
ATOM   510  C CG1 . ILE A 1 77  ? -7.820  -4.463  -10.091 1.00 15.06 ? 77  ILE A CG1 1 
ATOM   511  C CG2 . ILE A 1 77  ? -9.497  -4.023  -11.957 1.00 15.31 ? 77  ILE A CG2 1 
ATOM   512  C CD1 . ILE A 1 77  ? -8.563  -5.278  -9.038  1.00 15.88 ? 77  ILE A CD1 1 
ATOM   513  N N   . GLY A 1 78  ? -6.057  -1.269  -9.928  1.00 13.18 ? 78  GLY A N   1 
ATOM   514  C CA  . GLY A 1 78  ? -5.535  -0.540  -8.779  1.00 11.99 ? 78  GLY A CA  1 
ATOM   515  C C   . GLY A 1 78  ? -4.039  -0.330  -8.755  1.00 11.19 ? 78  GLY A C   1 
ATOM   516  O O   . GLY A 1 78  ? -3.306  -0.828  -9.613  1.00 10.97 ? 78  GLY A O   1 
ATOM   517  N N   . TYR A 1 79  ? -3.602  0.428   -7.754  1.00 10.39 ? 79  TYR A N   1 
ATOM   518  C CA  . TYR A 1 79  ? -2.195  0.734   -7.536  1.00 9.79  ? 79  TYR A CA  1 
ATOM   519  C C   . TYR A 1 79  ? -1.843  0.355   -6.108  1.00 9.43  ? 79  TYR A C   1 
ATOM   520  O O   . TYR A 1 79  ? -2.661  0.517   -5.204  1.00 8.98  ? 79  TYR A O   1 
ATOM   521  C CB  . TYR A 1 79  ? -1.944  2.231   -7.757  1.00 9.54  ? 79  TYR A CB  1 
ATOM   522  C CG  . TYR A 1 79  ? -0.566  2.709   -7.347  1.00 9.69  ? 79  TYR A CG  1 
ATOM   523  C CD1 . TYR A 1 79  ? 0.535   2.522   -8.182  1.00 9.64  ? 79  TYR A CD1 1 
ATOM   524  C CD2 . TYR A 1 79  ? -0.366  3.352   -6.123  1.00 9.87  ? 79  TYR A CD2 1 
ATOM   525  C CE1 . TYR A 1 79  ? 1.801   2.958   -7.811  1.00 10.04 ? 79  TYR A CE1 1 
ATOM   526  C CE2 . TYR A 1 79  ? 0.902   3.793   -5.740  1.00 10.42 ? 79  TYR A CE2 1 
ATOM   527  C CZ  . TYR A 1 79  ? 1.978   3.590   -6.595  1.00 10.04 ? 79  TYR A CZ  1 
ATOM   528  O OH  . TYR A 1 79  ? 3.234   4.015   -6.235  1.00 9.95  ? 79  TYR A OH  1 
ATOM   529  N N   . ALA A 1 80  ? -0.628  -0.150  -5.912  1.00 9.14  ? 80  ALA A N   1 
ATOM   530  C CA  . ALA A 1 80  ? -0.129  -0.460  -4.578  1.00 9.23  ? 80  ALA A CA  1 
ATOM   531  C C   . ALA A 1 80  ? 1.347   -0.099  -4.444  1.00 9.28  ? 80  ALA A C   1 
ATOM   532  O O   . ALA A 1 80  ? 2.062   0.027   -5.443  1.00 9.14  ? 80  ALA A O   1 
ATOM   533  C CB  . ALA A 1 80  ? -0.361  -1.933  -4.240  1.00 9.14  ? 80  ALA A CB  1 
ATOM   534  N N   . GLN A 1 81  ? 1.776   0.082   -3.198  1.00 9.38  ? 81  GLN A N   1 
ATOM   535  C CA  . GLN A 1 81  ? 3.166   0.359   -2.859  1.00 9.83  ? 81  GLN A CA  1 
ATOM   536  C C   . GLN A 1 81  ? 3.580   -0.513  -1.693  1.00 9.36  ? 81  GLN A C   1 
ATOM   537  O O   . GLN A 1 81  ? 2.810   -0.702  -0.749  1.00 9.26  ? 81  GLN A O   1 
ATOM   538  C CB  . GLN A 1 81  ? 3.332   1.811   -2.408  1.00 10.28 ? 81  GLN A CB  1 
ATOM   539  C CG  . GLN A 1 81  ? 3.428   2.810   -3.512  1.00 12.34 ? 81  GLN A CG  1 
ATOM   540  C CD  . GLN A 1 81  ? 3.425   4.245   -3.010  1.00 12.81 ? 81  GLN A CD  1 
ATOM   541  O OE1 . GLN A 1 81  ? 3.413   4.506   -1.801  1.00 16.43 ? 81  GLN A OE1 1 
ATOM   542  N NE2 . GLN A 1 81  ? 3.433   5.181   -3.939  1.00 14.24 ? 81  GLN A NE2 1 
ATOM   543  N N   . SER A 1 82  ? 4.799   -1.038  -1.756  1.00 8.97  ? 82  SER A N   1 
ATOM   544  C CA  . SER A 1 82  ? 5.432   -1.612  -0.579  1.00 8.73  ? 82  SER A CA  1 
ATOM   545  C C   . SER A 1 82  ? 6.709   -0.833  -0.308  1.00 8.39  ? 82  SER A C   1 
ATOM   546  O O   . SER A 1 82  ? 7.318   -0.291  -1.230  1.00 8.45  ? 82  SER A O   1 
ATOM   547  C CB  . SER A 1 82  ? 5.728   -3.102  -0.766  1.00 8.74  ? 82  SER A CB  1 
ATOM   548  O OG  . SER A 1 82  ? 6.781   -3.300  -1.693  1.00 8.72  ? 82  SER A OG  1 
ATOM   549  N N   . TYR A 1 83  ? 7.108   -0.769  0.957   1.00 8.28  ? 83  TYR A N   1 
ATOM   550  C CA  . TYR A 1 83  ? 8.310   -0.030  1.324   1.00 8.18  ? 83  TYR A CA  1 
ATOM   551  C C   . TYR A 1 83  ? 9.053   -0.683  2.484   1.00 8.11  ? 83  TYR A C   1 
ATOM   552  O O   . TYR A 1 83  ? 8.451   -1.373  3.304   1.00 7.87  ? 83  TYR A O   1 
ATOM   553  C CB  . TYR A 1 83  ? 7.986   1.443   1.627   1.00 8.49  ? 83  TYR A CB  1 
ATOM   554  C CG  . TYR A 1 83  ? 7.040   1.657   2.795   1.00 8.66  ? 83  TYR A CG  1 
ATOM   555  C CD1 . TYR A 1 83  ? 7.528   1.761   4.101   1.00 9.34  ? 83  TYR A CD1 1 
ATOM   556  C CD2 . TYR A 1 83  ? 5.663   1.759   2.594   1.00 8.79  ? 83  TYR A CD2 1 
ATOM   557  C CE1 . TYR A 1 83  ? 6.668   1.952   5.180   1.00 9.06  ? 83  TYR A CE1 1 
ATOM   558  C CE2 . TYR A 1 83  ? 4.790   1.959   3.670   1.00 8.91  ? 83  TYR A CE2 1 
ATOM   559  C CZ  . TYR A 1 83  ? 5.303   2.050   4.957   1.00 9.06  ? 83  TYR A CZ  1 
ATOM   560  O OH  . TYR A 1 83  ? 4.456   2.238   6.029   1.00 9.23  ? 83  TYR A OH  1 
ATOM   561  N N   . VAL A 1 84  ? 10.368  -0.477  2.528   1.00 7.99  ? 84  VAL A N   1 
ATOM   562  C CA  . VAL A 1 84  ? 11.174  -0.885  3.676   1.00 7.85  ? 84  VAL A CA  1 
ATOM   563  C C   . VAL A 1 84  ? 11.105  0.236   4.715   1.00 8.32  ? 84  VAL A C   1 
ATOM   564  O O   . VAL A 1 84  ? 11.633  1.329   4.491   1.00 8.26  ? 84  VAL A O   1 
ATOM   565  C CB  . VAL A 1 84  ? 12.643  -1.166  3.280   1.00 7.74  ? 84  VAL A CB  1 
ATOM   566  C CG1 . VAL A 1 84  ? 13.450  -1.628  4.496   1.00 7.61  ? 84  VAL A CG1 1 
ATOM   567  C CG2 . VAL A 1 84  ? 12.709  -2.207  2.158   1.00 7.06  ? 84  VAL A CG2 1 
ATOM   568  N N   . ALA A 1 85  ? 10.442  -0.037  5.840   1.00 8.89  ? 85  ALA A N   1 
ATOM   569  C CA  . ALA A 1 85  ? 10.188  0.984   6.861   1.00 9.56  ? 85  ALA A CA  1 
ATOM   570  C C   . ALA A 1 85  ? 11.481  1.641   7.356   1.00 9.85  ? 85  ALA A C   1 
ATOM   571  O O   . ALA A 1 85  ? 11.542  2.859   7.525   1.00 9.91  ? 85  ALA A O   1 
ATOM   572  C CB  . ALA A 1 85  ? 9.386   0.394   8.026   1.00 9.59  ? 85  ALA A CB  1 
ATOM   573  N N   . LEU A 1 86  ? 12.517  0.831   7.558   1.00 10.56 ? 86  LEU A N   1 
ATOM   574  C CA  . LEU A 1 86  ? 13.821  1.327   8.000   1.00 11.36 ? 86  LEU A CA  1 
ATOM   575  C C   . LEU A 1 86  ? 14.478  2.286   6.997   1.00 11.69 ? 86  LEU A C   1 
ATOM   576  O O   . LEU A 1 86  ? 15.323  3.100   7.377   1.00 11.82 ? 86  LEU A O   1 
ATOM   577  C CB  . LEU A 1 86  ? 14.752  0.150   8.324   1.00 11.56 ? 86  LEU A CB  1 
ATOM   578  C CG  . LEU A 1 86  ? 16.041  0.410   9.114   1.00 11.87 ? 86  LEU A CG  1 
ATOM   579  C CD1 . LEU A 1 86  ? 15.731  0.911   10.517  1.00 12.80 ? 86  LEU A CD1 1 
ATOM   580  C CD2 . LEU A 1 86  ? 16.871  -0.861  9.174   1.00 11.88 ? 86  LEU A CD2 1 
ATOM   581  N N   . GLY A 1 87  ? 14.081  2.192   5.726   1.00 11.94 ? 87  GLY A N   1 
ATOM   582  C CA  . GLY A 1 87  ? 14.644  3.027   4.658   1.00 12.57 ? 87  GLY A CA  1 
ATOM   583  C C   . GLY A 1 87  ? 13.804  4.234   4.267   1.00 13.12 ? 87  GLY A C   1 
ATOM   584  O O   . GLY A 1 87  ? 14.131  4.942   3.307   1.00 13.01 ? 87  GLY A O   1 
ATOM   585  N N   . SER A 1 88  ? 12.723  4.470   5.009   1.00 13.66 ? 88  SER A N   1 
ATOM   586  C CA  . SER A 1 88  ? 11.824  5.597   4.750   1.00 14.53 ? 88  SER A CA  1 
ATOM   587  C C   . SER A 1 88  ? 12.485  6.946   5.045   1.00 15.08 ? 88  SER A C   1 
ATOM   588  O O   . SER A 1 88  ? 13.508  7.011   5.732   1.00 15.25 ? 88  SER A O   1 
ATOM   589  C CB  . SER A 1 88  ? 10.538  5.451   5.571   1.00 14.39 ? 88  SER A CB  1 
ATOM   590  O OG  . SER A 1 88  ? 9.840   4.265   5.225   1.00 14.72 ? 88  SER A OG  1 
ATOM   591  N N   . GLY A 1 89  ? 11.881  8.019   4.534   1.00 15.95 ? 89  GLY A N   1 
ATOM   592  C CA  . GLY A 1 89  ? 12.421  9.375   4.681   1.00 16.59 ? 89  GLY A CA  1 
ATOM   593  C C   . GLY A 1 89  ? 12.390  9.936   6.092   1.00 17.01 ? 89  GLY A C   1 
ATOM   594  O O   . GLY A 1 89  ? 11.870  9.303   7.013   1.00 17.05 ? 89  GLY A O   1 
ATOM   595  N N   . ASP A 1 90  ? 12.948  11.135  6.257   1.00 17.40 ? 90  ASP A N   1 
ATOM   596  C CA  . ASP A 1 90  ? 13.007  11.802  7.559   1.00 17.85 ? 90  ASP A CA  1 
ATOM   597  C C   . ASP A 1 90  ? 11.620  11.978  8.182   1.00 17.34 ? 90  ASP A C   1 
ATOM   598  O O   . ASP A 1 90  ? 10.685  12.443  7.523   1.00 17.50 ? 90  ASP A O   1 
ATOM   599  C CB  . ASP A 1 90  ? 13.703  13.163  7.440   1.00 18.36 ? 90  ASP A CB  1 
ATOM   600  C CG  . ASP A 1 90  ? 15.203  13.046  7.195   1.00 19.94 ? 90  ASP A CG  1 
ATOM   601  O OD1 . ASP A 1 90  ? 15.780  11.950  7.384   1.00 21.12 ? 90  ASP A OD1 1 
ATOM   602  O OD2 . ASP A 1 90  ? 15.813  14.072  6.824   1.00 22.40 ? 90  ASP A OD2 1 
ATOM   603  N N   . GLY A 1 91  ? 11.500  11.593  9.450   1.00 16.90 ? 91  GLY A N   1 
ATOM   604  C CA  . GLY A 1 91  ? 10.244  11.700  10.189  1.00 16.26 ? 91  GLY A CA  1 
ATOM   605  C C   . GLY A 1 91  ? 9.401   10.438  10.144  1.00 15.74 ? 91  GLY A C   1 
ATOM   606  O O   . GLY A 1 91  ? 8.528   10.236  10.995  1.00 15.78 ? 91  GLY A O   1 
ATOM   607  N N   . TRP A 1 92  ? 9.659   9.592   9.148   1.00 15.08 ? 92  TRP A N   1 
ATOM   608  C CA  . TRP A 1 92  ? 8.902   8.358   8.946   1.00 14.55 ? 92  TRP A CA  1 
ATOM   609  C C   . TRP A 1 92  ? 9.546   7.173   9.656   1.00 14.17 ? 92  TRP A C   1 
ATOM   610  O O   . TRP A 1 92  ? 10.730  6.885   9.455   1.00 14.07 ? 92  TRP A O   1 
ATOM   611  C CB  . TRP A 1 92  ? 8.749   8.061   7.449   1.00 14.57 ? 92  TRP A CB  1 
ATOM   612  C CG  . TRP A 1 92  ? 7.835   9.012   6.746   1.00 14.64 ? 92  TRP A CG  1 
ATOM   613  C CD1 . TRP A 1 92  ? 8.192   10.117  6.025   1.00 14.81 ? 92  TRP A CD1 1 
ATOM   614  C CD2 . TRP A 1 92  ? 6.405   8.952   6.708   1.00 14.63 ? 92  TRP A CD2 1 
ATOM   615  N NE1 . TRP A 1 92  ? 7.070   10.746  5.536   1.00 14.77 ? 92  TRP A NE1 1 
ATOM   616  C CE2 . TRP A 1 92  ? 5.960   10.051  5.941   1.00 14.68 ? 92  TRP A CE2 1 
ATOM   617  C CE3 . TRP A 1 92  ? 5.454   8.073   7.248   1.00 14.16 ? 92  TRP A CE3 1 
ATOM   618  C CZ2 . TRP A 1 92  ? 4.602   10.299  5.700   1.00 14.66 ? 92  TRP A CZ2 1 
ATOM   619  C CZ3 . TRP A 1 92  ? 4.105   8.318   7.005   1.00 14.56 ? 92  TRP A CZ3 1 
ATOM   620  C CH2 . TRP A 1 92  ? 3.694   9.422   6.236   1.00 14.79 ? 92  TRP A CH2 1 
ATOM   621  N N   . TRP A 1 93  ? 8.755   6.501   10.493  1.00 13.69 ? 93  TRP A N   1 
ATOM   622  C CA  . TRP A 1 93  ? 9.151   5.254   11.165  1.00 13.46 ? 93  TRP A CA  1 
ATOM   623  C C   . TRP A 1 93  ? 10.512  5.358   11.853  1.00 13.88 ? 93  TRP A C   1 
ATOM   624  O O   . TRP A 1 93  ? 11.369  4.480   11.728  1.00 13.70 ? 93  TRP A O   1 
ATOM   625  C CB  . TRP A 1 93  ? 9.054   4.066   10.190  1.00 12.90 ? 93  TRP A CB  1 
ATOM   626  C CG  . TRP A 1 93  ? 7.804   4.163   9.369   1.00 12.34 ? 93  TRP A CG  1 
ATOM   627  C CD1 . TRP A 1 93  ? 7.717   4.316   8.015   1.00 11.71 ? 93  TRP A CD1 1 
ATOM   628  C CD2 . TRP A 1 93  ? 6.460   4.188   9.865   1.00 11.59 ? 93  TRP A CD2 1 
ATOM   629  N NE1 . TRP A 1 93  ? 6.399   4.413   7.633   1.00 11.38 ? 93  TRP A NE1 1 
ATOM   630  C CE2 . TRP A 1 93  ? 5.606   4.335   8.750   1.00 11.35 ? 93  TRP A CE2 1 
ATOM   631  C CE3 . TRP A 1 93  ? 5.893   4.082   11.145  1.00 11.85 ? 93  TRP A CE3 1 
ATOM   632  C CZ2 . TRP A 1 93  ? 4.215   4.383   8.872   1.00 11.67 ? 93  TRP A CZ2 1 
ATOM   633  C CZ3 . TRP A 1 93  ? 4.507   4.133   11.266  1.00 11.94 ? 93  TRP A CZ3 1 
ATOM   634  C CH2 . TRP A 1 93  ? 3.686   4.280   10.133  1.00 11.56 ? 93  TRP A CH2 1 
ATOM   635  N N   . GLU A 1 94  ? 10.681  6.448   12.598  1.00 14.59 ? 94  GLU A N   1 
ATOM   636  C CA  . GLU A 1 94  ? 11.961  6.784   13.224  1.00 15.42 ? 94  GLU A CA  1 
ATOM   637  C C   . GLU A 1 94  ? 12.344  5.853   14.374  1.00 15.76 ? 94  GLU A C   1 
ATOM   638  O O   . GLU A 1 94  ? 13.512  5.790   14.764  1.00 16.06 ? 94  GLU A O   1 
ATOM   639  C CB  . GLU A 1 94  ? 11.971  8.250   13.678  1.00 15.49 ? 94  GLU A CB  1 
ATOM   640  C CG  . GLU A 1 94  ? 11.950  9.267   12.527  1.00 16.87 ? 94  GLU A CG  1 
ATOM   641  C CD  . GLU A 1 94  ? 13.218  9.251   11.677  1.00 18.79 ? 94  GLU A CD  1 
ATOM   642  O OE1 . GLU A 1 94  ? 14.286  8.837   12.181  1.00 20.31 ? 94  GLU A OE1 1 
ATOM   643  O OE2 . GLU A 1 94  ? 13.150  9.656   10.497  1.00 19.69 ? 94  GLU A OE2 1 
ATOM   644  N N   . GLU A 1 95  ? 11.365  5.123   14.900  1.00 16.09 ? 95  GLU A N   1 
ATOM   645  C CA  . GLU A 1 95  ? 11.606  4.171   15.986  1.00 16.58 ? 95  GLU A CA  1 
ATOM   646  C C   . GLU A 1 95  ? 11.943  2.766   15.486  1.00 16.00 ? 95  GLU A C   1 
ATOM   647  O O   . GLU A 1 95  ? 12.376  1.913   16.265  1.00 15.97 ? 95  GLU A O   1 
ATOM   648  C CB  . GLU A 1 95  ? 10.413  4.129   16.947  1.00 17.02 ? 95  GLU A CB  1 
ATOM   649  C CG  . GLU A 1 95  ? 10.252  5.393   17.788  1.00 20.09 ? 95  GLU A CG  1 
ATOM   650  C CD  . GLU A 1 95  ? 11.395  5.587   18.772  1.00 23.99 ? 95  GLU A CD  1 
ATOM   651  O OE1 . GLU A 1 95  ? 11.476  4.815   19.755  1.00 26.08 ? 95  GLU A OE1 1 
ATOM   652  O OE2 . GLU A 1 95  ? 12.211  6.514   18.565  1.00 26.16 ? 95  GLU A OE2 1 
ATOM   653  N N   . GLU A 1 96  ? 11.760  2.537   14.186  1.00 15.45 ? 96  GLU A N   1 
ATOM   654  C CA  . GLU A 1 96  ? 12.015  1.225   13.590  1.00 14.91 ? 96  GLU A CA  1 
ATOM   655  C C   . GLU A 1 96  ? 13.498  0.855   13.640  1.00 14.77 ? 96  GLU A C   1 
ATOM   656  O O   . GLU A 1 96  ? 14.364  1.704   13.426  1.00 14.72 ? 96  GLU A O   1 
ATOM   657  C CB  . GLU A 1 96  ? 11.488  1.165   12.148  1.00 14.85 ? 96  GLU A CB  1 
ATOM   658  C CG  . GLU A 1 96  ? 11.506  -0.233  11.534  1.00 14.73 ? 96  GLU A CG  1 
ATOM   659  C CD  . GLU A 1 96  ? 10.755  -1.250  12.371  1.00 14.76 ? 96  GLU A CD  1 
ATOM   660  O OE1 . GLU A 1 96  ? 9.507   -1.259  12.320  1.00 14.61 ? 96  GLU A OE1 1 
ATOM   661  O OE2 . GLU A 1 96  ? 11.411  -2.042  13.082  1.00 14.77 ? 96  GLU A OE2 1 
ATOM   662  N N   . THR A 1 97  ? 13.769  -0.414  13.941  1.00 14.55 ? 97  THR A N   1 
ATOM   663  C CA  . THR A 1 97  ? 15.132  -0.948  14.009  1.00 14.48 ? 97  THR A CA  1 
ATOM   664  C C   . THR A 1 97  ? 15.281  -2.239  13.193  1.00 13.98 ? 97  THR A C   1 
ATOM   665  O O   . THR A 1 97  ? 16.400  -2.705  12.959  1.00 14.10 ? 97  THR A O   1 
ATOM   666  C CB  . THR A 1 97  ? 15.556  -1.245  15.466  1.00 14.64 ? 97  THR A CB  1 
ATOM   667  O OG1 . THR A 1 97  ? 14.632  -2.168  16.058  1.00 15.33 ? 97  THR A OG1 1 
ATOM   668  C CG2 . THR A 1 97  ? 15.607  0.034   16.298  1.00 15.06 ? 97  THR A CG2 1 
ATOM   669  N N   . ASP A 1 98  ? 14.152  -2.808  12.770  1.00 13.30 ? 98  ASP A N   1 
ATOM   670  C CA  . ASP A 1 98  ? 14.121  -4.095  12.064  1.00 12.72 ? 98  ASP A CA  1 
ATOM   671  C C   . ASP A 1 98  ? 14.037  -3.882  10.545  1.00 12.31 ? 98  ASP A C   1 
ATOM   672  O O   . ASP A 1 98  ? 13.018  -3.404  10.045  1.00 11.84 ? 98  ASP A O   1 
ATOM   673  C CB  . ASP A 1 98  ? 12.935  -4.936  12.582  1.00 12.72 ? 98  ASP A CB  1 
ATOM   674  C CG  . ASP A 1 98  ? 12.814  -6.310  11.913  1.00 13.04 ? 98  ASP A CG  1 
ATOM   675  O OD1 . ASP A 1 98  ? 13.677  -6.693  11.092  1.00 12.76 ? 98  ASP A OD1 1 
ATOM   676  O OD2 . ASP A 1 98  ? 11.833  -7.023  12.229  1.00 12.48 ? 98  ASP A OD2 1 
ATOM   677  N N   . PRO A 1 99  ? 15.109  -4.244  9.806   1.00 12.02 ? 99  PRO A N   1 
ATOM   678  C CA  . PRO A 1 99  ? 15.139  -4.069  8.347   1.00 11.77 ? 99  PRO A CA  1 
ATOM   679  C C   . PRO A 1 99  ? 14.167  -4.992  7.607   1.00 11.24 ? 99  PRO A C   1 
ATOM   680  O O   . PRO A 1 99  ? 13.909  -4.788  6.418   1.00 11.59 ? 99  PRO A O   1 
ATOM   681  C CB  . PRO A 1 99  ? 16.588  -4.418  7.981   1.00 11.67 ? 99  PRO A CB  1 
ATOM   682  C CG  . PRO A 1 99  ? 17.041  -5.328  9.056   1.00 12.33 ? 99  PRO A CG  1 
ATOM   683  C CD  . PRO A 1 99  ? 16.362  -4.842  10.309  1.00 12.19 ? 99  PRO A CD  1 
ATOM   684  N N   . GLY A 1 100 ? 13.644  -5.995  8.311   1.00 10.84 ? 100 GLY A N   1 
ATOM   685  C CA  . GLY A 1 100 ? 12.662  -6.923  7.756   1.00 10.39 ? 100 GLY A CA  1 
ATOM   686  C C   . GLY A 1 100 ? 11.231  -6.411  7.707   1.00 10.00 ? 100 GLY A C   1 
ATOM   687  O O   . GLY A 1 100 ? 10.363  -7.057  7.122   1.00 9.91  ? 100 GLY A O   1 
ATOM   688  N N   . VAL A 1 101 ? 10.976  -5.256  8.315   1.00 9.71  ? 101 VAL A N   1 
ATOM   689  C CA  . VAL A 1 101 ? 9.625   -4.684  8.314   1.00 9.33  ? 101 VAL A CA  1 
ATOM   690  C C   . VAL A 1 101 ? 9.304   -4.052  6.953   1.00 9.12  ? 101 VAL A C   1 
ATOM   691  O O   . VAL A 1 101 ? 10.111  -3.300  6.407   1.00 9.13  ? 101 VAL A O   1 
ATOM   692  C CB  . VAL A 1 101 ? 9.427   -3.665  9.470   1.00 9.50  ? 101 VAL A CB  1 
ATOM   693  C CG1 . VAL A 1 101 ? 8.060   -2.987  9.380   1.00 9.44  ? 101 VAL A CG1 1 
ATOM   694  C CG2 . VAL A 1 101 ? 9.577   -4.354  10.823  1.00 9.68  ? 101 VAL A CG2 1 
ATOM   695  N N   . ARG A 1 102 ? 8.135   -4.394  6.412   1.00 8.85  ? 102 ARG A N   1 
ATOM   696  C CA  . ARG A 1 102 ? 7.621   -3.790  5.185   1.00 8.56  ? 102 ARG A CA  1 
ATOM   697  C C   . ARG A 1 102 ? 6.316   -3.069  5.488   1.00 8.74  ? 102 ARG A C   1 
ATOM   698  O O   . ARG A 1 102 ? 5.520   -3.540  6.295   1.00 8.99  ? 102 ARG A O   1 
ATOM   699  C CB  . ARG A 1 102 ? 7.356   -4.845  4.109   1.00 8.60  ? 102 ARG A CB  1 
ATOM   700  C CG  . ARG A 1 102 ? 8.581   -5.633  3.651   1.00 8.16  ? 102 ARG A CG  1 
ATOM   701  C CD  . ARG A 1 102 ? 9.544   -4.795  2.811   1.00 8.38  ? 102 ARG A CD  1 
ATOM   702  N NE  . ARG A 1 102 ? 10.755  -5.558  2.487   1.00 8.18  ? 102 ARG A NE  1 
ATOM   703  C CZ  . ARG A 1 102 ? 11.816  -5.668  3.284   1.00 8.99  ? 102 ARG A CZ  1 
ATOM   704  N NH1 . ARG A 1 102 ? 11.843  -5.056  4.464   1.00 8.18  ? 102 ARG A NH1 1 
ATOM   705  N NH2 . ARG A 1 102 ? 12.862  -6.391  2.898   1.00 9.19  ? 102 ARG A NH2 1 
ATOM   706  N N   . GLY A 1 103 ? 6.107   -1.930  4.842   1.00 8.64  ? 103 GLY A N   1 
ATOM   707  C CA  . GLY A 1 103 ? 4.825   -1.239  4.911   1.00 8.71  ? 103 GLY A CA  1 
ATOM   708  C C   . GLY A 1 103 ? 4.125   -1.291  3.570   1.00 8.96  ? 103 GLY A C   1 
ATOM   709  O O   . GLY A 1 103 ? 4.770   -1.475  2.535   1.00 9.03  ? 103 GLY A O   1 
ATOM   710  N N   . ILE A 1 104 ? 2.802   -1.140  3.581   1.00 9.04  ? 104 ILE A N   1 
ATOM   711  C CA  . ILE A 1 104 ? 2.035   -1.139  2.334   1.00 9.19  ? 104 ILE A CA  1 
ATOM   712  C C   . ILE A 1 104 ? 1.035   0.009   2.260   1.00 9.44  ? 104 ILE A C   1 
ATOM   713  O O   . ILE A 1 104 ? 0.591   0.531   3.285   1.00 9.27  ? 104 ILE A O   1 
ATOM   714  C CB  . ILE A 1 104 ? 1.293   -2.489  2.068   1.00 9.25  ? 104 ILE A CB  1 
ATOM   715  C CG1 . ILE A 1 104 ? 0.287   -2.802  3.187   1.00 9.14  ? 104 ILE A CG1 1 
ATOM   716  C CG2 . ILE A 1 104 ? 2.294   -3.631  1.857   1.00 8.88  ? 104 ILE A CG2 1 
ATOM   717  C CD1 . ILE A 1 104 ? -0.704  -3.909  2.842   1.00 9.37  ? 104 ILE A CD1 1 
ATOM   718  N N   . ASP A 1 105 ? 0.709   0.390   1.028   1.00 9.98  ? 105 ASP A N   1 
ATOM   719  C CA  . ASP A 1 105 ? -0.351  1.342   0.722   1.00 10.75 ? 105 ASP A CA  1 
ATOM   720  C C   . ASP A 1 105 ? -0.993  0.892   -0.580  1.00 10.56 ? 105 ASP A C   1 
ATOM   721  O O   . ASP A 1 105 ? -0.326  0.284   -1.419  1.00 10.23 ? 105 ASP A O   1 
ATOM   722  C CB  . ASP A 1 105 ? 0.217   2.753   0.559   1.00 11.52 ? 105 ASP A CB  1 
ATOM   723  C CG  . ASP A 1 105 ? 0.590   3.391   1.880   1.00 14.14 ? 105 ASP A CG  1 
ATOM   724  O OD1 . ASP A 1 105 ? -0.318  3.655   2.700   1.00 18.02 ? 105 ASP A OD1 1 
ATOM   725  O OD2 . ASP A 1 105 ? 1.791   3.648   2.093   1.00 17.51 ? 105 ASP A OD2 1 
ATOM   726  N N   . GLN A 1 106 ? -2.282  1.174   -0.755  1.00 10.46 ? 106 GLN A N   1 
ATOM   727  C CA  . GLN A 1 106 ? -2.972  0.748   -1.975  1.00 10.65 ? 106 GLN A CA  1 
ATOM   728  C C   . GLN A 1 106 ? -4.264  1.509   -2.236  1.00 10.34 ? 106 GLN A C   1 
ATOM   729  O O   . GLN A 1 106 ? -4.827  2.132   -1.334  1.00 9.90  ? 106 GLN A O   1 
ATOM   730  C CB  . GLN A 1 106 ? -3.230  -0.772  -1.974  1.00 10.84 ? 106 GLN A CB  1 
ATOM   731  C CG  . GLN A 1 106 ? -4.330  -1.262  -1.027  1.00 13.09 ? 106 GLN A CG  1 
ATOM   732  C CD  . GLN A 1 106 ? -4.033  -0.970  0.428   1.00 15.27 ? 106 GLN A CD  1 
ATOM   733  O OE1 . GLN A 1 106 ? -4.831  -0.326  1.113   1.00 18.28 ? 106 GLN A OE1 1 
ATOM   734  N NE2 . GLN A 1 106 ? -2.878  -1.425  0.905   1.00 15.77 ? 106 GLN A NE2 1 
ATOM   735  N N   . LEU A 1 107 ? -4.721  1.441   -3.483  1.00 10.16 ? 107 LEU A N   1 
ATOM   736  C CA  . LEU A 1 107 ? -5.958  2.081   -3.908  1.00 10.27 ? 107 LEU A CA  1 
ATOM   737  C C   . LEU A 1 107 ? -6.614  1.264   -5.017  1.00 10.67 ? 107 LEU A C   1 
ATOM   738  O O   . LEU A 1 107 ? -5.926  0.598   -5.795  1.00 10.39 ? 107 LEU A O   1 
ATOM   739  C CB  . LEU A 1 107 ? -5.678  3.513   -4.393  1.00 10.10 ? 107 LEU A CB  1 
ATOM   740  C CG  . LEU A 1 107 ? -4.804  3.728   -5.638  1.00 10.00 ? 107 LEU A CG  1 
ATOM   741  C CD1 . LEU A 1 107 ? -5.637  3.710   -6.926  1.00 9.48  ? 107 LEU A CD1 1 
ATOM   742  C CD2 . LEU A 1 107 ? -4.038  5.036   -5.525  1.00 9.87  ? 107 LEU A CD2 1 
ATOM   743  N N   . LEU A 1 108 ? -7.938  1.313   -5.081  1.00 11.19 ? 108 LEU A N   1 
ATOM   744  C CA  . LEU A 1 108 ? -8.668  0.750   -6.214  1.00 11.93 ? 108 LEU A CA  1 
ATOM   745  C C   . LEU A 1 108 ? -9.049  1.876   -7.168  1.00 12.30 ? 108 LEU A C   1 
ATOM   746  O O   . LEU A 1 108 ? -9.554  2.912   -6.740  1.00 12.23 ? 108 LEU A O   1 
ATOM   747  C CB  . LEU A 1 108 ? -9.911  -0.017  -5.747  1.00 12.09 ? 108 LEU A CB  1 
ATOM   748  C CG  . LEU A 1 108 ? -9.702  -1.314  -4.954  1.00 12.36 ? 108 LEU A CG  1 
ATOM   749  C CD1 . LEU A 1 108 ? -11.024 -1.824  -4.387  1.00 13.02 ? 108 LEU A CD1 1 
ATOM   750  C CD2 . LEU A 1 108 ? -9.035  -2.392  -5.802  1.00 12.81 ? 108 LEU A CD2 1 
ATOM   751  N N   . ALA A 1 109 ? -8.797  1.660   -8.457  1.00 12.82 ? 109 ALA A N   1 
ATOM   752  C CA  . ALA A 1 109 ? -8.970  2.686   -9.493  1.00 13.55 ? 109 ALA A CA  1 
ATOM   753  C C   . ALA A 1 109 ? -10.422 3.102   -9.750  1.00 14.19 ? 109 ALA A C   1 
ATOM   754  O O   . ALA A 1 109 ? -10.701 4.280   -9.989  1.00 14.08 ? 109 ALA A O   1 
ATOM   755  C CB  . ALA A 1 109 ? -8.333  2.217   -10.785 1.00 13.30 ? 109 ALA A CB  1 
ATOM   756  N N   . ASN A 1 110 ? -11.332 2.133   -9.701  1.00 15.12 ? 110 ASN A N   1 
ATOM   757  C CA  . ASN A 1 110 ? -12.720 2.344   -10.117 1.00 16.08 ? 110 ASN A CA  1 
ATOM   758  C C   . ASN A 1 110 ? -13.694 2.445   -8.945  1.00 16.68 ? 110 ASN A C   1 
ATOM   759  O O   . ASN A 1 110 ? -13.827 1.509   -8.154  1.00 16.74 ? 110 ASN A O   1 
ATOM   760  C CB  . ASN A 1 110 ? -13.155 1.234   -11.085 1.00 16.15 ? 110 ASN A CB  1 
ATOM   761  C CG  . ASN A 1 110 ? -12.261 1.143   -12.316 1.00 16.64 ? 110 ASN A CG  1 
ATOM   762  O OD1 . ASN A 1 110 ? -12.057 2.130   -13.024 1.00 17.62 ? 110 ASN A OD1 1 
ATOM   763  N ND2 . ASN A 1 110 ? -11.729 -0.048  -12.577 1.00 17.42 ? 110 ASN A ND2 1 
ATOM   764  N N   . ALA A 1 111 ? -14.374 3.587   -8.850  1.00 17.45 ? 111 ALA A N   1 
ATOM   765  C CA  . ALA A 1 111 ? -15.350 3.848   -7.786  1.00 18.32 ? 111 ALA A CA  1 
ATOM   766  C C   . ALA A 1 111 ? -16.434 2.772   -7.700  1.00 18.90 ? 111 ALA A C   1 
ATOM   767  O O   . ALA A 1 111 ? -16.890 2.428   -6.607  1.00 19.00 ? 111 ALA A O   1 
ATOM   768  C CB  . ALA A 1 111 ? -15.978 5.223   -7.968  1.00 18.40 ? 111 ALA A CB  1 
ATOM   769  N N   . SER A 1 112 ? -16.827 2.239   -8.857  1.00 19.62 ? 112 SER A N   1 
ATOM   770  C CA  . SER A 1 112 ? -17.850 1.193   -8.947  1.00 20.35 ? 112 SER A CA  1 
ATOM   771  C C   . SER A 1 112 ? -17.396 -0.154  -8.378  1.00 20.59 ? 112 SER A C   1 
ATOM   772  O O   . SER A 1 112 ? -18.224 -1.019  -8.088  1.00 20.76 ? 112 SER A O   1 
ATOM   773  C CB  . SER A 1 112 ? -18.296 1.007   -10.400 1.00 20.38 ? 112 SER A CB  1 
ATOM   774  O OG  . SER A 1 112 ? -17.241 0.498   -11.198 1.00 21.28 ? 112 SER A OG  1 
ATOM   775  N N   . GLN A 1 113 ? -16.083 -0.325  -8.231  1.00 20.80 ? 113 GLN A N   1 
ATOM   776  C CA  . GLN A 1 113 ? -15.519 -1.578  -7.727  1.00 21.07 ? 113 GLN A CA  1 
ATOM   777  C C   . GLN A 1 113 ? -15.164 -1.533  -6.238  1.00 21.03 ? 113 GLN A C   1 
ATOM   778  O O   . GLN A 1 113 ? -14.620 -2.497  -5.698  1.00 21.29 ? 113 GLN A O   1 
ATOM   779  C CB  . GLN A 1 113 ? -14.301 -1.994  -8.563  1.00 21.04 ? 113 GLN A CB  1 
ATOM   780  C CG  . GLN A 1 113 ? -14.640 -2.389  -10.001 1.00 21.43 ? 113 GLN A CG  1 
ATOM   781  C CD  . GLN A 1 113 ? -13.423 -2.807  -10.810 1.00 21.42 ? 113 GLN A CD  1 
ATOM   782  O OE1 . GLN A 1 113 ? -12.385 -2.143  -10.789 1.00 21.31 ? 113 GLN A OE1 1 
ATOM   783  N NE2 . GLN A 1 113 ? -13.553 -3.911  -11.539 1.00 22.10 ? 113 GLN A NE2 1 
ATOM   784  N N   . LEU A 1 114 ? -15.481 -0.418  -5.578  1.00 21.03 ? 114 LEU A N   1 
ATOM   785  C CA  . LEU A 1 114 ? -15.239 -0.271  -4.142  1.00 21.09 ? 114 LEU A CA  1 
ATOM   786  C C   . LEU A 1 114 ? -16.266 -1.041  -3.312  1.00 21.18 ? 114 LEU A C   1 
ATOM   787  O O   . LEU A 1 114 ? -17.427 -1.171  -3.710  1.00 21.13 ? 114 LEU A O   1 
ATOM   788  C CB  . LEU A 1 114 ? -15.251 1.208   -3.733  1.00 21.17 ? 114 LEU A CB  1 
ATOM   789  C CG  . LEU A 1 114 ? -14.210 2.180   -4.301  1.00 21.09 ? 114 LEU A CG  1 
ATOM   790  C CD1 . LEU A 1 114 ? -14.464 3.580   -3.765  1.00 20.58 ? 114 LEU A CD1 1 
ATOM   791  C CD2 . LEU A 1 114 ? -12.786 1.741   -3.978  1.00 21.44 ? 114 LEU A CD2 1 
ATOM   792  N N   . GLY A 1 115 ? -15.823 -1.546  -2.161  1.00 21.10 ? 115 GLY A N   1 
ATOM   793  C CA  . GLY A 1 115 ? -16.692 -2.246  -1.212  1.00 21.27 ? 115 GLY A CA  1 
ATOM   794  C C   . GLY A 1 115 ? -17.184 -3.608  -1.670  1.00 21.32 ? 115 GLY A C   1 
ATOM   795  O O   . GLY A 1 115 ? -18.223 -4.086  -1.204  1.00 21.78 ? 115 GLY A O   1 
ATOM   796  N N   . LYS A 1 116 ? -16.435 -4.240  -2.572  1.00 21.10 ? 116 LYS A N   1 
ATOM   797  C CA  . LYS A 1 116 ? -16.827 -5.527  -3.147  1.00 21.04 ? 116 LYS A CA  1 
ATOM   798  C C   . LYS A 1 116 ? -15.797 -6.635  -2.880  1.00 20.38 ? 116 LYS A C   1 
ATOM   799  O O   . LYS A 1 116 ? -15.824 -7.690  -3.522  1.00 20.40 ? 116 LYS A O   1 
ATOM   800  C CB  . LYS A 1 116 ? -17.081 -5.384  -4.655  1.00 21.15 ? 116 LYS A CB  1 
ATOM   801  C CG  . LYS A 1 116 ? -18.168 -4.368  -5.023  1.00 21.92 ? 116 LYS A CG  1 
ATOM   802  C CD  . LYS A 1 116 ? -18.524 -4.429  -6.505  1.00 22.09 ? 116 LYS A CD  1 
ATOM   803  C CE  . LYS A 1 116 ? -19.480 -5.577  -6.814  1.00 24.49 ? 116 LYS A CE  1 
ATOM   804  N NZ  . LYS A 1 116 ? -19.654 -5.790  -8.282  1.00 25.58 ? 116 LYS A NZ  1 
ATOM   805  N N   . GLY A 1 117 ? -14.892 -6.389  -1.933  1.00 19.56 ? 117 GLY A N   1 
ATOM   806  C CA  . GLY A 1 117 ? -13.903 -7.388  -1.526  1.00 18.48 ? 117 GLY A CA  1 
ATOM   807  C C   . GLY A 1 117 ? -12.613 -7.422  -2.329  1.00 17.79 ? 117 GLY A C   1 
ATOM   808  O O   . GLY A 1 117 ? -11.705 -8.198  -2.009  1.00 17.43 ? 117 GLY A O   1 
ATOM   809  N N   . LEU A 1 118 ? -12.524 -6.586  -3.363  1.00 16.97 ? 118 LEU A N   1 
ATOM   810  C CA  . LEU A 1 118 ? -11.349 -6.563  -4.246  1.00 16.35 ? 118 LEU A CA  1 
ATOM   811  C C   . LEU A 1 118 ? -10.111 -5.991  -3.561  1.00 15.67 ? 118 LEU A C   1 
ATOM   812  O O   . LEU A 1 118 ? -8.988  -6.420  -3.843  1.00 15.52 ? 118 LEU A O   1 
ATOM   813  C CB  . LEU A 1 118 ? -11.641 -5.799  -5.543  1.00 16.47 ? 118 LEU A CB  1 
ATOM   814  C CG  . LEU A 1 118 ? -12.611 -6.431  -6.552  1.00 17.14 ? 118 LEU A CG  1 
ATOM   815  C CD1 . LEU A 1 118 ? -12.822 -5.499  -7.733  1.00 18.03 ? 118 LEU A CD1 1 
ATOM   816  C CD2 . LEU A 1 118 ? -12.118 -7.797  -7.028  1.00 17.71 ? 118 LEU A CD2 1 
ATOM   817  N N   . GLY A 1 119 ? -10.326 -5.024  -2.671  1.00 14.88 ? 119 GLY A N   1 
ATOM   818  C CA  . GLY A 1 119 ? -9.253  -4.448  -1.863  1.00 14.13 ? 119 GLY A CA  1 
ATOM   819  C C   . GLY A 1 119 ? -8.635  -5.471  -0.927  1.00 13.72 ? 119 GLY A C   1 
ATOM   820  O O   . GLY A 1 119 ? -7.411  -5.545  -0.805  1.00 13.27 ? 119 GLY A O   1 
ATOM   821  N N   . THR A 1 120 ? -9.482  -6.267  -0.273  1.00 13.26 ? 120 THR A N   1 
ATOM   822  C CA  . THR A 1 120 ? -9.015  -7.346  0.602   1.00 13.30 ? 120 THR A CA  1 
ATOM   823  C C   . THR A 1 120 ? -8.168  -8.346  -0.189  1.00 13.04 ? 120 THR A C   1 
ATOM   824  O O   . THR A 1 120 ? -7.095  -8.745  0.267   1.00 12.98 ? 120 THR A O   1 
ATOM   825  C CB  . THR A 1 120 ? -10.190 -8.050  1.336   1.00 13.25 ? 120 THR A CB  1 
ATOM   826  O OG1 . THR A 1 120 ? -10.885 -7.091  2.144   1.00 13.74 ? 120 THR A OG1 1 
ATOM   827  C CG2 . THR A 1 120 ? -9.690  -9.171  2.241   1.00 13.67 ? 120 THR A CG2 1 
ATOM   828  N N   . LYS A 1 121 ? -8.643  -8.721  -1.378  1.00 12.77 ? 121 LYS A N   1 
ATOM   829  C CA  . LYS A 1 121 ? -7.903  -9.617  -2.277  1.00 12.67 ? 121 LYS A CA  1 
ATOM   830  C C   . LYS A 1 121 ? -6.555  -9.026  -2.697  1.00 12.33 ? 121 LYS A C   1 
ATOM   831  O O   . LYS A 1 121 ? -5.547  -9.732  -2.723  1.00 12.24 ? 121 LYS A O   1 
ATOM   832  C CB  . LYS A 1 121 ? -8.735  -9.951  -3.518  1.00 13.05 ? 121 LYS A CB  1 
ATOM   833  C CG  . LYS A 1 121 ? -9.887  -10.903 -3.255  1.00 13.93 ? 121 LYS A CG  1 
ATOM   834  C CD  . LYS A 1 121 ? -10.730 -11.103 -4.506  1.00 16.44 ? 121 LYS A CD  1 
ATOM   835  C CE  . LYS A 1 121 ? -11.987 -11.909 -4.204  1.00 18.45 ? 121 LYS A CE  1 
ATOM   836  N NZ  . LYS A 1 121 ? -11.681 -13.317 -3.824  1.00 20.39 ? 121 LYS A NZ  1 
ATOM   837  N N   . LEU A 1 122 ? -6.552  -7.735  -3.029  1.00 11.71 ? 122 LEU A N   1 
ATOM   838  C CA  . LEU A 1 122 ? -5.321  -7.014  -3.365  1.00 11.39 ? 122 LEU A CA  1 
ATOM   839  C C   . LEU A 1 122 ? -4.317  -7.075  -2.207  1.00 11.18 ? 122 LEU A C   1 
ATOM   840  O O   . LEU A 1 122 ? -3.163  -7.469  -2.400  1.00 10.83 ? 122 LEU A O   1 
ATOM   841  C CB  . LEU A 1 122 ? -5.636  -5.554  -3.736  1.00 11.30 ? 122 LEU A CB  1 
ATOM   842  C CG  . LEU A 1 122 ? -4.555  -4.634  -4.328  1.00 11.42 ? 122 LEU A CG  1 
ATOM   843  C CD1 . LEU A 1 122 ? -5.188  -3.335  -4.819  1.00 11.33 ? 122 LEU A CD1 1 
ATOM   844  C CD2 . LEU A 1 122 ? -3.419  -4.326  -3.347  1.00 11.56 ? 122 LEU A CD2 1 
ATOM   845  N N   . VAL A 1 123 ? -4.762  -6.684  -1.013  1.00 10.86 ? 123 VAL A N   1 
ATOM   846  C CA  . VAL A 1 123 ? -3.890  -6.669  0.169   1.00 10.85 ? 123 VAL A CA  1 
ATOM   847  C C   . VAL A 1 123 ? -3.349  -8.071  0.478   1.00 10.93 ? 123 VAL A C   1 
ATOM   848  O O   . VAL A 1 123 ? -2.160  -8.232  0.748   1.00 10.57 ? 123 VAL A O   1 
ATOM   849  C CB  . VAL A 1 123 ? -4.594  -6.043  1.406   1.00 10.92 ? 123 VAL A CB  1 
ATOM   850  C CG1 . VAL A 1 123 ? -3.727  -6.165  2.656   1.00 10.77 ? 123 VAL A CG1 1 
ATOM   851  C CG2 . VAL A 1 123 ? -4.926  -4.569  1.142   1.00 10.54 ? 123 VAL A CG2 1 
ATOM   852  N N   . ARG A 1 124 ? -4.220  -9.080  0.413   1.00 11.19 ? 124 ARG A N   1 
ATOM   853  C CA  . ARG A 1 124 ? -3.797  -10.466 0.633   1.00 11.69 ? 124 ARG A CA  1 
ATOM   854  C C   . ARG A 1 124 ? -2.716  -10.908 -0.354  1.00 11.44 ? 124 ARG A C   1 
ATOM   855  O O   . ARG A 1 124 ? -1.759  -11.587 0.032   1.00 11.35 ? 124 ARG A O   1 
ATOM   856  C CB  . ARG A 1 124 ? -4.994  -11.424 0.607   1.00 12.00 ? 124 ARG A CB  1 
ATOM   857  C CG  . ARG A 1 124 ? -5.886  -11.297 1.837   1.00 13.92 ? 124 ARG A CG  1 
ATOM   858  C CD  . ARG A 1 124 ? -6.790  -12.500 2.009   1.00 17.53 ? 124 ARG A CD  1 
ATOM   859  N NE  . ARG A 1 124 ? -7.454  -12.496 3.314   1.00 20.83 ? 124 ARG A NE  1 
ATOM   860  C CZ  . ARG A 1 124 ? -6.908  -12.936 4.449   1.00 22.14 ? 124 ARG A CZ  1 
ATOM   861  N NH1 . ARG A 1 124 ? -5.677  -13.428 4.464   1.00 23.61 ? 124 ARG A NH1 1 
ATOM   862  N NH2 . ARG A 1 124 ? -7.603  -12.889 5.577   1.00 23.35 ? 124 ARG A NH2 1 
ATOM   863  N N   . ALA A 1 125 ? -2.867  -10.512 -1.620  1.00 11.20 ? 125 ALA A N   1 
ATOM   864  C CA  . ALA A 1 125 ? -1.875  -10.820 -2.652  1.00 11.10 ? 125 ALA A CA  1 
ATOM   865  C C   . ALA A 1 125 ? -0.541  -10.122 -2.380  1.00 10.85 ? 125 ALA A C   1 
ATOM   866  O O   . ALA A 1 125 ? 0.525   -10.713 -2.572  1.00 10.80 ? 125 ALA A O   1 
ATOM   867  C CB  . ALA A 1 125 ? -2.403  -10.451 -4.035  1.00 11.08 ? 125 ALA A CB  1 
ATOM   868  N N   . LEU A 1 126 ? -0.609  -8.868  -1.923  1.00 10.38 ? 126 LEU A N   1 
ATOM   869  C CA  . LEU A 1 126 ? 0.592   -8.090  -1.611  1.00 10.26 ? 126 LEU A CA  1 
ATOM   870  C C   . LEU A 1 126 ? 1.330   -8.639  -0.389  1.00 10.04 ? 126 LEU A C   1 
ATOM   871  O O   . LEU A 1 126 ? 2.561   -8.714  -0.381  1.00 9.83  ? 126 LEU A O   1 
ATOM   872  C CB  . LEU A 1 126 ? 0.255   -6.600  -1.431  1.00 10.12 ? 126 LEU A CB  1 
ATOM   873  C CG  . LEU A 1 126 ? 1.402   -5.591  -1.256  1.00 10.66 ? 126 LEU A CG  1 
ATOM   874  C CD1 . LEU A 1 126 ? 2.547   -5.821  -2.246  1.00 11.66 ? 126 LEU A CD1 1 
ATOM   875  C CD2 . LEU A 1 126 ? 0.880   -4.160  -1.361  1.00 10.73 ? 126 LEU A CD2 1 
ATOM   876  N N   . VAL A 1 127 ? 0.567   -9.024  0.632   1.00 9.72  ? 127 VAL A N   1 
ATOM   877  C CA  . VAL A 1 127 ? 1.129   -9.634  1.837   1.00 9.69  ? 127 VAL A CA  1 
ATOM   878  C C   . VAL A 1 127 ? 1.872   -10.933 1.494   1.00 9.70  ? 127 VAL A C   1 
ATOM   879  O O   . VAL A 1 127 ? 3.006   -11.142 1.941   1.00 9.43  ? 127 VAL A O   1 
ATOM   880  C CB  . VAL A 1 127 ? 0.039   -9.866  2.918   1.00 9.72  ? 127 VAL A CB  1 
ATOM   881  C CG1 . VAL A 1 127 ? 0.531   -10.814 4.011   1.00 9.73  ? 127 VAL A CG1 1 
ATOM   882  C CG2 . VAL A 1 127 ? -0.390  -8.532  3.532   1.00 9.82  ? 127 VAL A CG2 1 
ATOM   883  N N   . GLU A 1 128 ? 1.246   -11.781 0.680   1.00 10.00 ? 128 GLU A N   1 
ATOM   884  C CA  . GLU A 1 128 ? 1.875   -13.032 0.246   1.00 10.28 ? 128 GLU A CA  1 
ATOM   885  C C   . GLU A 1 128 ? 3.180   -12.778 -0.508  1.00 10.20 ? 128 GLU A C   1 
ATOM   886  O O   . GLU A 1 128 ? 4.196   -13.414 -0.222  1.00 10.01 ? 128 GLU A O   1 
ATOM   887  C CB  . GLU A 1 128 ? 0.919   -13.877 -0.603  1.00 10.51 ? 128 GLU A CB  1 
ATOM   888  C CG  . GLU A 1 128 ? 1.570   -15.160 -1.130  1.00 11.70 ? 128 GLU A CG  1 
ATOM   889  C CD  . GLU A 1 128 ? 0.589   -16.125 -1.746  1.00 14.04 ? 128 GLU A CD  1 
ATOM   890  O OE1 . GLU A 1 128 ? -0.519  -16.298 -1.192  1.00 15.45 ? 128 GLU A OE1 1 
ATOM   891  O OE2 . GLU A 1 128 ? 0.941   -16.729 -2.780  1.00 15.30 ? 128 GLU A OE2 1 
ATOM   892  N N   . LEU A 1 129 ? 3.151   -11.841 -1.457  1.00 10.02 ? 129 LEU A N   1 
ATOM   893  C CA  . LEU A 1 129 ? 4.351   -11.467 -2.206  1.00 10.34 ? 129 LEU A CA  1 
ATOM   894  C C   . LEU A 1 129 ? 5.491   -11.050 -1.276  1.00 9.89  ? 129 LEU A C   1 
ATOM   895  O O   . LEU A 1 129 ? 6.621   -11.521 -1.419  1.00 9.76  ? 129 LEU A O   1 
ATOM   896  C CB  . LEU A 1 129 ? 4.044   -10.353 -3.220  1.00 10.51 ? 129 LEU A CB  1 
ATOM   897  C CG  . LEU A 1 129 ? 5.221   -9.691  -3.954  1.00 10.89 ? 129 LEU A CG  1 
ATOM   898  C CD1 . LEU A 1 129 ? 6.008   -10.691 -4.804  1.00 12.95 ? 129 LEU A CD1 1 
ATOM   899  C CD2 . LEU A 1 129 ? 4.725   -8.542  -4.814  1.00 11.51 ? 129 LEU A CD2 1 
ATOM   900  N N   . LEU A 1 130 ? 5.189   -10.178 -0.319  1.00 9.52  ? 130 LEU A N   1 
ATOM   901  C CA  . LEU A 1 130 ? 6.208   -9.664  0.592   1.00 9.25  ? 130 LEU A CA  1 
ATOM   902  C C   . LEU A 1 130 ? 6.814   -10.743 1.491   1.00 9.40  ? 130 LEU A C   1 
ATOM   903  O O   . LEU A 1 130 ? 8.017   -10.726 1.753   1.00 9.05  ? 130 LEU A O   1 
ATOM   904  C CB  . LEU A 1 130 ? 5.657   -8.504  1.424   1.00 9.46  ? 130 LEU A CB  1 
ATOM   905  C CG  . LEU A 1 130 ? 5.343   -7.242  0.618   1.00 8.80  ? 130 LEU A CG  1 
ATOM   906  C CD1 . LEU A 1 130 ? 4.525   -6.273  1.451   1.00 9.09  ? 130 LEU A CD1 1 
ATOM   907  C CD2 . LEU A 1 130 ? 6.624   -6.579  0.118   1.00 9.54  ? 130 LEU A CD2 1 
ATOM   908  N N   . PHE A 1 131 ? 5.994   -11.685 1.951   1.00 9.23  ? 131 PHE A N   1 
ATOM   909  C CA  . PHE A 1 131 ? 6.511   -12.780 2.774   1.00 9.51  ? 131 PHE A CA  1 
ATOM   910  C C   . PHE A 1 131 ? 7.328   -13.799 1.973   1.00 9.77  ? 131 PHE A C   1 
ATOM   911  O O   . PHE A 1 131 ? 8.050   -14.615 2.551   1.00 9.90  ? 131 PHE A O   1 
ATOM   912  C CB  . PHE A 1 131 ? 5.398   -13.446 3.591   1.00 9.60  ? 131 PHE A CB  1 
ATOM   913  C CG  . PHE A 1 131 ? 4.984   -12.652 4.808   1.00 9.20  ? 131 PHE A CG  1 
ATOM   914  C CD1 . PHE A 1 131 ? 5.944   -12.165 5.699   1.00 9.28  ? 131 PHE A CD1 1 
ATOM   915  C CD2 . PHE A 1 131 ? 3.643   -12.402 5.071   1.00 9.77  ? 131 PHE A CD2 1 
ATOM   916  C CE1 . PHE A 1 131 ? 5.572   -11.434 6.830   1.00 9.57  ? 131 PHE A CE1 1 
ATOM   917  C CE2 . PHE A 1 131 ? 3.258   -11.671 6.201   1.00 9.51  ? 131 PHE A CE2 1 
ATOM   918  C CZ  . PHE A 1 131 ? 4.228   -11.187 7.080   1.00 9.70  ? 131 PHE A CZ  1 
ATOM   919  N N   . ASN A 1 132 ? 7.237   -13.727 0.646   1.00 10.13 ? 132 ASN A N   1 
ATOM   920  C CA  . ASN A 1 132 ? 8.127   -14.506 -0.226  1.00 10.41 ? 132 ASN A CA  1 
ATOM   921  C C   . ASN A 1 132 ? 9.550   -13.931 -0.307  1.00 10.77 ? 132 ASN A C   1 
ATOM   922  O O   . ASN A 1 132 ? 10.440  -14.539 -0.907  1.00 10.82 ? 132 ASN A O   1 
ATOM   923  C CB  . ASN A 1 132 ? 7.508   -14.710 -1.617  1.00 10.35 ? 132 ASN A CB  1 
ATOM   924  C CG  . ASN A 1 132 ? 6.398   -15.756 -1.619  1.00 10.62 ? 132 ASN A CG  1 
ATOM   925  O OD1 . ASN A 1 132 ? 5.492   -15.711 -2.455  1.00 11.83 ? 132 ASN A OD1 1 
ATOM   926  N ND2 . ASN A 1 132 ? 6.469   -16.707 -0.692  1.00 9.12  ? 132 ASN A ND2 1 
ATOM   927  N N   . ASP A 1 133 ? 9.754   -12.757 0.293   1.00 11.13 ? 133 ASP A N   1 
ATOM   928  C CA  . ASP A 1 133 ? 11.091  -12.260 0.604   1.00 11.40 ? 133 ASP A CA  1 
ATOM   929  C C   . ASP A 1 133 ? 11.455  -12.849 1.967   1.00 11.69 ? 133 ASP A C   1 
ATOM   930  O O   . ASP A 1 133 ? 10.859  -12.474 2.983   1.00 11.51 ? 133 ASP A O   1 
ATOM   931  C CB  . ASP A 1 133 ? 11.113  -10.720 0.640   1.00 11.55 ? 133 ASP A CB  1 
ATOM   932  C CG  . ASP A 1 133 ? 12.494  -10.138 0.978   1.00 11.54 ? 133 ASP A CG  1 
ATOM   933  O OD1 . ASP A 1 133 ? 13.425  -10.889 1.340   1.00 11.42 ? 133 ASP A OD1 1 
ATOM   934  O OD2 . ASP A 1 133 ? 12.648  -8.898  0.881   1.00 11.68 ? 133 ASP A OD2 1 
ATOM   935  N N   . PRO A 1 134 ? 12.432  -13.778 1.993   1.00 11.94 ? 134 PRO A N   1 
ATOM   936  C CA  . PRO A 1 134 ? 12.801  -14.508 3.212   1.00 12.13 ? 134 PRO A CA  1 
ATOM   937  C C   . PRO A 1 134 ? 13.238  -13.602 4.363   1.00 12.21 ? 134 PRO A C   1 
ATOM   938  O O   . PRO A 1 134 ? 13.137  -13.994 5.528   1.00 12.34 ? 134 PRO A O   1 
ATOM   939  C CB  . PRO A 1 134 ? 13.982  -15.381 2.766   1.00 12.24 ? 134 PRO A CB  1 
ATOM   940  C CG  . PRO A 1 134 ? 13.902  -15.436 1.292   1.00 12.51 ? 134 PRO A CG  1 
ATOM   941  C CD  . PRO A 1 134 ? 13.263  -14.173 0.840   1.00 12.11 ? 134 PRO A CD  1 
ATOM   942  N N   . GLU A 1 135 ? 13.715  -12.402 4.035   1.00 11.86 ? 135 GLU A N   1 
ATOM   943  C CA  . GLU A 1 135 ? 14.201  -11.460 5.043   1.00 12.04 ? 135 GLU A CA  1 
ATOM   944  C C   . GLU A 1 135 ? 13.077  -10.648 5.707   1.00 11.47 ? 135 GLU A C   1 
ATOM   945  O O   . GLU A 1 135 ? 13.299  -9.969  6.711   1.00 11.49 ? 135 GLU A O   1 
ATOM   946  C CB  . GLU A 1 135 ? 15.273  -10.544 4.442   1.00 12.08 ? 135 GLU A CB  1 
ATOM   947  C CG  . GLU A 1 135 ? 16.528  -11.308 3.992   1.00 12.78 ? 135 GLU A CG  1 
ATOM   948  C CD  . GLU A 1 135 ? 17.632  -10.414 3.456   1.00 13.26 ? 135 GLU A CD  1 
ATOM   949  O OE1 . GLU A 1 135 ? 17.354  -9.252  3.105   1.00 14.45 ? 135 GLU A OE1 1 
ATOM   950  O OE2 . GLU A 1 135 ? 18.793  -10.880 3.387   1.00 15.37 ? 135 GLU A OE2 1 
ATOM   951  N N   . VAL A 1 136 ? 11.872  -10.738 5.154   1.00 11.08 ? 136 VAL A N   1 
ATOM   952  C CA  . VAL A 1 136 ? 10.724  -9.990  5.682   1.00 10.69 ? 136 VAL A CA  1 
ATOM   953  C C   . VAL A 1 136 ? 10.169  -10.648 6.948   1.00 10.77 ? 136 VAL A C   1 
ATOM   954  O O   . VAL A 1 136 ? 9.974   -11.865 6.996   1.00 10.84 ? 136 VAL A O   1 
ATOM   955  C CB  . VAL A 1 136 ? 9.623   -9.803  4.611   1.00 10.58 ? 136 VAL A CB  1 
ATOM   956  C CG1 . VAL A 1 136 ? 8.333   -9.250  5.232   1.00 10.13 ? 136 VAL A CG1 1 
ATOM   957  C CG2 . VAL A 1 136 ? 10.119  -8.870  3.519   1.00 10.62 ? 136 VAL A CG2 1 
ATOM   958  N N   . THR A 1 137 ? 9.920   -9.826  7.966   1.00 10.53 ? 137 THR A N   1 
ATOM   959  C CA  . THR A 1 137 ? 9.503   -10.312 9.282   1.00 10.63 ? 137 THR A CA  1 
ATOM   960  C C   . THR A 1 137 ? 8.053   -9.969  9.626   1.00 10.64 ? 137 THR A C   1 
ATOM   961  O O   . THR A 1 137 ? 7.376   -10.734 10.319  1.00 10.42 ? 137 THR A O   1 
ATOM   962  C CB  . THR A 1 137 ? 10.411  -9.735  10.384  1.00 10.60 ? 137 THR A CB  1 
ATOM   963  O OG1 . THR A 1 137 ? 10.454  -8.308  10.262  1.00 10.71 ? 137 THR A OG1 1 
ATOM   964  C CG2 . THR A 1 137 ? 11.830  -10.294 10.259  1.00 10.89 ? 137 THR A CG2 1 
ATOM   965  N N   . LYS A 1 138 ? 7.588   -8.819  9.139   1.00 10.53 ? 138 LYS A N   1 
ATOM   966  C CA  . LYS A 1 138 ? 6.302   -8.252  9.542   1.00 10.82 ? 138 LYS A CA  1 
ATOM   967  C C   . LYS A 1 138 ? 5.857   -7.210  8.518   1.00 10.22 ? 138 LYS A C   1 
ATOM   968  O O   . LYS A 1 138 ? 6.691   -6.489  7.962   1.00 10.31 ? 138 LYS A O   1 
ATOM   969  C CB  . LYS A 1 138 ? 6.446   -7.604  10.929  1.00 10.76 ? 138 LYS A CB  1 
ATOM   970  C CG  . LYS A 1 138 ? 5.172   -7.040  11.548  1.00 12.02 ? 138 LYS A CG  1 
ATOM   971  C CD  . LYS A 1 138 ? 5.445   -6.464  12.950  1.00 12.05 ? 138 LYS A CD  1 
ATOM   972  C CE  . LYS A 1 138 ? 6.336   -5.221  12.912  1.00 14.38 ? 138 LYS A CE  1 
ATOM   973  N NZ  . LYS A 1 138 ? 6.712   -4.756  14.281  1.00 15.36 ? 138 LYS A NZ  1 
ATOM   974  N N   . ILE A 1 139 ? 4.551   -7.142  8.268   1.00 9.81  ? 139 ILE A N   1 
ATOM   975  C CA  . ILE A 1 139 ? 3.979   -6.102  7.407   1.00 9.43  ? 139 ILE A CA  1 
ATOM   976  C C   . ILE A 1 139 ? 3.217   -5.103  8.270   1.00 9.35  ? 139 ILE A C   1 
ATOM   977  O O   . ILE A 1 139 ? 2.516   -5.497  9.199   1.00 9.30  ? 139 ILE A O   1 
ATOM   978  C CB  . ILE A 1 139 ? 3.006   -6.669  6.325   1.00 9.40  ? 139 ILE A CB  1 
ATOM   979  C CG1 . ILE A 1 139 ? 3.508   -8.000  5.742   1.00 9.83  ? 139 ILE A CG1 1 
ATOM   980  C CG2 . ILE A 1 139 ? 2.751   -5.633  5.227   1.00 9.44  ? 139 ILE A CG2 1 
ATOM   981  C CD1 . ILE A 1 139 ? 4.817   -7.927  4.991   1.00 10.05 ? 139 ILE A CD1 1 
ATOM   982  N N   . GLN A 1 140 ? 3.371   -3.819  7.959   1.00 9.20  ? 140 GLN A N   1 
ATOM   983  C CA  . GLN A 1 140 ? 2.641   -2.750  8.643   1.00 9.32  ? 140 GLN A CA  1 
ATOM   984  C C   . GLN A 1 140 ? 1.779   -1.963  7.665   1.00 9.61  ? 140 GLN A C   1 
ATOM   985  O O   . GLN A 1 140 ? 2.057   -1.922  6.459   1.00 9.16  ? 140 GLN A O   1 
ATOM   986  C CB  . GLN A 1 140 ? 3.608   -1.794  9.351   1.00 9.06  ? 140 GLN A CB  1 
ATOM   987  C CG  . GLN A 1 140 ? 4.487   -0.989  8.393   1.00 9.29  ? 140 GLN A CG  1 
ATOM   988  C CD  . GLN A 1 140 ? 5.367   0.038   9.077   1.00 9.20  ? 140 GLN A CD  1 
ATOM   989  O OE1 . GLN A 1 140 ? 5.547   1.154   8.575   1.00 11.08 ? 140 GLN A OE1 1 
ATOM   990  N NE2 . GLN A 1 140 ? 5.935   -0.332  10.209  1.00 7.53  ? 140 GLN A NE2 1 
ATOM   991  N N   . THR A 1 141 ? 0.719   -1.353  8.187   1.00 10.14 ? 141 THR A N   1 
ATOM   992  C CA  . THR A 1 141 ? -0.003  -0.322  7.448   1.00 10.71 ? 141 THR A CA  1 
ATOM   993  C C   . THR A 1 141 ? -0.333  0.841   8.380   1.00 10.23 ? 141 THR A C   1 
ATOM   994  O O   . THR A 1 141 ? -0.335  0.679   9.601   1.00 10.09 ? 141 THR A O   1 
ATOM   995  C CB  . THR A 1 141 ? -1.287  -0.833  6.769   1.00 11.18 ? 141 THR A CB  1 
ATOM   996  O OG1 . THR A 1 141 ? -1.135  -2.202  6.366   1.00 14.15 ? 141 THR A OG1 1 
ATOM   997  C CG2 . THR A 1 141 ? -1.543  0.006   5.548   1.00 11.93 ? 141 THR A CG2 1 
ATOM   998  N N   . ASP A 1 142 ? -0.604  2.009   7.798   1.00 10.08 ? 142 ASP A N   1 
ATOM   999  C CA  . ASP A 1 142 ? -0.873  3.219   8.582   1.00 9.85  ? 142 ASP A CA  1 
ATOM   1000 C C   . ASP A 1 142 ? -2.053  4.045   8.043   1.00 9.48  ? 142 ASP A C   1 
ATOM   1001 O O   . ASP A 1 142 ? -1.870  5.200   7.640   1.00 9.30  ? 142 ASP A O   1 
ATOM   1002 C CB  . ASP A 1 142 ? 0.395   4.081   8.700   1.00 10.06 ? 142 ASP A CB  1 
ATOM   1003 C CG  . ASP A 1 142 ? 0.848   4.668   7.363   1.00 11.03 ? 142 ASP A CG  1 
ATOM   1004 O OD1 . ASP A 1 142 ? 0.632   4.039   6.304   1.00 12.39 ? 142 ASP A OD1 1 
ATOM   1005 O OD2 . ASP A 1 142 ? 1.426   5.775   7.375   1.00 11.89 ? 142 ASP A OD2 1 
ATOM   1006 N N   . PRO A 1 143 ? -3.269  3.461   8.039   1.00 9.21  ? 143 PRO A N   1 
ATOM   1007 C CA  . PRO A 1 143 ? -4.423  4.250   7.607   1.00 9.16  ? 143 PRO A CA  1 
ATOM   1008 C C   . PRO A 1 143 ? -4.715  5.352   8.621   1.00 9.08  ? 143 PRO A C   1 
ATOM   1009 O O   . PRO A 1 143 ? -4.406  5.194   9.806   1.00 8.84  ? 143 PRO A O   1 
ATOM   1010 C CB  . PRO A 1 143 ? -5.563  3.227   7.589   1.00 9.20  ? 143 PRO A CB  1 
ATOM   1011 C CG  . PRO A 1 143 ? -5.144  2.182   8.578   1.00 9.15  ? 143 PRO A CG  1 
ATOM   1012 C CD  . PRO A 1 143 ? -3.656  2.091   8.429   1.00 9.25  ? 143 PRO A CD  1 
ATOM   1013 N N   . SER A 1 144 ? -5.281  6.465   8.159   1.00 9.22  ? 144 SER A N   1 
ATOM   1014 C CA  . SER A 1 144 ? -5.671  7.541   9.065   1.00 9.41  ? 144 SER A CA  1 
ATOM   1015 C C   . SER A 1 144 ? -6.859  7.068   9.909   1.00 9.30  ? 144 SER A C   1 
ATOM   1016 O O   . SER A 1 144 ? -7.623  6.204   9.466   1.00 8.94  ? 144 SER A O   1 
ATOM   1017 C CB  . SER A 1 144 ? -6.027  8.812   8.288   1.00 9.39  ? 144 SER A CB  1 
ATOM   1018 O OG  . SER A 1 144 ? -7.271  8.676   7.630   1.00 10.94 ? 144 SER A OG  1 
ATOM   1019 N N   . PRO A 1 145 ? -7.010  7.621   11.129  1.00 9.56  ? 145 PRO A N   1 
ATOM   1020 C CA  . PRO A 1 145 ? -8.112  7.240   12.019  1.00 9.67  ? 145 PRO A CA  1 
ATOM   1021 C C   . PRO A 1 145 ? -9.489  7.408   11.373  1.00 9.67  ? 145 PRO A C   1 
ATOM   1022 O O   . PRO A 1 145 ? -10.391 6.615   11.644  1.00 9.50  ? 145 PRO A O   1 
ATOM   1023 C CB  . PRO A 1 145 ? -7.956  8.199   13.205  1.00 9.84  ? 145 PRO A CB  1 
ATOM   1024 C CG  . PRO A 1 145 ? -6.532  8.600   13.186  1.00 9.95  ? 145 PRO A CG  1 
ATOM   1025 C CD  . PRO A 1 145 ? -6.127  8.627   11.749  1.00 9.83  ? 145 PRO A CD  1 
ATOM   1026 N N   . SER A 1 146 ? -9.637  8.423   10.521  1.00 9.80  ? 146 SER A N   1 
ATOM   1027 C CA  . SER A 1 146 ? -10.891 8.664   9.795   1.00 10.05 ? 146 SER A CA  1 
ATOM   1028 C C   . SER A 1 146 ? -11.201 7.606   8.729   1.00 10.19 ? 146 SER A C   1 
ATOM   1029 O O   . SER A 1 146 ? -12.366 7.427   8.348   1.00 10.33 ? 146 SER A O   1 
ATOM   1030 C CB  . SER A 1 146 ? -10.885 10.056  9.149   1.00 9.87  ? 146 SER A CB  1 
ATOM   1031 O OG  . SER A 1 146 ? -10.935 11.081  10.131  1.00 10.69 ? 146 SER A OG  1 
ATOM   1032 N N   . ASN A 1 147 ? -10.170 6.906   8.255   1.00 10.30 ? 147 ASN A N   1 
ATOM   1033 C CA  . ASN A 1 147 ? -10.324 5.964   7.144   1.00 10.49 ? 147 ASN A CA  1 
ATOM   1034 C C   . ASN A 1 147 ? -10.781 4.574   7.581   1.00 10.60 ? 147 ASN A C   1 
ATOM   1035 O O   . ASN A 1 147 ? -10.044 3.590   7.466   1.00 10.49 ? 147 ASN A O   1 
ATOM   1036 C CB  . ASN A 1 147 ? -9.033  5.889   6.320   1.00 10.49 ? 147 ASN A CB  1 
ATOM   1037 C CG  . ASN A 1 147 ? -9.275  5.417   4.894   1.00 11.00 ? 147 ASN A CG  1 
ATOM   1038 O OD1 . ASN A 1 147 ? -10.360 4.940   4.551   1.00 11.73 ? 147 ASN A OD1 1 
ATOM   1039 N ND2 . ASN A 1 147 ? -8.250  5.542   4.054   1.00 10.86 ? 147 ASN A ND2 1 
ATOM   1040 N N   . LEU A 1 148 ? -12.020 4.503   8.062   1.00 10.84 ? 148 LEU A N   1 
ATOM   1041 C CA  . LEU A 1 148 ? -12.566 3.285   8.653   1.00 10.87 ? 148 LEU A CA  1 
ATOM   1042 C C   . LEU A 1 148 ? -12.726 2.131   7.665   1.00 10.99 ? 148 LEU A C   1 
ATOM   1043 O O   . LEU A 1 148 ? -12.588 0.965   8.045   1.00 10.90 ? 148 LEU A O   1 
ATOM   1044 C CB  . LEU A 1 148 ? -13.899 3.586   9.351   1.00 11.00 ? 148 LEU A CB  1 
ATOM   1045 C CG  . LEU A 1 148 ? -13.850 4.624   10.479  1.00 11.24 ? 148 LEU A CG  1 
ATOM   1046 C CD1 . LEU A 1 148 ? -15.261 5.036   10.886  1.00 12.41 ? 148 LEU A CD1 1 
ATOM   1047 C CD2 . LEU A 1 148 ? -13.060 4.102   11.681  1.00 11.62 ? 148 LEU A CD2 1 
ATOM   1048 N N   . ARG A 1 149 ? -13.004 2.457   6.403   1.00 11.09 ? 149 ARG A N   1 
ATOM   1049 C CA  . ARG A 1 149 ? -13.118 1.441   5.355   1.00 11.49 ? 149 ARG A CA  1 
ATOM   1050 C C   . ARG A 1 149 ? -11.777 0.741   5.119   1.00 11.25 ? 149 ARG A C   1 
ATOM   1051 O O   . ARG A 1 149 ? -11.723 -0.485  5.026   1.00 11.38 ? 149 ARG A O   1 
ATOM   1052 C CB  . ARG A 1 149 ? -13.642 2.058   4.055   1.00 11.33 ? 149 ARG A CB  1 
ATOM   1053 C CG  . ARG A 1 149 ? -13.775 1.076   2.891   1.00 12.25 ? 149 ARG A CG  1 
ATOM   1054 C CD  . ARG A 1 149 ? -14.344 1.755   1.653   1.00 12.34 ? 149 ARG A CD  1 
ATOM   1055 N NE  . ARG A 1 149 ? -13.543 2.906   1.235   1.00 13.83 ? 149 ARG A NE  1 
ATOM   1056 C CZ  . ARG A 1 149 ? -13.964 3.857   0.406   1.00 15.10 ? 149 ARG A CZ  1 
ATOM   1057 N NH1 . ARG A 1 149 ? -15.187 3.807   -0.107  1.00 16.29 ? 149 ARG A NH1 1 
ATOM   1058 N NH2 . ARG A 1 149 ? -13.159 4.866   0.092   1.00 15.46 ? 149 ARG A NH2 1 
ATOM   1059 N N   . ALA A 1 150 ? -10.704 1.526   5.034   1.00 11.09 ? 150 ALA A N   1 
ATOM   1060 C CA  . ALA A 1 150 ? -9.355  0.976   4.873   1.00 11.18 ? 150 ALA A CA  1 
ATOM   1061 C C   . ALA A 1 150 ? -8.960  0.101   6.063   1.00 11.20 ? 150 ALA A C   1 
ATOM   1062 O O   . ALA A 1 150 ? -8.428  -0.999  5.885   1.00 10.96 ? 150 ALA A O   1 
ATOM   1063 C CB  . ALA A 1 150 ? -8.336  2.093   4.662   1.00 11.13 ? 150 ALA A CB  1 
ATOM   1064 N N   . ILE A 1 151 ? -9.239  0.590   7.271   1.00 11.32 ? 151 ILE A N   1 
ATOM   1065 C CA  . ILE A 1 151 ? -8.960  -0.151  8.504   1.00 11.58 ? 151 ILE A CA  1 
ATOM   1066 C C   . ILE A 1 151 ? -9.644  -1.523  8.490   1.00 12.04 ? 151 ILE A C   1 
ATOM   1067 O O   . ILE A 1 151 ? -8.994  -2.543  8.737   1.00 12.05 ? 151 ILE A O   1 
ATOM   1068 C CB  . ILE A 1 151 ? -9.358  0.668   9.768   1.00 11.39 ? 151 ILE A CB  1 
ATOM   1069 C CG1 . ILE A 1 151 ? -8.446  1.893   9.912   1.00 11.57 ? 151 ILE A CG1 1 
ATOM   1070 C CG2 . ILE A 1 151 ? -9.272  -0.193  11.025  1.00 11.71 ? 151 ILE A CG2 1 
ATOM   1071 C CD1 . ILE A 1 151 ? -8.963  2.966   10.869  1.00 11.43 ? 151 ILE A CD1 1 
ATOM   1072 N N   . ARG A 1 152 ? -10.938 -1.547  8.171   1.00 12.68 ? 152 ARG A N   1 
ATOM   1073 C CA  . ARG A 1 152 ? -11.688 -2.807  8.097   1.00 13.44 ? 152 ARG A CA  1 
ATOM   1074 C C   . ARG A 1 152 ? -11.148 -3.731  7.001   1.00 13.44 ? 152 ARG A C   1 
ATOM   1075 O O   . ARG A 1 152 ? -11.061 -4.944  7.200   1.00 13.66 ? 152 ARG A O   1 
ATOM   1076 C CB  . ARG A 1 152 ? -13.194 -2.553  7.922   1.00 13.79 ? 152 ARG A CB  1 
ATOM   1077 C CG  . ARG A 1 152 ? -14.074 -3.818  7.823   1.00 15.24 ? 152 ARG A CG  1 
ATOM   1078 C CD  . ARG A 1 152 ? -13.888 -4.787  8.988   1.00 17.89 ? 152 ARG A CD  1 
ATOM   1079 N NE  . ARG A 1 152 ? -14.591 -6.049  8.753   1.00 19.63 ? 152 ARG A NE  1 
ATOM   1080 C CZ  . ARG A 1 152 ? -14.274 -7.214  9.316   1.00 20.58 ? 152 ARG A CZ  1 
ATOM   1081 N NH1 . ARG A 1 152 ? -13.251 -7.306  10.158  1.00 20.68 ? 152 ARG A NH1 1 
ATOM   1082 N NH2 . ARG A 1 152 ? -14.985 -8.297  9.031   1.00 21.49 ? 152 ARG A NH2 1 
ATOM   1083 N N   . CYS A 1 153 ? -10.766 -3.158  5.861   1.00 13.69 ? 153 CYS A N   1 
ATOM   1084 C CA  . CYS A 1 153 ? -10.137 -3.932  4.788   1.00 13.74 ? 153 CYS A CA  1 
ATOM   1085 C C   . CYS A 1 153 ? -8.877  -4.651  5.276   1.00 13.76 ? 153 CYS A C   1 
ATOM   1086 O O   . CYS A 1 153 ? -8.712  -5.849  5.034   1.00 13.59 ? 153 CYS A O   1 
ATOM   1087 C CB  . CYS A 1 153 ? -9.811  -3.049  3.578   1.00 13.77 ? 153 CYS A CB  1 
ATOM   1088 S SG  . CYS A 1 153 ? -8.819  -3.887  2.300   1.00 14.07 ? 153 CYS A SG  1 
ATOM   1089 N N   . TYR A 1 154 ? -7.996  -3.923  5.963   1.00 13.81 ? 154 TYR A N   1 
ATOM   1090 C CA  . TYR A 1 154 ? -6.754  -4.510  6.472   1.00 14.32 ? 154 TYR A CA  1 
ATOM   1091 C C   . TYR A 1 154 ? -7.019  -5.607  7.501   1.00 14.45 ? 154 TYR A C   1 
ATOM   1092 O O   . TYR A 1 154 ? -6.321  -6.624  7.524   1.00 14.19 ? 154 TYR A O   1 
ATOM   1093 C CB  . TYR A 1 154 ? -5.836  -3.438  7.063   1.00 14.78 ? 154 TYR A CB  1 
ATOM   1094 C CG  . TYR A 1 154 ? -5.277  -2.464  6.049   1.00 15.63 ? 154 TYR A CG  1 
ATOM   1095 C CD1 . TYR A 1 154 ? -4.619  -2.916  4.901   1.00 16.33 ? 154 TYR A CD1 1 
ATOM   1096 C CD2 . TYR A 1 154 ? -5.376  -1.089  6.255   1.00 15.96 ? 154 TYR A CD2 1 
ATOM   1097 C CE1 . TYR A 1 154 ? -4.100  -2.014  3.972   1.00 16.94 ? 154 TYR A CE1 1 
ATOM   1098 C CE2 . TYR A 1 154 ? -4.869  -0.183  5.339   1.00 16.89 ? 154 TYR A CE2 1 
ATOM   1099 C CZ  . TYR A 1 154 ? -4.231  -0.650  4.200   1.00 17.00 ? 154 TYR A CZ  1 
ATOM   1100 O OH  . TYR A 1 154 ? -3.711  0.258   3.299   1.00 18.06 ? 154 TYR A OH  1 
ATOM   1101 N N   . GLU A 1 155 ? -8.028  -5.399  8.343   1.00 14.70 ? 155 GLU A N   1 
ATOM   1102 C CA  . GLU A 1 155 ? -8.438  -6.411  9.320   1.00 15.37 ? 155 GLU A CA  1 
ATOM   1103 C C   . GLU A 1 155 ? -8.866  -7.706  8.638   1.00 15.29 ? 155 GLU A C   1 
ATOM   1104 O O   . GLU A 1 155 ? -8.445  -8.793  9.045   1.00 15.39 ? 155 GLU A O   1 
ATOM   1105 C CB  . GLU A 1 155 ? -9.564  -5.887  10.210  1.00 15.54 ? 155 GLU A CB  1 
ATOM   1106 C CG  . GLU A 1 155 ? -9.093  -4.951  11.302  1.00 17.77 ? 155 GLU A CG  1 
ATOM   1107 C CD  . GLU A 1 155 ? -10.189 -4.613  12.289  1.00 20.30 ? 155 GLU A CD  1 
ATOM   1108 O OE1 . GLU A 1 155 ? -11.376 -4.608  11.888  1.00 22.20 ? 155 GLU A OE1 1 
ATOM   1109 O OE2 . GLU A 1 155 ? -9.863  -4.355  13.468  1.00 21.98 ? 155 GLU A OE2 1 
ATOM   1110 N N   . LYS A 1 156 ? -9.690  -7.578  7.598   1.00 15.36 ? 156 LYS A N   1 
ATOM   1111 C CA  . LYS A 1 156 ? -10.137 -8.718  6.788   1.00 15.75 ? 156 LYS A CA  1 
ATOM   1112 C C   . LYS A 1 156 ? -8.963  -9.453  6.136   1.00 15.52 ? 156 LYS A C   1 
ATOM   1113 O O   . LYS A 1 156 ? -9.021  -10.665 5.932   1.00 15.51 ? 156 LYS A O   1 
ATOM   1114 C CB  . LYS A 1 156 ? -11.104 -8.254  5.697   1.00 15.71 ? 156 LYS A CB  1 
ATOM   1115 C CG  . LYS A 1 156 ? -12.499 -7.870  6.187   1.00 16.39 ? 156 LYS A CG  1 
ATOM   1116 C CD  . LYS A 1 156 ? -13.282 -7.121  5.106   1.00 16.75 ? 156 LYS A CD  1 
ATOM   1117 C CE  . LYS A 1 156 ? -13.641 -8.016  3.927   1.00 19.26 ? 156 LYS A CE  1 
ATOM   1118 N NZ  . LYS A 1 156 ? -14.310 -7.260  2.829   1.00 19.96 ? 156 LYS A NZ  1 
ATOM   1119 N N   . ALA A 1 157 ? -7.909  -8.705  5.816   1.00 15.32 ? 157 ALA A N   1 
ATOM   1120 C CA  . ALA A 1 157 ? -6.714  -9.251  5.173   1.00 15.14 ? 157 ALA A CA  1 
ATOM   1121 C C   . ALA A 1 157 ? -5.692  -9.804  6.175   1.00 15.01 ? 157 ALA A C   1 
ATOM   1122 O O   . ALA A 1 157 ? -4.626  -10.285 5.779   1.00 15.25 ? 157 ALA A O   1 
ATOM   1123 C CB  . ALA A 1 157 ? -6.077  -8.201  4.277   1.00 15.06 ? 157 ALA A CB  1 
ATOM   1124 N N   . GLY A 1 158 ? -6.013  -9.727  7.465   1.00 14.69 ? 158 GLY A N   1 
ATOM   1125 C CA  . GLY A 1 158 ? -5.198  -10.354 8.506   1.00 14.30 ? 158 GLY A CA  1 
ATOM   1126 C C   . GLY A 1 158 ? -4.335  -9.433  9.348   1.00 13.93 ? 158 GLY A C   1 
ATOM   1127 O O   . GLY A 1 158 ? -3.489  -9.902  10.112  1.00 14.01 ? 158 GLY A O   1 
ATOM   1128 N N   . PHE A 1 159 ? -4.538  -8.125  9.207   1.00 13.53 ? 159 PHE A N   1 
ATOM   1129 C CA  . PHE A 1 159 ? -3.832  -7.144  10.026  1.00 13.33 ? 159 PHE A CA  1 
ATOM   1130 C C   . PHE A 1 159 ? -4.546  -6.922  11.351  1.00 13.69 ? 159 PHE A C   1 
ATOM   1131 O O   . PHE A 1 159 ? -5.770  -7.041  11.442  1.00 13.63 ? 159 PHE A O   1 
ATOM   1132 C CB  . PHE A 1 159 ? -3.692  -5.810  9.290   1.00 12.90 ? 159 PHE A CB  1 
ATOM   1133 C CG  . PHE A 1 159 ? -2.662  -5.824  8.199   1.00 11.94 ? 159 PHE A CG  1 
ATOM   1134 C CD1 . PHE A 1 159 ? -1.367  -5.376  8.445   1.00 11.87 ? 159 PHE A CD1 1 
ATOM   1135 C CD2 . PHE A 1 159 ? -2.985  -6.281  6.925   1.00 12.28 ? 159 PHE A CD2 1 
ATOM   1136 C CE1 . PHE A 1 159 ? -0.408  -5.383  7.438   1.00 11.17 ? 159 PHE A CE1 1 
ATOM   1137 C CE2 . PHE A 1 159 ? -2.029  -6.298  5.910   1.00 11.99 ? 159 PHE A CE2 1 
ATOM   1138 C CZ  . PHE A 1 159 ? -0.743  -5.847  6.165   1.00 11.95 ? 159 PHE A CZ  1 
ATOM   1139 N N   . GLU A 1 160 ? -3.769  -6.594  12.374  1.00 14.06 ? 160 GLU A N   1 
ATOM   1140 C CA  . GLU A 1 160 ? -4.324  -6.287  13.685  1.00 14.67 ? 160 GLU A CA  1 
ATOM   1141 C C   . GLU A 1 160 ? -3.950  -4.876  14.112  1.00 14.39 ? 160 GLU A C   1 
ATOM   1142 O O   . GLU A 1 160 ? -2.785  -4.486  14.020  1.00 13.86 ? 160 GLU A O   1 
ATOM   1143 C CB  . GLU A 1 160 ? -3.840  -7.309  14.710  1.00 15.08 ? 160 GLU A CB  1 
ATOM   1144 C CG  . GLU A 1 160 ? -4.484  -8.676  14.539  1.00 17.90 ? 160 GLU A CG  1 
ATOM   1145 C CD  . GLU A 1 160 ? -3.829  -9.753  15.379  1.00 21.07 ? 160 GLU A CD  1 
ATOM   1146 O OE1 . GLU A 1 160 ? -3.317  -9.442  16.478  1.00 22.96 ? 160 GLU A OE1 1 
ATOM   1147 O OE2 . GLU A 1 160 ? -3.833  -10.921 14.934  1.00 23.49 ? 160 GLU A OE2 1 
ATOM   1148 N N   . ARG A 1 161 ? -4.947  -4.116  14.571  1.00 14.19 ? 161 ARG A N   1 
ATOM   1149 C CA  . ARG A 1 161 ? -4.720  -2.768  15.101  1.00 14.40 ? 161 ARG A CA  1 
ATOM   1150 C C   . ARG A 1 161 ? -3.881  -2.837  16.371  1.00 14.32 ? 161 ARG A C   1 
ATOM   1151 O O   . ARG A 1 161 ? -4.197  -3.593  17.294  1.00 14.69 ? 161 ARG A O   1 
ATOM   1152 C CB  . ARG A 1 161 ? -6.045  -2.054  15.409  1.00 14.25 ? 161 ARG A CB  1 
ATOM   1153 C CG  . ARG A 1 161 ? -6.987  -1.890  14.235  1.00 14.50 ? 161 ARG A CG  1 
ATOM   1154 C CD  . ARG A 1 161 ? -8.268  -1.165  14.654  1.00 14.89 ? 161 ARG A CD  1 
ATOM   1155 N NE  . ARG A 1 161 ? -9.451  -1.801  14.079  1.00 16.24 ? 161 ARG A NE  1 
ATOM   1156 C CZ  . ARG A 1 161 ? -10.681 -1.299  14.109  1.00 17.04 ? 161 ARG A CZ  1 
ATOM   1157 N NH1 . ARG A 1 161 ? -10.927 -0.128  14.683  1.00 17.54 ? 161 ARG A NH1 1 
ATOM   1158 N NH2 . ARG A 1 161 ? -11.676 -1.975  13.551  1.00 17.55 ? 161 ARG A NH2 1 
ATOM   1159 N N   . GLN A 1 162 ? -2.816  -2.042  16.408  1.00 14.01 ? 162 GLN A N   1 
ATOM   1160 C CA  . GLN A 1 162 ? -1.910  -1.998  17.552  1.00 13.84 ? 162 GLN A CA  1 
ATOM   1161 C C   . GLN A 1 162 ? -2.203  -0.794  18.436  1.00 13.45 ? 162 GLN A C   1 
ATOM   1162 O O   . GLN A 1 162 ? -2.259  -0.907  19.657  1.00 13.46 ? 162 GLN A O   1 
ATOM   1163 C CB  . GLN A 1 162 ? -0.456  -1.954  17.078  1.00 13.98 ? 162 GLN A CB  1 
ATOM   1164 C CG  . GLN A 1 162 ? -0.040  -3.168  16.260  1.00 14.98 ? 162 GLN A CG  1 
ATOM   1165 C CD  . GLN A 1 162 ? -0.255  -4.467  17.013  1.00 15.48 ? 162 GLN A CD  1 
ATOM   1166 O OE1 . GLN A 1 162 ? 0.394   -4.724  18.028  1.00 16.84 ? 162 GLN A OE1 1 
ATOM   1167 N NE2 . GLN A 1 162 ? -1.179  -5.288  16.525  1.00 15.19 ? 162 GLN A NE2 1 
ATOM   1168 N N   . GLY A 1 163 ? -2.383  0.358   17.801  1.00 13.08 ? 163 GLY A N   1 
ATOM   1169 C CA  . GLY A 1 163 ? -2.623  1.601   18.510  1.00 12.48 ? 163 GLY A CA  1 
ATOM   1170 C C   . GLY A 1 163 ? -2.357  2.788   17.610  1.00 12.32 ? 163 GLY A C   1 
ATOM   1171 O O   . GLY A 1 163 ? -2.088  2.628   16.415  1.00 12.26 ? 163 GLY A O   1 
ATOM   1172 N N   . THR A 1 164 ? -2.427  3.976   18.195  1.00 11.87 ? 164 THR A N   1 
ATOM   1173 C CA  . THR A 1 164 ? -2.261  5.222   17.463  1.00 11.71 ? 164 THR A CA  1 
ATOM   1174 C C   . THR A 1 164 ? -0.800  5.664   17.468  1.00 12.17 ? 164 THR A C   1 
ATOM   1175 O O   . THR A 1 164 ? -0.143  5.638   18.509  1.00 12.27 ? 164 THR A O   1 
ATOM   1176 C CB  . THR A 1 164 ? -3.168  6.321   18.064  1.00 11.63 ? 164 THR A CB  1 
ATOM   1177 O OG1 . THR A 1 164 ? -4.531  5.891   17.989  1.00 9.97  ? 164 THR A OG1 1 
ATOM   1178 C CG2 . THR A 1 164 ? -3.014  7.650   17.320  1.00 11.20 ? 164 THR A CG2 1 
ATOM   1179 N N   . VAL A 1 165 ? -0.300  6.045   16.293  1.00 12.30 ? 165 VAL A N   1 
ATOM   1180 C CA  . VAL A 1 165 ? 1.062   6.572   16.150  1.00 12.77 ? 165 VAL A CA  1 
ATOM   1181 C C   . VAL A 1 165 ? 1.044   7.921   15.439  1.00 13.09 ? 165 VAL A C   1 
ATOM   1182 O O   . VAL A 1 165 ? 0.121   8.210   14.679  1.00 13.16 ? 165 VAL A O   1 
ATOM   1183 C CB  . VAL A 1 165 ? 2.009   5.597   15.382  1.00 12.73 ? 165 VAL A CB  1 
ATOM   1184 C CG1 . VAL A 1 165 ? 2.257   4.328   16.193  1.00 12.93 ? 165 VAL A CG1 1 
ATOM   1185 C CG2 . VAL A 1 165 ? 1.463   5.263   13.985  1.00 12.77 ? 165 VAL A CG2 1 
ATOM   1186 N N   . THR A 1 166 ? 2.063   8.739   15.696  1.00 13.57 ? 166 THR A N   1 
ATOM   1187 C CA  . THR A 1 166 ? 2.229   10.014  15.001  1.00 14.30 ? 166 THR A CA  1 
ATOM   1188 C C   . THR A 1 166 ? 3.137   9.825   13.788  1.00 14.39 ? 166 THR A C   1 
ATOM   1189 O O   . THR A 1 166 ? 4.252   9.315   13.915  1.00 14.57 ? 166 THR A O   1 
ATOM   1190 C CB  . THR A 1 166 ? 2.832   11.094  15.931  1.00 14.47 ? 166 THR A CB  1 
ATOM   1191 O OG1 . THR A 1 166 ? 1.980   11.279  17.068  1.00 15.25 ? 166 THR A OG1 1 
ATOM   1192 C CG2 . THR A 1 166 ? 2.989   12.430  15.199  1.00 15.15 ? 166 THR A CG2 1 
ATOM   1193 N N   . THR A 1 167 ? 2.643   10.224  12.618  1.00 14.42 ? 167 THR A N   1 
ATOM   1194 C CA  . THR A 1 167 ? 3.436   10.220  11.389  1.00 14.67 ? 167 THR A CA  1 
ATOM   1195 C C   . THR A 1 167 ? 3.560   11.664  10.886  1.00 14.80 ? 167 THR A C   1 
ATOM   1196 O O   . THR A 1 167 ? 2.818   12.537  11.346  1.00 14.68 ? 167 THR A O   1 
ATOM   1197 C CB  . THR A 1 167 ? 2.811   9.319   10.281  1.00 14.62 ? 167 THR A CB  1 
ATOM   1198 O OG1 . THR A 1 167 ? 1.754   10.019  9.611   1.00 14.69 ? 167 THR A OG1 1 
ATOM   1199 C CG2 . THR A 1 167 ? 2.287   7.999   10.852  1.00 14.71 ? 167 THR A CG2 1 
ATOM   1200 N N   . PRO A 1 168 ? 4.504   11.929  9.959   1.00 15.00 ? 168 PRO A N   1 
ATOM   1201 C CA  . PRO A 1 168 ? 4.598   13.262  9.348   1.00 15.20 ? 168 PRO A CA  1 
ATOM   1202 C C   . PRO A 1 168 ? 3.304   13.759  8.687   1.00 15.55 ? 168 PRO A C   1 
ATOM   1203 O O   . PRO A 1 168 ? 3.122   14.969  8.541   1.00 15.67 ? 168 PRO A O   1 
ATOM   1204 C CB  . PRO A 1 168 ? 5.694   13.083  8.295   1.00 15.23 ? 168 PRO A CB  1 
ATOM   1205 C CG  . PRO A 1 168 ? 6.543   11.998  8.840   1.00 15.09 ? 168 PRO A CG  1 
ATOM   1206 C CD  . PRO A 1 168 ? 5.571   11.039  9.464   1.00 15.01 ? 168 PRO A CD  1 
ATOM   1207 N N   . ASP A 1 169 ? 2.426   12.839  8.291   1.00 15.54 ? 169 ASP A N   1 
ATOM   1208 C CA  . ASP A 1 169 ? 1.140   13.205  7.691   1.00 15.89 ? 169 ASP A CA  1 
ATOM   1209 C C   . ASP A 1 169 ? 0.015   13.377  8.721   1.00 15.61 ? 169 ASP A C   1 
ATOM   1210 O O   . ASP A 1 169 ? -1.095  13.790  8.372   1.00 15.98 ? 169 ASP A O   1 
ATOM   1211 C CB  . ASP A 1 169 ? 0.736   12.188  6.617   1.00 16.24 ? 169 ASP A CB  1 
ATOM   1212 C CG  . ASP A 1 169 ? 1.482   12.388  5.305   1.00 17.26 ? 169 ASP A CG  1 
ATOM   1213 O OD1 . ASP A 1 169 ? 2.152   13.430  5.140   1.00 19.11 ? 169 ASP A OD1 1 
ATOM   1214 O OD2 . ASP A 1 169 ? 1.386   11.503  4.431   1.00 19.13 ? 169 ASP A OD2 1 
ATOM   1215 N N   . GLY A 1 170 ? 0.315   13.083  9.984   1.00 14.96 ? 170 GLY A N   1 
ATOM   1216 C CA  . GLY A 1 170 ? -0.681  13.125  11.055  1.00 14.14 ? 170 GLY A CA  1 
ATOM   1217 C C   . GLY A 1 170 ? -0.788  11.785  11.764  1.00 13.49 ? 170 GLY A C   1 
ATOM   1218 O O   . GLY A 1 170 ? 0.006   10.879  11.496  1.00 13.49 ? 170 GLY A O   1 
ATOM   1219 N N   . PRO A 1 171 ? -1.770  11.642  12.674  1.00 12.93 ? 171 PRO A N   1 
ATOM   1220 C CA  . PRO A 1 171 ? -1.915  10.368  13.378  1.00 12.37 ? 171 PRO A CA  1 
ATOM   1221 C C   . PRO A 1 171 ? -2.373  9.254   12.448  1.00 11.88 ? 171 PRO A C   1 
ATOM   1222 O O   . PRO A 1 171 ? -3.029  9.516   11.432  1.00 11.68 ? 171 PRO A O   1 
ATOM   1223 C CB  . PRO A 1 171 ? -2.999  10.660  14.422  1.00 12.32 ? 171 PRO A CB  1 
ATOM   1224 C CG  . PRO A 1 171 ? -3.786  11.773  13.839  1.00 12.73 ? 171 PRO A CG  1 
ATOM   1225 C CD  . PRO A 1 171 ? -2.792  12.619  13.094  1.00 12.90 ? 171 PRO A CD  1 
ATOM   1226 N N   . ALA A 1 172 ? -2.009  8.025   12.794  1.00 11.29 ? 172 ALA A N   1 
ATOM   1227 C CA  . ALA A 1 172 ? -2.420  6.857   12.038  1.00 10.79 ? 172 ALA A CA  1 
ATOM   1228 C C   . ALA A 1 172 ? -2.742  5.709   12.981  1.00 10.62 ? 172 ALA A C   1 
ATOM   1229 O O   . ALA A 1 172 ? -2.196  5.624   14.090  1.00 10.35 ? 172 ALA A O   1 
ATOM   1230 C CB  . ALA A 1 172 ? -1.329  6.451   11.049  1.00 10.93 ? 172 ALA A CB  1 
ATOM   1231 N N   . VAL A 1 173 ? -3.645  4.840   12.538  1.00 10.04 ? 173 VAL A N   1 
ATOM   1232 C CA  . VAL A 1 173 ? -3.914  3.591   13.236  1.00 9.98  ? 173 VAL A CA  1 
ATOM   1233 C C   . VAL A 1 173 ? -2.876  2.590   12.727  1.00 9.67  ? 173 VAL A C   1 
ATOM   1234 O O   . VAL A 1 173 ? -2.950  2.125   11.594  1.00 9.74  ? 173 VAL A O   1 
ATOM   1235 C CB  . VAL A 1 173 ? -5.362  3.097   12.997  1.00 9.80  ? 173 VAL A CB  1 
ATOM   1236 C CG1 . VAL A 1 173 ? -5.621  1.774   13.721  1.00 9.88  ? 173 VAL A CG1 1 
ATOM   1237 C CG2 . VAL A 1 173 ? -6.365  4.158   13.461  1.00 10.42 ? 173 VAL A CG2 1 
ATOM   1238 N N   . TYR A 1 174 ? -1.887  2.303   13.565  1.00 9.80  ? 174 TYR A N   1 
ATOM   1239 C CA  . TYR A 1 174 ? -0.806  1.392   13.205  1.00 9.65  ? 174 TYR A CA  1 
ATOM   1240 C C   . TYR A 1 174 ? -1.292  -0.057  13.269  1.00 9.76  ? 174 TYR A C   1 
ATOM   1241 O O   . TYR A 1 174 ? -1.753  -0.517  14.315  1.00 9.79  ? 174 TYR A O   1 
ATOM   1242 C CB  . TYR A 1 174 ? 0.389   1.617   14.136  1.00 9.84  ? 174 TYR A CB  1 
ATOM   1243 C CG  . TYR A 1 174 ? 1.645   0.889   13.720  1.00 9.41  ? 174 TYR A CG  1 
ATOM   1244 C CD1 . TYR A 1 174 ? 2.325   1.244   12.551  1.00 9.38  ? 174 TYR A CD1 1 
ATOM   1245 C CD2 . TYR A 1 174 ? 2.161   -0.146  14.495  1.00 9.79  ? 174 TYR A CD2 1 
ATOM   1246 C CE1 . TYR A 1 174 ? 3.482   0.580   12.161  1.00 9.60  ? 174 TYR A CE1 1 
ATOM   1247 C CE2 . TYR A 1 174 ? 3.328   -0.819  14.115  1.00 9.69  ? 174 TYR A CE2 1 
ATOM   1248 C CZ  . TYR A 1 174 ? 3.978   -0.451  12.945  1.00 10.07 ? 174 TYR A CZ  1 
ATOM   1249 O OH  . TYR A 1 174 ? 5.128   -1.110  12.557  1.00 10.20 ? 174 TYR A OH  1 
ATOM   1250 N N   . MET A 1 175 ? -1.199  -0.763  12.141  1.00 9.64  ? 175 MET A N   1 
ATOM   1251 C CA  . MET A 1 175 ? -1.688  -2.139  12.034  1.00 9.59  ? 175 MET A CA  1 
ATOM   1252 C C   . MET A 1 175 ? -0.572  -3.044  11.538  1.00 9.62  ? 175 MET A C   1 
ATOM   1253 O O   . MET A 1 175 ? 0.231   -2.631  10.706  1.00 9.25  ? 175 MET A O   1 
ATOM   1254 C CB  . MET A 1 175 ? -2.879  -2.219  11.076  1.00 9.70  ? 175 MET A CB  1 
ATOM   1255 C CG  . MET A 1 175 ? -4.020  -1.263  11.417  1.00 9.48  ? 175 MET A CG  1 
ATOM   1256 S SD  . MET A 1 175 ? -5.375  -1.367  10.249  1.00 10.45 ? 175 MET A SD  1 
ATOM   1257 C CE  . MET A 1 175 ? -6.100  -2.940  10.707  1.00 10.06 ? 175 MET A CE  1 
ATOM   1258 N N   . VAL A 1 176 ? -0.516  -4.269  12.060  1.00 9.69  ? 176 VAL A N   1 
ATOM   1259 C CA  . VAL A 1 176 ? 0.561   -5.196  11.689  1.00 10.14 ? 176 VAL A CA  1 
ATOM   1260 C C   . VAL A 1 176 ? 0.082   -6.619  11.419  1.00 10.21 ? 176 VAL A C   1 
ATOM   1261 O O   . VAL A 1 176 ? -0.951  -7.055  11.934  1.00 10.20 ? 176 VAL A O   1 
ATOM   1262 C CB  . VAL A 1 176 ? 1.723   -5.238  12.738  1.00 10.07 ? 176 VAL A CB  1 
ATOM   1263 C CG1 . VAL A 1 176 ? 2.364   -3.864  12.917  1.00 10.73 ? 176 VAL A CG1 1 
ATOM   1264 C CG2 . VAL A 1 176 ? 1.251   -5.795  14.076  1.00 11.00 ? 176 VAL A CG2 1 
ATOM   1265 N N   . GLN A 1 177 ? 0.848   -7.327  10.594  1.00 10.48 ? 177 GLN A N   1 
ATOM   1266 C CA  . GLN A 1 177 ? 0.682   -8.759  10.393  1.00 10.64 ? 177 GLN A CA  1 
ATOM   1267 C C   . GLN A 1 177 ? 2.073   -9.387  10.372  1.00 10.56 ? 177 GLN A C   1 
ATOM   1268 O O   . GLN A 1 177 ? 2.905   -9.042  9.532   1.00 10.21 ? 177 GLN A O   1 
ATOM   1269 C CB  . GLN A 1 177 ? -0.072  -9.043  9.091   1.00 10.74 ? 177 GLN A CB  1 
ATOM   1270 C CG  . GLN A 1 177 ? -0.293  -10.524 8.809   1.00 11.20 ? 177 GLN A CG  1 
ATOM   1271 C CD  . GLN A 1 177 ? -1.216  -10.781 7.633   1.00 11.43 ? 177 GLN A CD  1 
ATOM   1272 O OE1 . GLN A 1 177 ? -1.620  -9.858  6.918   1.00 13.78 ? 177 GLN A OE1 1 
ATOM   1273 N NE2 . GLN A 1 177 ? -1.566  -12.044 7.433   1.00 12.44 ? 177 GLN A NE2 1 
ATOM   1274 N N   . THR A 1 178 ? 2.325   -10.293 11.313  1.00 10.70 ? 178 THR A N   1 
ATOM   1275 C CA  . THR A 1 178 ? 3.637   -10.928 11.434  1.00 10.91 ? 178 THR A CA  1 
ATOM   1276 C C   . THR A 1 178 ? 3.735   -12.141 10.520  1.00 10.92 ? 178 THR A C   1 
ATOM   1277 O O   . THR A 1 178 ? 2.719   -12.667 10.059  1.00 10.68 ? 178 THR A O   1 
ATOM   1278 C CB  . THR A 1 178 ? 3.925   -11.392 12.881  1.00 11.06 ? 178 THR A CB  1 
ATOM   1279 O OG1 . THR A 1 178 ? 2.992   -12.416 13.249  1.00 11.47 ? 178 THR A OG1 1 
ATOM   1280 C CG2 . THR A 1 178 ? 3.829   -10.226 13.857  1.00 11.39 ? 178 THR A CG2 1 
ATOM   1281 N N   . ARG A 1 179 ? 4.962   -12.589 10.264  1.00 11.10 ? 179 ARG A N   1 
ATOM   1282 C CA  . ARG A 1 179 ? 5.177   -13.799 9.478   1.00 11.63 ? 179 ARG A CA  1 
ATOM   1283 C C   . ARG A 1 179 ? 4.492   -15.003 10.121  1.00 12.23 ? 179 ARG A C   1 
ATOM   1284 O O   . ARG A 1 179 ? 3.830   -15.775 9.431   1.00 12.17 ? 179 ARG A O   1 
ATOM   1285 C CB  . ARG A 1 179 ? 6.667   -14.073 9.279   1.00 11.35 ? 179 ARG A CB  1 
ATOM   1286 C CG  . ARG A 1 179 ? 6.937   -15.310 8.425   1.00 11.06 ? 179 ARG A CG  1 
ATOM   1287 C CD  . ARG A 1 179 ? 8.418   -15.497 8.143   1.00 10.92 ? 179 ARG A CD  1 
ATOM   1288 N NE  . ARG A 1 179 ? 8.925   -14.554 7.147   1.00 10.37 ? 179 ARG A NE  1 
ATOM   1289 C CZ  . ARG A 1 179 ? 8.762   -14.679 5.830   1.00 10.18 ? 179 ARG A CZ  1 
ATOM   1290 N NH1 . ARG A 1 179 ? 8.091   -15.707 5.325   1.00 9.59  ? 179 ARG A NH1 1 
ATOM   1291 N NH2 . ARG A 1 179 ? 9.270   -13.767 5.012   1.00 9.87  ? 179 ARG A NH2 1 
ATOM   1292 N N   . GLN A 1 180 ? 4.642   -15.144 11.439  1.00 13.13 ? 180 GLN A N   1 
ATOM   1293 C CA  . GLN A 1 180 ? 4.003   -16.243 12.174  1.00 14.33 ? 180 GLN A CA  1 
ATOM   1294 C C   . GLN A 1 180 ? 2.482   -16.262 12.008  1.00 14.30 ? 180 GLN A C   1 
ATOM   1295 O O   . GLN A 1 180 ? 1.895   -17.325 11.811  1.00 14.37 ? 180 GLN A O   1 
ATOM   1296 C CB  . GLN A 1 180 ? 4.380   -16.223 13.658  1.00 14.73 ? 180 GLN A CB  1 
ATOM   1297 C CG  . GLN A 1 180 ? 5.713   -16.902 13.971  1.00 17.57 ? 180 GLN A CG  1 
ATOM   1298 C CD  . GLN A 1 180 ? 5.705   -17.663 15.297  1.00 20.67 ? 180 GLN A CD  1 
ATOM   1299 O OE1 . GLN A 1 180 ? 6.290   -18.744 15.405  1.00 22.91 ? 180 GLN A OE1 1 
ATOM   1300 N NE2 . GLN A 1 180 ? 5.037   -17.104 16.307  1.00 21.98 ? 180 GLN A NE2 1 
ATOM   1301 N N   . ALA A 1 181 ? 1.855   -15.087 12.082  1.00 14.50 ? 181 ALA A N   1 
ATOM   1302 C CA  . ALA A 1 181 ? 0.405   -14.969 11.895  1.00 14.66 ? 181 ALA A CA  1 
ATOM   1303 C C   . ALA A 1 181 ? -0.021  -15.395 10.489  1.00 14.87 ? 181 ALA A C   1 
ATOM   1304 O O   . ALA A 1 181 ? -1.034  -16.085 10.320  1.00 14.73 ? 181 ALA A O   1 
ATOM   1305 C CB  . ALA A 1 181 ? -0.068  -13.544 12.200  1.00 14.79 ? 181 ALA A CB  1 
ATOM   1306 N N   . PHE A 1 182 ? 0.765   -14.989 9.493   1.00 14.97 ? 182 PHE A N   1 
ATOM   1307 C CA  . PHE A 1 182 ? 0.546   -15.372 8.102   1.00 15.47 ? 182 PHE A CA  1 
ATOM   1308 C C   . PHE A 1 182 ? 0.648   -16.888 7.913   1.00 15.97 ? 182 PHE A C   1 
ATOM   1309 O O   . PHE A 1 182 ? -0.201  -17.487 7.253   1.00 16.22 ? 182 PHE A O   1 
ATOM   1310 C CB  . PHE A 1 182 ? 1.537   -14.639 7.188   1.00 15.14 ? 182 PHE A CB  1 
ATOM   1311 C CG  . PHE A 1 182 ? 1.429   -15.018 5.735   1.00 14.77 ? 182 PHE A CG  1 
ATOM   1312 C CD1 . PHE A 1 182 ? 0.440   -14.466 4.926   1.00 14.16 ? 182 PHE A CD1 1 
ATOM   1313 C CD2 . PHE A 1 182 ? 2.333   -15.917 5.170   1.00 14.44 ? 182 PHE A CD2 1 
ATOM   1314 C CE1 . PHE A 1 182 ? 0.343   -14.809 3.581   1.00 14.13 ? 182 PHE A CE1 1 
ATOM   1315 C CE2 . PHE A 1 182 ? 2.243   -16.272 3.824   1.00 14.27 ? 182 PHE A CE2 1 
ATOM   1316 C CZ  . PHE A 1 182 ? 1.247   -15.715 3.028   1.00 14.31 ? 182 PHE A CZ  1 
ATOM   1317 N N   . GLU A 1 183 ? 1.679   -17.499 8.497   1.00 16.75 ? 183 GLU A N   1 
ATOM   1318 C CA  . GLU A 1 183 ? 1.858   -18.957 8.445   1.00 17.55 ? 183 GLU A CA  1 
ATOM   1319 C C   . GLU A 1 183 ? 0.627   -19.696 8.976   1.00 18.46 ? 183 GLU A C   1 
ATOM   1320 O O   . GLU A 1 183 ? 0.178   -20.678 8.383   1.00 18.54 ? 183 GLU A O   1 
ATOM   1321 C CB  . GLU A 1 183 ? 3.086   -19.385 9.253   1.00 17.41 ? 183 GLU A CB  1 
ATOM   1322 C CG  . GLU A 1 183 ? 4.434   -19.009 8.638   1.00 17.02 ? 183 GLU A CG  1 
ATOM   1323 C CD  . GLU A 1 183 ? 5.591   -19.170 9.614   1.00 17.29 ? 183 GLU A CD  1 
ATOM   1324 O OE1 . GLU A 1 183 ? 5.387   -19.730 10.711  1.00 17.51 ? 183 GLU A OE1 1 
ATOM   1325 O OE2 . GLU A 1 183 ? 6.714   -18.732 9.285   1.00 17.01 ? 183 GLU A OE2 1 
ATOM   1326 N N   . ARG A 1 184 ? 0.081   -19.198 10.083  1.00 19.51 ? 184 ARG A N   1 
ATOM   1327 C CA  . ARG A 1 184 ? -1.014  -19.865 10.789  1.00 20.76 ? 184 ARG A CA  1 
ATOM   1328 C C   . ARG A 1 184 ? -2.384  -19.676 10.133  1.00 21.29 ? 184 ARG A C   1 
ATOM   1329 O O   . ARG A 1 184 ? -3.303  -20.461 10.377  1.00 21.58 ? 184 ARG A O   1 
ATOM   1330 C CB  . ARG A 1 184 ? -1.052  -19.412 12.253  1.00 20.91 ? 184 ARG A CB  1 
ATOM   1331 C CG  . ARG A 1 184 ? 0.124   -19.903 13.085  1.00 22.35 ? 184 ARG A CG  1 
ATOM   1332 C CD  . ARG A 1 184 ? 0.176   -19.210 14.437  1.00 25.26 ? 184 ARG A CD  1 
ATOM   1333 N NE  . ARG A 1 184 ? 1.360   -19.594 15.204  1.00 27.61 ? 184 ARG A NE  1 
ATOM   1334 C CZ  . ARG A 1 184 ? 1.361   -20.448 16.226  1.00 29.27 ? 184 ARG A CZ  1 
ATOM   1335 N NH1 . ARG A 1 184 ? 0.232   -21.024 16.625  1.00 30.28 ? 184 ARG A NH1 1 
ATOM   1336 N NH2 . ARG A 1 184 ? 2.498   -20.727 16.853  1.00 30.24 ? 184 ARG A NH2 1 
ATOM   1337 N N   . THR A 1 185 ? -2.514  -18.647 9.298   1.00 21.83 ? 185 THR A N   1 
ATOM   1338 C CA  . THR A 1 185 ? -3.790  -18.335 8.651   1.00 22.54 ? 185 THR A CA  1 
ATOM   1339 C C   . THR A 1 185 ? -3.836  -18.691 7.164   1.00 23.05 ? 185 THR A C   1 
ATOM   1340 O O   . THR A 1 185 ? -4.920  -18.854 6.596   1.00 23.11 ? 185 THR A O   1 
ATOM   1341 C CB  . THR A 1 185 ? -4.166  -16.846 8.822   1.00 22.53 ? 185 THR A CB  1 
ATOM   1342 O OG1 . THR A 1 185 ? -3.087  -16.024 8.361   1.00 22.44 ? 185 THR A OG1 1 
ATOM   1343 C CG2 . THR A 1 185 ? -4.461  -16.529 10.288  1.00 22.61 ? 185 THR A CG2 1 
ATOM   1344 N N   . ARG A 1 186 ? -2.664  -18.818 6.542   1.00 23.77 ? 186 ARG A N   1 
ATOM   1345 C CA  . ARG A 1 186 ? -2.570  -19.075 5.100   1.00 24.55 ? 186 ARG A CA  1 
ATOM   1346 C C   . ARG A 1 186 ? -3.230  -20.393 4.681   1.00 24.98 ? 186 ARG A C   1 
ATOM   1347 O O   . ARG A 1 186 ? -3.720  -20.513 3.556   1.00 25.29 ? 186 ARG A O   1 
ATOM   1348 C CB  . ARG A 1 186 ? -1.106  -19.014 4.632   1.00 24.51 ? 186 ARG A CB  1 
ATOM   1349 C CG  . ARG A 1 186 ? -0.897  -18.979 3.115   1.00 24.97 ? 186 ARG A CG  1 
ATOM   1350 C CD  . ARG A 1 186 ? -1.799  -17.961 2.411   1.00 25.70 ? 186 ARG A CD  1 
ATOM   1351 N NE  . ARG A 1 186 ? -1.649  -18.003 0.956   1.00 26.29 ? 186 ARG A NE  1 
ATOM   1352 C CZ  . ARG A 1 186 ? -2.219  -18.905 0.158   1.00 26.67 ? 186 ARG A CZ  1 
ATOM   1353 N NH1 . ARG A 1 186 ? -2.991  -19.865 0.658   1.00 26.67 ? 186 ARG A NH1 1 
ATOM   1354 N NH2 . ARG A 1 186 ? -2.012  -18.848 -1.149  1.00 27.29 ? 186 ARG A NH2 1 
ATOM   1355 N N   . SER A 1 187 ? -3.248  -21.364 5.593   1.00 25.55 ? 187 SER A N   1 
ATOM   1356 C CA  . SER A 1 187 ? -3.919  -22.645 5.372   1.00 26.13 ? 187 SER A CA  1 
ATOM   1357 C C   . SER A 1 187 ? -5.435  -22.460 5.308   1.00 26.32 ? 187 SER A C   1 
ATOM   1358 O O   . SER A 1 187 ? -6.093  -22.942 4.385   1.00 26.63 ? 187 SER A O   1 
ATOM   1359 C CB  . SER A 1 187 ? -3.572  -23.630 6.490   1.00 26.19 ? 187 SER A CB  1 
ATOM   1360 O OG  . SER A 1 187 ? -2.194  -23.572 6.819   1.00 27.14 ? 187 SER A OG  1 
HETATM 1361 N N1A . COA B 2 .   ? -16.993 2.159   8.864   1.00 32.94 ? 501 COA A N1A 1 
HETATM 1362 C C2A . COA B 2 .   ? -16.747 0.834   9.173   1.00 32.91 ? 501 COA A C2A 1 
HETATM 1363 N N3A . COA B 2 .   ? -16.622 -0.097  8.156   1.00 32.84 ? 501 COA A N3A 1 
HETATM 1364 C C4A . COA B 2 .   ? -16.742 0.284   6.855   1.00 32.47 ? 501 COA A C4A 1 
HETATM 1365 C C5A . COA B 2 .   ? -16.986 1.613   6.524   1.00 32.78 ? 501 COA A C5A 1 
HETATM 1366 C C6A . COA B 2 .   ? -17.113 2.557   7.542   1.00 32.90 ? 501 COA A C6A 1 
HETATM 1367 N N6A . COA B 2 .   ? -17.199 3.852   7.250   1.00 33.50 ? 501 COA A N6A 1 
HETATM 1368 N N7A . COA B 2 .   ? -17.054 1.697   5.176   1.00 32.70 ? 501 COA A N7A 1 
HETATM 1369 C C8A . COA B 2 .   ? -16.858 0.465   4.650   1.00 32.44 ? 501 COA A C8A 1 
HETATM 1370 N N9A . COA B 2 .   ? -16.665 -0.421  5.679   1.00 32.12 ? 501 COA A N9A 1 
HETATM 1371 C C1B . COA B 2 .   ? -16.238 -1.832  5.591   1.00 31.26 ? 501 COA A C1B 1 
HETATM 1372 C C2B . COA B 2 .   ? -17.156 -2.697  4.742   1.00 31.19 ? 501 COA A C2B 1 
HETATM 1373 O O2B . COA B 2 .   ? -18.280 -3.113  5.479   1.00 31.39 ? 501 COA A O2B 1 
HETATM 1374 C C3B . COA B 2 .   ? -16.244 -3.851  4.366   1.00 30.88 ? 501 COA A C3B 1 
HETATM 1375 O O3B . COA B 2 .   ? -16.256 -4.846  5.365   1.00 31.92 ? 501 COA A O3B 1 
HETATM 1376 P P3B . COA B 2 .   ? -17.245 -6.117  5.358   1.00 33.33 ? 501 COA A P3B 1 
HETATM 1377 O O7A . COA B 2 .   ? -16.787 -7.087  4.296   1.00 32.99 ? 501 COA A O7A 1 
HETATM 1378 O O8A . COA B 2 .   ? -18.666 -5.687  5.074   1.00 33.33 ? 501 COA A O8A 1 
HETATM 1379 O O9A . COA B 2 .   ? -17.183 -6.778  6.716   1.00 32.96 ? 501 COA A O9A 1 
HETATM 1380 C C4B . COA B 2 .   ? -14.851 -3.232  4.373   1.00 29.64 ? 501 COA A C4B 1 
HETATM 1381 O O4B . COA B 2 .   ? -14.956 -1.971  5.015   1.00 30.27 ? 501 COA A O4B 1 
HETATM 1382 C C5B . COA B 2 .   ? -14.283 -3.048  2.973   1.00 27.74 ? 501 COA A C5B 1 
HETATM 1383 O O5B . COA B 2 .   ? -13.719 -4.253  2.502   1.00 24.97 ? 501 COA A O5B 1 
HETATM 1384 P P1A . COA B 2 .   ? -13.332 -4.357  0.942   1.00 23.34 ? 501 COA A P1A 1 
HETATM 1385 O O1A . COA B 2 .   ? -14.586 -4.439  0.108   1.00 23.75 ? 501 COA A O1A 1 
HETATM 1386 O O2A . COA B 2 .   ? -12.403 -5.516  0.669   1.00 23.71 ? 501 COA A O2A 1 
HETATM 1387 O O3A . COA B 2 .   ? -12.574 -2.954  0.717   1.00 21.95 ? 501 COA A O3A 1 
HETATM 1388 P P2A . COA B 2 .   ? -12.347 -2.292  -0.729  1.00 21.03 ? 501 COA A P2A 1 
HETATM 1389 O O4A . COA B 2 .   ? -12.545 -3.324  -1.811  1.00 20.30 ? 501 COA A O4A 1 
HETATM 1390 O O5A . COA B 2 .   ? -13.240 -1.090  -0.925  1.00 20.90 ? 501 COA A O5A 1 
HETATM 1391 O O6A . COA B 2 .   ? -10.800 -1.850  -0.663  1.00 19.49 ? 501 COA A O6A 1 
HETATM 1392 C CBP . COA B 2 .   ? -9.563  0.180   -0.173  1.00 16.97 ? 501 COA A CBP 1 
HETATM 1393 C CCP . COA B 2 .   ? -10.318 -1.029  0.386   1.00 17.35 ? 501 COA A CCP 1 
HETATM 1394 C CDP . COA B 2 .   ? -9.052  1.003   1.010   1.00 16.38 ? 501 COA A CDP 1 
HETATM 1395 C CEP . COA B 2 .   ? -8.363  -0.332  -0.973  1.00 16.50 ? 501 COA A CEP 1 
HETATM 1396 C CAP . COA B 2 .   ? -10.503 1.004   -1.070  1.00 16.81 ? 501 COA A CAP 1 
HETATM 1397 O OAP . COA B 2 .   ? -11.732 1.291   -0.428  1.00 17.12 ? 501 COA A OAP 1 
HETATM 1398 C C9P . COA B 2 .   ? -9.878  2.260   -1.624  1.00 17.13 ? 501 COA A C9P 1 
HETATM 1399 O O9P . COA B 2 .   ? -9.049  2.178   -2.754  1.00 16.38 ? 501 COA A O9P 1 
HETATM 1400 N N8P . COA B 2 .   ? -10.151 3.413   -1.009  1.00 17.98 ? 501 COA A N8P 1 
HETATM 1401 C C7P . COA B 2 .   ? -9.740  4.709   -1.532  1.00 18.65 ? 501 COA A C7P 1 
HETATM 1402 C C6P . COA B 2 .   ? -8.252  5.004   -1.331  1.00 19.51 ? 501 COA A C6P 1 
HETATM 1403 C C5P . COA B 2 .   ? -7.788  4.645   0.066   1.00 20.76 ? 501 COA A C5P 1 
HETATM 1404 O O5P . COA B 2 .   ? -8.490  4.899   1.059   1.00 19.47 ? 501 COA A O5P 1 
HETATM 1405 N N4P . COA B 2 .   ? -6.596  4.052   0.157   1.00 21.80 ? 501 COA A N4P 1 
HETATM 1406 C C3P . COA B 2 .   ? -6.093  3.519   1.411   1.00 24.01 ? 501 COA A C3P 1 
HETATM 1407 C C2P . COA B 2 .   ? -5.429  4.588   2.271   1.00 25.91 ? 501 COA A C2P 1 
HETATM 1408 S S1P . COA B 2 .   ? -4.722  3.897   3.789   1.00 29.51 ? 501 COA A S1P 1 
HETATM 1409 O O   . HOH C 3 .   ? -1.814  17.723  -15.393 1.00 8.93  ? 502 HOH A O   1 
HETATM 1410 O O   . HOH C 3 .   ? -10.130 4.814   13.762  1.00 10.31 ? 503 HOH A O   1 
HETATM 1411 O O   . HOH C 3 .   ? -5.583  3.267   18.150  1.00 10.95 ? 504 HOH A O   1 
HETATM 1412 O O   . HOH C 3 .   ? 10.580  -1.438  -1.668  1.00 9.07  ? 505 HOH A O   1 
HETATM 1413 O O   . HOH C 3 .   ? 1.905   1.848   5.484   1.00 10.57 ? 506 HOH A O   1 
HETATM 1414 O O   . HOH C 3 .   ? -7.837  2.963   16.696  1.00 13.66 ? 507 HOH A O   1 
HETATM 1415 O O   . HOH C 3 .   ? 13.353  -1.386  -1.693  1.00 8.78  ? 508 HOH A O   1 
HETATM 1416 O O   . HOH C 3 .   ? 9.220   -3.620  -0.643  1.00 10.73 ? 509 HOH A O   1 
HETATM 1417 O O   . HOH C 3 .   ? 12.180  -1.963  7.825   1.00 8.50  ? 510 HOH A O   1 
HETATM 1418 O O   . HOH C 3 .   ? -1.112  5.160   4.619   1.00 15.46 ? 511 HOH A O   1 
HETATM 1419 O O   . HOH C 3 .   ? 7.127   -18.133 6.646   1.00 11.56 ? 512 HOH A O   1 
HETATM 1420 O O   . HOH C 3 .   ? -6.166  7.089   16.024  1.00 9.89  ? 513 HOH A O   1 
HETATM 1421 O O   . HOH C 3 .   ? 11.012  1.283   -7.034  1.00 8.66  ? 514 HOH A O   1 
HETATM 1422 O O   . HOH C 3 .   ? 4.471   -15.757 1.100   1.00 12.89 ? 515 HOH A O   1 
HETATM 1423 O O   . HOH C 3 .   ? -7.876  10.921  10.357  1.00 12.52 ? 516 HOH A O   1 
HETATM 1424 O O   . HOH C 3 .   ? -5.921  6.839   5.233   1.00 11.05 ? 517 HOH A O   1 
HETATM 1425 O O   . HOH C 3 .   ? -13.223 5.080   5.103   1.00 10.07 ? 518 HOH A O   1 
HETATM 1426 O O   . HOH C 3 .   ? 8.491   4.566   14.258  1.00 16.55 ? 519 HOH A O   1 
HETATM 1427 O O   . HOH C 3 .   ? -10.886 -0.653  -9.122  1.00 13.90 ? 520 HOH A O   1 
HETATM 1428 O O   . HOH C 3 .   ? 8.073   0.876   11.461  1.00 11.28 ? 521 HOH A O   1 
HETATM 1429 O O   . HOH C 3 .   ? 3.375   -17.830 -3.158  1.00 15.67 ? 522 HOH A O   1 
HETATM 1430 O O   . HOH C 3 .   ? 4.534   -22.251 11.446  1.00 15.20 ? 523 HOH A O   1 
HETATM 1431 O O   . HOH C 3 .   ? 2.572   5.082   4.542   1.00 19.35 ? 524 HOH A O   1 
HETATM 1432 O O   . HOH C 3 .   ? -4.772  12.218  -5.010  1.00 19.55 ? 525 HOH A O   1 
HETATM 1433 O O   . HOH C 3 .   ? -6.309  9.770   16.829  1.00 10.13 ? 526 HOH A O   1 
HETATM 1434 O O   . HOH C 3 .   ? 6.636   -13.805 13.201  1.00 15.93 ? 527 HOH A O   1 
HETATM 1435 O O   . HOH C 3 .   ? 15.821  4.082   1.365   1.00 17.22 ? 528 HOH A O   1 
HETATM 1436 O O   . HOH C 3 .   ? -5.804  -12.433 -3.112  1.00 18.24 ? 529 HOH A O   1 
HETATM 1437 O O   . HOH C 3 .   ? -3.094  3.899   20.996  1.00 14.67 ? 530 HOH A O   1 
HETATM 1438 O O   . HOH C 3 .   ? 11.680  3.681   -13.509 1.00 17.21 ? 531 HOH A O   1 
HETATM 1439 O O   . HOH C 3 .   ? -14.521 6.676   6.896   1.00 13.16 ? 532 HOH A O   1 
HETATM 1440 O O   . HOH C 3 .   ? 11.013  -13.979 9.617   1.00 23.49 ? 533 HOH A O   1 
HETATM 1441 O O   . HOH C 3 .   ? 7.762   1.934   13.919  1.00 16.57 ? 534 HOH A O   1 
HETATM 1442 O O   . HOH C 3 .   ? -7.315  11.897  15.096  1.00 9.36  ? 535 HOH A O   1 
HETATM 1443 O O   . HOH C 3 .   ? -0.812  2.358   21.611  1.00 18.69 ? 536 HOH A O   1 
HETATM 1444 O O   . HOH C 3 .   ? 3.233   20.545  -12.174 1.00 15.95 ? 537 HOH A O   1 
HETATM 1445 O O   . HOH C 3 .   ? -13.957 5.746   -10.757 1.00 22.66 ? 538 HOH A O   1 
HETATM 1446 O O   . HOH C 3 .   ? 5.836   7.375   10.672  1.00 15.34 ? 539 HOH A O   1 
HETATM 1447 O O   . HOH C 3 .   ? -7.852  17.278  -10.377 1.00 25.94 ? 540 HOH A O   1 
HETATM 1448 O O   . HOH C 3 .   ? -13.750 11.983  -10.074 1.00 25.43 ? 541 HOH A O   1 
HETATM 1449 O O   . HOH C 3 .   ? -13.914 -3.976  -3.773  1.00 16.46 ? 542 HOH A O   1 
HETATM 1450 O O   . HOH C 3 .   ? 5.467   5.378   4.958   1.00 21.55 ? 543 HOH A O   1 
HETATM 1451 O O   . HOH C 3 .   ? -14.482 8.901   -8.022  1.00 16.91 ? 544 HOH A O   1 
HETATM 1452 O O   . HOH C 3 .   ? 5.910   -7.737  -12.437 1.00 20.70 ? 545 HOH A O   1 
HETATM 1453 O O   . HOH C 3 .   ? 0.195   -10.337 13.590  1.00 17.14 ? 546 HOH A O   1 
HETATM 1454 O O   . HOH C 3 .   ? -13.380 7.327   -1.243  1.00 16.94 ? 547 HOH A O   1 
HETATM 1455 O O   . HOH C 3 .   ? 2.926   7.003   -18.867 1.00 16.46 ? 548 HOH A O   1 
HETATM 1456 O O   . HOH C 3 .   ? 9.793   -6.321  13.880  1.00 33.71 ? 549 HOH A O   1 
HETATM 1457 O O   . HOH C 3 .   ? 15.186  -8.867  10.680  1.00 16.98 ? 550 HOH A O   1 
HETATM 1458 O O   . HOH C 3 .   ? 0.822   3.351   19.524  1.00 15.67 ? 551 HOH A O   1 
HETATM 1459 O O   . HOH C 3 .   ? -0.395  -18.873 -3.548  1.00 22.67 ? 552 HOH A O   1 
HETATM 1460 O O   . HOH C 3 .   ? 5.501   -13.998 -4.779  1.00 19.48 ? 553 HOH A O   1 
HETATM 1461 O O   . HOH C 3 .   ? -3.504  11.735  7.421   1.00 24.26 ? 554 HOH A O   1 
HETATM 1462 O O   . HOH C 3 .   ? 9.150   4.734   2.391   1.00 24.83 ? 555 HOH A O   1 
HETATM 1463 O O   . HOH C 3 .   ? 3.287   -1.181  -18.191 1.00 31.27 ? 556 HOH A O   1 
HETATM 1464 O O   . HOH C 3 .   ? 4.400   7.456   -3.049  1.00 20.83 ? 557 HOH A O   1 
HETATM 1465 O O   . HOH C 3 .   ? -12.345 -10.375 -0.564  1.00 18.23 ? 558 HOH A O   1 
HETATM 1466 O O   . HOH C 3 .   ? -5.889  9.514   4.671   1.00 15.44 ? 559 HOH A O   1 
HETATM 1467 O O   . HOH C 3 .   ? 5.101   -4.992  -15.266 1.00 19.59 ? 560 HOH A O   1 
HETATM 1468 O O   . HOH C 3 .   ? 12.907  4.773   9.254   1.00 20.50 ? 561 HOH A O   1 
HETATM 1469 O O   . HOH C 3 .   ? 0.874   -12.339 -4.684  1.00 17.50 ? 562 HOH A O   1 
HETATM 1470 O O   . HOH C 3 .   ? -13.264 0.224   10.604  1.00 20.87 ? 563 HOH A O   1 
HETATM 1471 O O   . HOH C 3 .   ? 13.056  -13.199 8.171   1.00 22.44 ? 564 HOH A O   1 
HETATM 1472 O O   . HOH C 3 .   ? 5.848   7.295   13.356  1.00 16.87 ? 565 HOH A O   1 
HETATM 1473 O O   . HOH C 3 .   ? 0.389   8.350   7.706   1.00 18.76 ? 566 HOH A O   1 
HETATM 1474 O O   . HOH C 3 .   ? 7.932   -1.117  -9.966  1.00 19.66 ? 567 HOH A O   1 
HETATM 1475 O O   . HOH C 3 .   ? -9.214  2.007   14.397  1.00 19.56 ? 568 HOH A O   1 
HETATM 1476 O O   . HOH C 3 .   ? 8.794   -6.568  -3.867  1.00 14.96 ? 569 HOH A O   1 
HETATM 1477 O O   . HOH C 3 .   ? -10.848 4.027   2.043   1.00 15.46 ? 570 HOH A O   1 
HETATM 1478 O O   . HOH C 3 .   ? -2.275  12.549  -4.180  1.00 19.22 ? 571 HOH A O   1 
HETATM 1479 O O   . HOH C 3 .   ? 1.471   1.132   17.874  1.00 19.64 ? 572 HOH A O   1 
HETATM 1480 O O   . HOH C 3 .   ? -16.273 3.364   -11.614 1.00 26.22 ? 573 HOH A O   1 
HETATM 1481 O O   . HOH C 3 .   ? -7.189  -12.803 -5.413  1.00 21.88 ? 574 HOH A O   1 
HETATM 1482 O O   . HOH C 3 .   ? 5.377   9.512   -4.440  1.00 26.87 ? 575 HOH A O   1 
HETATM 1483 O O   . HOH C 3 .   ? 7.441   -2.032  13.877  1.00 25.90 ? 576 HOH A O   1 
HETATM 1484 O O   . HOH C 3 .   ? 5.839   5.247   15.110  1.00 22.42 ? 577 HOH A O   1 
HETATM 1485 O O   . HOH C 3 .   ? 0.114   12.029  -5.301  1.00 24.23 ? 578 HOH A O   1 
HETATM 1486 O O   . HOH C 3 .   ? 11.872  13.223  -9.970  1.00 27.08 ? 579 HOH A O   1 
HETATM 1487 O O   . HOH C 3 .   ? -12.676 13.805  -3.251  1.00 24.43 ? 580 HOH A O   1 
HETATM 1488 O O   . HOH C 3 .   ? 4.127   9.481   -18.759 1.00 26.10 ? 581 HOH A O   1 
HETATM 1489 O O   . HOH C 3 .   ? 0.347   -11.443 -7.777  1.00 22.88 ? 582 HOH A O   1 
HETATM 1490 O O   . HOH C 3 .   ? 14.319  5.716   -14.724 1.00 26.77 ? 583 HOH A O   1 
HETATM 1491 O O   . HOH C 3 .   ? -2.168  -13.005 2.339   1.00 22.71 ? 584 HOH A O   1 
HETATM 1492 O O   . HOH C 3 .   ? 16.477  7.981   0.647   1.00 31.77 ? 585 HOH A O   1 
HETATM 1493 O O   . HOH C 3 .   ? -11.809 14.635  -8.359  1.00 31.34 ? 586 HOH A O   1 
HETATM 1494 O O   . HOH C 3 .   ? 7.808   -5.236  -15.671 1.00 31.79 ? 587 HOH A O   1 
HETATM 1495 O O   . HOH C 3 .   ? -13.893 4.207   -13.135 1.00 26.45 ? 588 HOH A O   1 
HETATM 1496 O O   . HOH C 3 .   ? 2.902   -13.410 15.717  1.00 25.56 ? 589 HOH A O   1 
HETATM 1497 O O   . HOH C 3 .   ? 9.821   1.694   -15.578 1.00 30.12 ? 590 HOH A O   1 
HETATM 1498 O O   . HOH C 3 .   ? -2.251  -3.199  -17.548 1.00 22.17 ? 591 HOH A O   1 
HETATM 1499 O O   . HOH C 3 .   ? -8.131  2.894   -16.083 1.00 31.62 ? 592 HOH A O   1 
HETATM 1500 O O   . HOH C 3 .   ? -2.745  20.372  -8.158  1.00 25.18 ? 593 HOH A O   1 
HETATM 1501 O O   . HOH C 3 .   ? 8.434   8.286   13.198  1.00 15.61 ? 594 HOH A O   1 
HETATM 1502 O O   . HOH C 3 .   ? 4.231   1.224   16.956  1.00 19.12 ? 595 HOH A O   1 
HETATM 1503 O O   . HOH C 3 .   ? 8.160   -11.683 12.578  1.00 28.06 ? 596 HOH A O   1 
HETATM 1504 O O   . HOH C 3 .   ? 9.647   -3.569  -14.808 1.00 31.44 ? 597 HOH A O   1 
HETATM 1505 O O   . HOH C 3 .   ? 8.560   10.234  -4.755  1.00 19.36 ? 598 HOH A O   1 
HETATM 1506 O O   . HOH C 3 .   ? 15.337  -4.992  15.512  1.00 36.02 ? 599 HOH A O   1 
HETATM 1507 O O   . HOH C 3 .   ? 15.001  7.440   2.769   1.00 28.14 ? 600 HOH A O   1 
HETATM 1508 O O   . HOH C 3 .   ? -3.317  9.813   5.450   1.00 19.68 ? 601 HOH A O   1 
HETATM 1509 O O   . HOH C 3 .   ? -15.380 7.665   1.707   1.00 22.14 ? 602 HOH A O   1 
HETATM 1510 O O   . HOH C 3 .   ? -5.169  -11.253 -12.147 1.00 23.42 ? 603 HOH A O   1 
HETATM 1511 O O   . HOH C 3 .   ? 1.747   14.156  -5.765  1.00 25.82 ? 604 HOH A O   1 
HETATM 1512 O O   . HOH C 3 .   ? 4.074   -4.096  -17.620 1.00 26.51 ? 605 HOH A O   1 
HETATM 1513 O O   . HOH C 3 .   ? -11.559 15.597  -1.057  1.00 30.67 ? 606 HOH A O   1 
HETATM 1514 O O   . HOH C 3 .   ? 9.162   -1.218  -13.529 1.00 17.75 ? 607 HOH A O   1 
HETATM 1515 O O   . HOH C 3 .   ? -14.936 5.395   3.018   1.00 24.65 ? 608 HOH A O   1 
HETATM 1516 O O   . HOH C 3 .   ? 1.409   16.820  -6.250  1.00 30.30 ? 609 HOH A O   1 
HETATM 1517 O O   . HOH C 3 .   ? -18.259 3.950   -4.844  1.00 33.34 ? 610 HOH A O   1 
HETATM 1518 O O   . HOH C 3 .   ? -2.528  -22.735 12.714  1.00 35.88 ? 611 HOH A O   1 
HETATM 1519 O O   . HOH C 3 .   ? 5.974   -13.736 15.811  1.00 28.84 ? 612 HOH A O   1 
HETATM 1520 O O   . HOH C 3 .   ? 8.844   0.081   15.634  1.00 32.88 ? 613 HOH A O   1 
HETATM 1521 O O   . HOH C 3 .   ? -8.207  -12.241 -12.687 1.00 26.80 ? 614 HOH A O   1 
HETATM 1522 O O   . HOH C 3 .   ? 7.794   14.907  -16.659 1.00 39.39 ? 615 HOH A O   1 
HETATM 1523 O O   . HOH C 3 .   ? 7.360   16.712  -8.062  1.00 23.44 ? 616 HOH A O   1 
HETATM 1524 O O   . HOH C 3 .   ? 12.172  -9.083  13.969  1.00 27.19 ? 617 HOH A O   1 
HETATM 1525 O O   . HOH C 3 .   ? 8.738   -8.473  -1.807  1.00 15.58 ? 618 HOH A O   1 
HETATM 1526 O O   . HOH C 3 .   ? 5.059   2.455   14.604  1.00 12.28 ? 619 HOH A O   1 
HETATM 1527 O O   . HOH C 3 .   ? 2.668   7.716   3.473   1.00 27.37 ? 620 HOH A O   1 
HETATM 1528 O O   . HOH C 3 .   ? 8.699   -7.901  -6.432  1.00 20.95 ? 621 HOH A O   1 
HETATM 1529 O O   . HOH C 3 .   ? 11.786  -4.970  -13.845 1.00 22.09 ? 622 HOH A O   1 
HETATM 1530 O O   . HOH C 3 .   ? -0.260  -10.451 -13.029 1.00 39.65 ? 623 HOH A O   1 
HETATM 1531 O O   . HOH C 3 .   ? -5.347  13.039  -2.257  1.00 32.53 ? 624 HOH A O   1 
HETATM 1532 O O   . HOH C 3 .   ? 4.101   11.756  -4.022  1.00 34.85 ? 625 HOH A O   1 
HETATM 1533 O O   . HOH C 3 .   ? 20.294  5.452   -6.643  1.00 23.43 ? 626 HOH A O   1 
HETATM 1534 O O   . HOH C 3 .   ? 0.224   8.884   18.770  1.00 26.56 ? 627 HOH A O   1 
HETATM 1535 O O   . HOH C 3 .   ? 9.062   -11.040 -2.491  1.00 16.60 ? 628 HOH A O   1 
HETATM 1536 O O   . HOH C 3 .   ? -2.829  3.116   1.411   1.00 17.87 ? 629 HOH A O   1 
HETATM 1537 O O   . HOH C 3 .   ? -0.693  14.376  15.892  1.00 29.28 ? 630 HOH A O   1 
HETATM 1538 O O   . HOH C 3 .   ? -0.643  -0.541  21.668  1.00 30.22 ? 631 HOH A O   1 
HETATM 1539 O O   . HOH C 3 .   ? 13.223  7.512   8.541   1.00 2.35  ? 632 HOH A O   1 
HETATM 1540 O O   . HOH C 3 .   ? 9.703   7.712   2.522   1.00 27.46 ? 633 HOH A O   1 
HETATM 1541 O O   . HOH C 3 .   ? 15.633  5.854   6.867   1.00 27.93 ? 634 HOH A O   1 
HETATM 1542 O O   . HOH C 3 .   ? 15.669  4.688   9.634   1.00 25.57 ? 635 HOH A O   1 
HETATM 1543 O O   . HOH C 3 .   ? 14.252  4.019   11.778  1.00 25.95 ? 636 HOH A O   1 
HETATM 1544 O O   . HOH C 3 .   ? 15.398  9.260   7.467   1.00 24.24 ? 637 HOH A O   1 
HETATM 1545 O O   . HOH C 3 .   ? 9.785   11.335  2.933   1.00 30.29 ? 638 HOH A O   1 
HETATM 1546 O O   . HOH C 3 .   ? 15.603  7.218   10.322  1.00 32.48 ? 639 HOH A O   1 
HETATM 1547 O O   . HOH C 3 .   ? 18.086  3.501   8.416   1.00 39.63 ? 640 HOH A O   1 
HETATM 1548 O O   . HOH C 3 .   ? -16.580 7.971   5.650   1.00 26.86 ? 641 HOH A O   1 
HETATM 1549 O O   . HOH C 3 .   ? 11.770  -16.726 5.886   1.00 28.02 ? 642 HOH A O   1 
HETATM 1550 O O   . HOH C 3 .   ? 0.961   20.576  -8.167  1.00 21.95 ? 643 HOH A O   1 
HETATM 1551 O O   . HOH C 3 .   ? 15.566  -9.357  8.006   1.00 26.22 ? 644 HOH A O   1 
HETATM 1552 O O   . HOH C 3 .   ? 10.073  -3.803  14.734  1.00 27.32 ? 645 HOH A O   1 
HETATM 1553 O O   . HOH C 3 .   ? 4.380   -4.492  15.789  1.00 28.40 ? 646 HOH A O   1 
HETATM 1554 O O   . HOH C 3 .   ? 11.456  -17.013 8.668   1.00 24.85 ? 647 HOH A O   1 
HETATM 1555 O O   . HOH C 3 .   ? 9.709   -18.607 5.943   1.00 24.11 ? 648 HOH A O   1 
HETATM 1556 O O   . HOH C 3 .   ? 7.393   -20.053 12.782  1.00 32.29 ? 649 HOH A O   1 
HETATM 1557 O O   . HOH C 3 .   ? 2.268   -23.058 13.165  1.00 23.21 ? 650 HOH A O   1 
HETATM 1558 O O   . HOH C 3 .   ? -2.684  -11.881 4.726   1.00 40.25 ? 651 HOH A O   1 
HETATM 1559 O O   . HOH C 3 .   ? -2.492  -14.726 0.020   1.00 34.52 ? 652 HOH A O   1 
HETATM 1560 O O   . HOH C 3 .   ? -7.786  -13.648 -1.326  1.00 34.69 ? 653 HOH A O   1 
HETATM 1561 O O   . HOH C 3 .   ? -15.798 6.217   -1.660  1.00 27.34 ? 654 HOH A O   1 
HETATM 1562 O O   . HOH C 3 .   ? -17.174 1.529   -0.150  1.00 31.67 ? 655 HOH A O   1 
HETATM 1563 O O   . HOH C 3 .   ? -18.765 -3.046  1.721   1.00 36.18 ? 656 HOH A O   1 
HETATM 1564 O O   . HOH C 3 .   ? -16.568 -6.158  1.077   1.00 27.43 ? 657 HOH A O   1 
HETATM 1565 O O   . HOH C 3 .   ? -17.055 -2.673  9.322   1.00 34.42 ? 658 HOH A O   1 
HETATM 1566 O O   . HOH C 3 .   ? -2.287  -10.560 12.503  1.00 30.35 ? 659 HOH A O   1 
HETATM 1567 O O   . HOH C 3 .   ? 3.516   -7.600  16.436  1.00 36.74 ? 660 HOH A O   1 
HETATM 1568 O O   . HOH C 3 .   ? 1.682   -0.749  20.182  1.00 22.21 ? 661 HOH A O   1 
HETATM 1569 O O   . HOH C 3 .   ? 5.843   5.228   1.589   1.00 31.48 ? 662 HOH A O   1 
HETATM 1570 O O   . HOH C 3 .   ? 3.770   3.593   0.703   1.00 29.53 ? 663 HOH A O   1 
HETATM 1571 O O   . HOH C 3 .   ? 18.030  8.123   -1.369  1.00 28.64 ? 664 HOH A O   1 
HETATM 1572 O O   . HOH C 3 .   ? 17.614  4.596   5.393   1.00 36.91 ? 665 HOH A O   1 
HETATM 1573 O O   . HOH C 3 .   ? 14.096  12.370  3.976   1.00 32.30 ? 666 HOH A O   1 
HETATM 1574 O O   . HOH C 3 .   ? 5.956   18.875  -10.878 1.00 22.50 ? 667 HOH A O   1 
HETATM 1575 O O   . HOH C 3 .   ? 5.822   20.837  -12.978 1.00 27.75 ? 668 HOH A O   1 
HETATM 1576 O O   . HOH C 3 .   ? 2.612   15.066  12.220  1.00 28.90 ? 669 HOH A O   1 
HETATM 1577 O O   . HOH C 3 .   ? 6.462   11.730  12.602  1.00 25.95 ? 670 HOH A O   1 
HETATM 1578 O O   . HOH C 3 .   ? 1.162   15.608  17.460  1.00 33.34 ? 671 HOH A O   1 
HETATM 1579 O O   . HOH C 3 .   ? -0.339  15.439  13.493  1.00 25.76 ? 672 HOH A O   1 
HETATM 1580 O O   . HOH C 3 .   ? -4.567  12.338  2.812   1.00 35.50 ? 673 HOH A O   1 
# 
loop_
_pdbx_poly_seq_scheme.asym_id 
_pdbx_poly_seq_scheme.entity_id 
_pdbx_poly_seq_scheme.seq_id 
_pdbx_poly_seq_scheme.mon_id 
_pdbx_poly_seq_scheme.ndb_seq_num 
_pdbx_poly_seq_scheme.pdb_seq_num 
_pdbx_poly_seq_scheme.auth_seq_num 
_pdbx_poly_seq_scheme.pdb_mon_id 
_pdbx_poly_seq_scheme.auth_mon_id 
_pdbx_poly_seq_scheme.pdb_strand_id 
_pdbx_poly_seq_scheme.pdb_ins_code 
_pdbx_poly_seq_scheme.hetero 
A 1 1   MET 1   1   ?   ?   ?   A . n 
A 1 2   LYS 2   2   ?   ?   ?   A . n 
A 1 3   ASN 3   3   ?   ?   ?   A . n 
A 1 4   THR 4   4   ?   ?   ?   A . n 
A 1 5   ILE 5   5   ?   ?   ?   A . n 
A 1 6   HIS 6   6   ?   ?   ?   A . n 
A 1 7   ILE 7   7   ?   ?   ?   A . n 
A 1 8   ASN 8   8   ?   ?   ?   A . n 
A 1 9   SER 9   9   ?   ?   ?   A . n 
A 1 10  ASN 10  10  ?   ?   ?   A . n 
A 1 11  ASP 11  11  ?   ?   ?   A . n 
A 1 12  SER 12  12  12  SER SER A . n 
A 1 13  VAL 13  13  13  VAL VAL A . n 
A 1 14  THR 14  14  14  THR THR A . n 
A 1 15  LEU 15  15  15  LEU LEU A . n 
A 1 16  ARG 16  16  16  ARG ARG A . n 
A 1 17  LEU 17  17  17  LEU LEU A . n 
A 1 18  MET 18  18  18  MET MET A . n 
A 1 19  THR 19  19  19  THR THR A . n 
A 1 20  GLU 20  20  20  GLU GLU A . n 
A 1 21  HIS 21  21  21  HIS HIS A . n 
A 1 22  ASP 22  22  22  ASP ASP A . n 
A 1 23  LEU 23  23  23  LEU LEU A . n 
A 1 24  ALA 24  24  24  ALA ALA A . n 
A 1 25  MET 25  25  25  MET MET A . n 
A 1 26  LEU 26  26  26  LEU LEU A . n 
A 1 27  TYR 27  27  27  TYR TYR A . n 
A 1 28  GLU 28  28  28  GLU GLU A . n 
A 1 29  TRP 29  29  29  TRP TRP A . n 
A 1 30  LEU 30  30  30  LEU LEU A . n 
A 1 31  ASN 31  31  31  ASN ASN A . n 
A 1 32  ARG 32  32  32  ARG ARG A . n 
A 1 33  SER 33  33  33  SER SER A . n 
A 1 34  HIS 34  34  34  HIS HIS A . n 
A 1 35  ILE 35  35  35  ILE ILE A . n 
A 1 36  VAL 36  36  36  VAL VAL A . n 
A 1 37  GLU 37  37  37  GLU GLU A . n 
A 1 38  TRP 38  38  38  TRP TRP A . n 
A 1 39  TRP 39  39  39  TRP TRP A . n 
A 1 40  GLY 40  40  40  GLY GLY A . n 
A 1 41  GLY 41  41  ?   ?   ?   A . n 
A 1 42  GLU 42  42  ?   ?   ?   A . n 
A 1 43  GLU 43  43  ?   ?   ?   A . n 
A 1 44  ALA 44  44  44  ALA ALA A . n 
A 1 45  ARG 45  45  45  ARG ARG A . n 
A 1 46  PRO 46  46  46  PRO PRO A . n 
A 1 47  THR 47  47  47  THR THR A . n 
A 1 48  LEU 48  48  48  LEU LEU A . n 
A 1 49  ALA 49  49  49  ALA ALA A . n 
A 1 50  ASP 50  50  50  ASP ASP A . n 
A 1 51  VAL 51  51  51  VAL VAL A . n 
A 1 52  GLN 52  52  52  GLN GLN A . n 
A 1 53  GLU 53  53  53  GLU GLU A . n 
A 1 54  GLN 54  54  54  GLN GLN A . n 
A 1 55  TYR 55  55  55  TYR TYR A . n 
A 1 56  LEU 56  56  56  LEU LEU A . n 
A 1 57  PRO 57  57  57  PRO PRO A . n 
A 1 58  SER 58  58  58  SER SER A . n 
A 1 59  VAL 59  59  59  VAL VAL A . n 
A 1 60  LEU 60  60  60  LEU LEU A . n 
A 1 61  ALA 61  61  61  ALA ALA A . n 
A 1 62  GLN 62  62  62  GLN GLN A . n 
A 1 63  GLU 63  63  63  GLU GLU A . n 
A 1 64  SER 64  64  64  SER SER A . n 
A 1 65  VAL 65  65  65  VAL VAL A . n 
A 1 66  THR 66  66  66  THR THR A . n 
A 1 67  PRO 67  67  67  PRO PRO A . n 
A 1 68  TYR 68  68  68  TYR TYR A . n 
A 1 69  ILE 69  69  69  ILE ILE A . n 
A 1 70  ALA 70  70  70  ALA ALA A . n 
A 1 71  MET 71  71  71  MET MET A . n 
A 1 72  LEU 72  72  72  LEU LEU A . n 
A 1 73  ASN 73  73  73  ASN ASN A . n 
A 1 74  GLY 74  74  74  GLY GLY A . n 
A 1 75  GLU 75  75  75  GLU GLU A . n 
A 1 76  PRO 76  76  76  PRO PRO A . n 
A 1 77  ILE 77  77  77  ILE ILE A . n 
A 1 78  GLY 78  78  78  GLY GLY A . n 
A 1 79  TYR 79  79  79  TYR TYR A . n 
A 1 80  ALA 80  80  80  ALA ALA A . n 
A 1 81  GLN 81  81  81  GLN GLN A . n 
A 1 82  SER 82  82  82  SER SER A . n 
A 1 83  TYR 83  83  83  TYR TYR A . n 
A 1 84  VAL 84  84  84  VAL VAL A . n 
A 1 85  ALA 85  85  85  ALA ALA A . n 
A 1 86  LEU 86  86  86  LEU LEU A . n 
A 1 87  GLY 87  87  87  GLY GLY A . n 
A 1 88  SER 88  88  88  SER SER A . n 
A 1 89  GLY 89  89  89  GLY GLY A . n 
A 1 90  ASP 90  90  90  ASP ASP A . n 
A 1 91  GLY 91  91  91  GLY GLY A . n 
A 1 92  TRP 92  92  92  TRP TRP A . n 
A 1 93  TRP 93  93  93  TRP TRP A . n 
A 1 94  GLU 94  94  94  GLU GLU A . n 
A 1 95  GLU 95  95  95  GLU GLU A . n 
A 1 96  GLU 96  96  96  GLU GLU A . n 
A 1 97  THR 97  97  97  THR THR A . n 
A 1 98  ASP 98  98  98  ASP ASP A . n 
A 1 99  PRO 99  99  99  PRO PRO A . n 
A 1 100 GLY 100 100 100 GLY GLY A . n 
A 1 101 VAL 101 101 101 VAL VAL A . n 
A 1 102 ARG 102 102 102 ARG ARG A . n 
A 1 103 GLY 103 103 103 GLY GLY A . n 
A 1 104 ILE 104 104 104 ILE ILE A . n 
A 1 105 ASP 105 105 105 ASP ASP A . n 
A 1 106 GLN 106 106 106 GLN GLN A . n 
A 1 107 LEU 107 107 107 LEU LEU A . n 
A 1 108 LEU 108 108 108 LEU LEU A . n 
A 1 109 ALA 109 109 109 ALA ALA A . n 
A 1 110 ASN 110 110 110 ASN ASN A . n 
A 1 111 ALA 111 111 111 ALA ALA A . n 
A 1 112 SER 112 112 112 SER SER A . n 
A 1 113 GLN 113 113 113 GLN GLN A . n 
A 1 114 LEU 114 114 114 LEU LEU A . n 
A 1 115 GLY 115 115 115 GLY GLY A . n 
A 1 116 LYS 116 116 116 LYS LYS A . n 
A 1 117 GLY 117 117 117 GLY GLY A . n 
A 1 118 LEU 118 118 118 LEU LEU A . n 
A 1 119 GLY 119 119 119 GLY GLY A . n 
A 1 120 THR 120 120 120 THR THR A . n 
A 1 121 LYS 121 121 121 LYS LYS A . n 
A 1 122 LEU 122 122 122 LEU LEU A . n 
A 1 123 VAL 123 123 123 VAL VAL A . n 
A 1 124 ARG 124 124 124 ARG ARG A . n 
A 1 125 ALA 125 125 125 ALA ALA A . n 
A 1 126 LEU 126 126 126 LEU LEU A . n 
A 1 127 VAL 127 127 127 VAL VAL A . n 
A 1 128 GLU 128 128 128 GLU GLU A . n 
A 1 129 LEU 129 129 129 LEU LEU A . n 
A 1 130 LEU 130 130 130 LEU LEU A . n 
A 1 131 PHE 131 131 131 PHE PHE A . n 
A 1 132 ASN 132 132 132 ASN ASN A . n 
A 1 133 ASP 133 133 133 ASP ASP A . n 
A 1 134 PRO 134 134 134 PRO PRO A . n 
A 1 135 GLU 135 135 135 GLU GLU A . n 
A 1 136 VAL 136 136 136 VAL VAL A . n 
A 1 137 THR 137 137 137 THR THR A . n 
A 1 138 LYS 138 138 138 LYS LYS A . n 
A 1 139 ILE 139 139 139 ILE ILE A . n 
A 1 140 GLN 140 140 140 GLN GLN A . n 
A 1 141 THR 141 141 141 THR THR A . n 
A 1 142 ASP 142 142 142 ASP ASP A . n 
A 1 143 PRO 143 143 143 PRO PRO A . n 
A 1 144 SER 144 144 144 SER SER A . n 
A 1 145 PRO 145 145 145 PRO PRO A . n 
A 1 146 SER 146 146 146 SER SER A . n 
A 1 147 ASN 147 147 147 ASN ASN A . n 
A 1 148 LEU 148 148 148 LEU LEU A . n 
A 1 149 ARG 149 149 149 ARG ARG A . n 
A 1 150 ALA 150 150 150 ALA ALA A . n 
A 1 151 ILE 151 151 151 ILE ILE A . n 
A 1 152 ARG 152 152 152 ARG ARG A . n 
A 1 153 CYS 153 153 153 CYS CYS A . n 
A 1 154 TYR 154 154 154 TYR TYR A . n 
A 1 155 GLU 155 155 155 GLU GLU A . n 
A 1 156 LYS 156 156 156 LYS LYS A . n 
A 1 157 ALA 157 157 157 ALA ALA A . n 
A 1 158 GLY 158 158 158 GLY GLY A . n 
A 1 159 PHE 159 159 159 PHE PHE A . n 
A 1 160 GLU 160 160 160 GLU GLU A . n 
A 1 161 ARG 161 161 161 ARG ARG A . n 
A 1 162 GLN 162 162 162 GLN GLN A . n 
A 1 163 GLY 163 163 163 GLY GLY A . n 
A 1 164 THR 164 164 164 THR THR A . n 
A 1 165 VAL 165 165 165 VAL VAL A . n 
A 1 166 THR 166 166 166 THR THR A . n 
A 1 167 THR 167 167 167 THR THR A . n 
A 1 168 PRO 168 168 168 PRO PRO A . n 
A 1 169 ASP 169 169 169 ASP ASP A . n 
A 1 170 GLY 170 170 170 GLY GLY A . n 
A 1 171 PRO 171 171 171 PRO PRO A . n 
A 1 172 ALA 172 172 172 ALA ALA A . n 
A 1 173 VAL 173 173 173 VAL VAL A . n 
A 1 174 TYR 174 174 174 TYR TYR A . n 
A 1 175 MET 175 175 175 MET MET A . n 
A 1 176 VAL 176 176 176 VAL VAL A . n 
A 1 177 GLN 177 177 177 GLN GLN A . n 
A 1 178 THR 178 178 178 THR THR A . n 
A 1 179 ARG 179 179 179 ARG ARG A . n 
A 1 180 GLN 180 180 180 GLN GLN A . n 
A 1 181 ALA 181 181 181 ALA ALA A . n 
A 1 182 PHE 182 182 182 PHE PHE A . n 
A 1 183 GLU 183 183 183 GLU GLU A . n 
A 1 184 ARG 184 184 184 ARG ARG A . n 
A 1 185 THR 185 185 185 THR THR A . n 
A 1 186 ARG 186 186 186 ARG ARG A . n 
A 1 187 SER 187 187 187 SER SER A . n 
A 1 188 ASP 188 188 ?   ?   ?   A . n 
A 1 189 GLU 189 189 ?   ?   ?   A . n 
A 1 190 GLY 190 190 ?   ?   ?   A . n 
A 1 191 ARG 191 191 ?   ?   ?   A . n 
A 1 192 ALA 192 192 ?   ?   ?   A . n 
A 1 193 GLN 193 193 ?   ?   ?   A . n 
A 1 194 PHE 194 194 ?   ?   ?   A . n 
A 1 195 GLU 195 195 ?   ?   ?   A . n 
A 1 196 ALA 196 196 ?   ?   ?   A . n 
# 
loop_
_pdbx_nonpoly_scheme.asym_id 
_pdbx_nonpoly_scheme.entity_id 
_pdbx_nonpoly_scheme.mon_id 
_pdbx_nonpoly_scheme.ndb_seq_num 
_pdbx_nonpoly_scheme.pdb_seq_num 
_pdbx_nonpoly_scheme.auth_seq_num 
_pdbx_nonpoly_scheme.pdb_mon_id 
_pdbx_nonpoly_scheme.auth_mon_id 
_pdbx_nonpoly_scheme.pdb_strand_id 
_pdbx_nonpoly_scheme.pdb_ins_code 
B 2 COA 1   501 1   COA COA A . 
C 3 HOH 1   502 2   HOH HOH A . 
C 3 HOH 2   503 3   HOH HOH A . 
C 3 HOH 3   504 4   HOH HOH A . 
C 3 HOH 4   505 5   HOH HOH A . 
C 3 HOH 5   506 6   HOH HOH A . 
C 3 HOH 6   507 7   HOH HOH A . 
C 3 HOH 7   508 8   HOH HOH A . 
C 3 HOH 8   509 9   HOH HOH A . 
C 3 HOH 9   510 10  HOH HOH A . 
C 3 HOH 10  511 11  HOH HOH A . 
C 3 HOH 11  512 13  HOH HOH A . 
C 3 HOH 12  513 14  HOH HOH A . 
C 3 HOH 13  514 15  HOH HOH A . 
C 3 HOH 14  515 16  HOH HOH A . 
C 3 HOH 15  516 19  HOH HOH A . 
C 3 HOH 16  517 20  HOH HOH A . 
C 3 HOH 17  518 21  HOH HOH A . 
C 3 HOH 18  519 22  HOH HOH A . 
C 3 HOH 19  520 23  HOH HOH A . 
C 3 HOH 20  521 24  HOH HOH A . 
C 3 HOH 21  522 25  HOH HOH A . 
C 3 HOH 22  523 26  HOH HOH A . 
C 3 HOH 23  524 27  HOH HOH A . 
C 3 HOH 24  525 28  HOH HOH A . 
C 3 HOH 25  526 29  HOH HOH A . 
C 3 HOH 26  527 30  HOH HOH A . 
C 3 HOH 27  528 31  HOH HOH A . 
C 3 HOH 28  529 32  HOH HOH A . 
C 3 HOH 29  530 33  HOH HOH A . 
C 3 HOH 30  531 35  HOH HOH A . 
C 3 HOH 31  532 36  HOH HOH A . 
C 3 HOH 32  533 37  HOH HOH A . 
C 3 HOH 33  534 38  HOH HOH A . 
C 3 HOH 34  535 39  HOH HOH A . 
C 3 HOH 35  536 40  HOH HOH A . 
C 3 HOH 36  537 45  HOH HOH A . 
C 3 HOH 37  538 46  HOH HOH A . 
C 3 HOH 38  539 47  HOH HOH A . 
C 3 HOH 39  540 49  HOH HOH A . 
C 3 HOH 40  541 50  HOH HOH A . 
C 3 HOH 41  542 51  HOH HOH A . 
C 3 HOH 42  543 52  HOH HOH A . 
C 3 HOH 43  544 53  HOH HOH A . 
C 3 HOH 44  545 54  HOH HOH A . 
C 3 HOH 45  546 55  HOH HOH A . 
C 3 HOH 46  547 56  HOH HOH A . 
C 3 HOH 47  548 59  HOH HOH A . 
C 3 HOH 48  549 60  HOH HOH A . 
C 3 HOH 49  550 61  HOH HOH A . 
C 3 HOH 50  551 62  HOH HOH A . 
C 3 HOH 51  552 63  HOH HOH A . 
C 3 HOH 52  553 64  HOH HOH A . 
C 3 HOH 53  554 65  HOH HOH A . 
C 3 HOH 54  555 66  HOH HOH A . 
C 3 HOH 55  556 67  HOH HOH A . 
C 3 HOH 56  557 68  HOH HOH A . 
C 3 HOH 57  558 69  HOH HOH A . 
C 3 HOH 58  559 70  HOH HOH A . 
C 3 HOH 59  560 71  HOH HOH A . 
C 3 HOH 60  561 72  HOH HOH A . 
C 3 HOH 61  562 73  HOH HOH A . 
C 3 HOH 62  563 75  HOH HOH A . 
C 3 HOH 63  564 76  HOH HOH A . 
C 3 HOH 64  565 77  HOH HOH A . 
C 3 HOH 65  566 78  HOH HOH A . 
C 3 HOH 66  567 79  HOH HOH A . 
C 3 HOH 67  568 80  HOH HOH A . 
C 3 HOH 68  569 82  HOH HOH A . 
C 3 HOH 69  570 83  HOH HOH A . 
C 3 HOH 70  571 84  HOH HOH A . 
C 3 HOH 71  572 85  HOH HOH A . 
C 3 HOH 72  573 86  HOH HOH A . 
C 3 HOH 73  574 87  HOH HOH A . 
C 3 HOH 74  575 88  HOH HOH A . 
C 3 HOH 75  576 89  HOH HOH A . 
C 3 HOH 76  577 90  HOH HOH A . 
C 3 HOH 77  578 92  HOH HOH A . 
C 3 HOH 78  579 93  HOH HOH A . 
C 3 HOH 79  580 94  HOH HOH A . 
C 3 HOH 80  581 95  HOH HOH A . 
C 3 HOH 81  582 96  HOH HOH A . 
C 3 HOH 82  583 97  HOH HOH A . 
C 3 HOH 83  584 98  HOH HOH A . 
C 3 HOH 84  585 99  HOH HOH A . 
C 3 HOH 85  586 100 HOH HOH A . 
C 3 HOH 86  587 101 HOH HOH A . 
C 3 HOH 87  588 102 HOH HOH A . 
C 3 HOH 88  589 103 HOH HOH A . 
C 3 HOH 89  590 104 HOH HOH A . 
C 3 HOH 90  591 106 HOH HOH A . 
C 3 HOH 91  592 107 HOH HOH A . 
C 3 HOH 92  593 108 HOH HOH A . 
C 3 HOH 93  594 109 HOH HOH A . 
C 3 HOH 94  595 112 HOH HOH A . 
C 3 HOH 95  596 114 HOH HOH A . 
C 3 HOH 96  597 116 HOH HOH A . 
C 3 HOH 97  598 118 HOH HOH A . 
C 3 HOH 98  599 121 HOH HOH A . 
C 3 HOH 99  600 122 HOH HOH A . 
C 3 HOH 100 601 123 HOH HOH A . 
C 3 HOH 101 602 126 HOH HOH A . 
C 3 HOH 102 603 127 HOH HOH A . 
C 3 HOH 103 604 128 HOH HOH A . 
C 3 HOH 104 605 131 HOH HOH A . 
C 3 HOH 105 606 132 HOH HOH A . 
C 3 HOH 106 607 133 HOH HOH A . 
C 3 HOH 107 608 134 HOH HOH A . 
C 3 HOH 108 609 137 HOH HOH A . 
C 3 HOH 109 610 139 HOH HOH A . 
C 3 HOH 110 611 140 HOH HOH A . 
C 3 HOH 111 612 144 HOH HOH A . 
C 3 HOH 112 613 149 HOH HOH A . 
C 3 HOH 113 614 154 HOH HOH A . 
C 3 HOH 114 615 155 HOH HOH A . 
C 3 HOH 115 616 160 HOH HOH A . 
C 3 HOH 116 617 166 HOH HOH A . 
C 3 HOH 117 618 182 HOH HOH A . 
C 3 HOH 118 619 183 HOH HOH A . 
C 3 HOH 119 620 184 HOH HOH A . 
C 3 HOH 120 621 185 HOH HOH A . 
C 3 HOH 121 622 186 HOH HOH A . 
C 3 HOH 122 623 187 HOH HOH A . 
C 3 HOH 123 624 189 HOH HOH A . 
C 3 HOH 124 625 190 HOH HOH A . 
C 3 HOH 125 626 191 HOH HOH A . 
C 3 HOH 126 627 192 HOH HOH A . 
C 3 HOH 127 628 193 HOH HOH A . 
C 3 HOH 128 629 194 HOH HOH A . 
C 3 HOH 129 630 195 HOH HOH A . 
C 3 HOH 130 631 196 HOH HOH A . 
C 3 HOH 131 632 197 HOH HOH A . 
C 3 HOH 132 633 198 HOH HOH A . 
C 3 HOH 133 634 199 HOH HOH A . 
C 3 HOH 134 635 200 HOH HOH A . 
C 3 HOH 135 636 201 HOH HOH A . 
C 3 HOH 136 637 202 HOH HOH A . 
C 3 HOH 137 638 203 HOH HOH A . 
C 3 HOH 138 639 204 HOH HOH A . 
C 3 HOH 139 640 205 HOH HOH A . 
C 3 HOH 140 641 206 HOH HOH A . 
C 3 HOH 141 642 207 HOH HOH A . 
C 3 HOH 142 643 208 HOH HOH A . 
C 3 HOH 143 644 209 HOH HOH A . 
C 3 HOH 144 645 210 HOH HOH A . 
C 3 HOH 145 646 211 HOH HOH A . 
C 3 HOH 146 647 212 HOH HOH A . 
C 3 HOH 147 648 213 HOH HOH A . 
C 3 HOH 148 649 214 HOH HOH A . 
C 3 HOH 149 650 215 HOH HOH A . 
C 3 HOH 150 651 216 HOH HOH A . 
C 3 HOH 151 652 217 HOH HOH A . 
C 3 HOH 152 653 218 HOH HOH A . 
C 3 HOH 153 654 219 HOH HOH A . 
C 3 HOH 154 655 220 HOH HOH A . 
C 3 HOH 155 656 221 HOH HOH A . 
C 3 HOH 156 657 222 HOH HOH A . 
C 3 HOH 157 658 223 HOH HOH A . 
C 3 HOH 158 659 224 HOH HOH A . 
C 3 HOH 159 660 225 HOH HOH A . 
C 3 HOH 160 661 226 HOH HOH A . 
C 3 HOH 161 662 227 HOH HOH A . 
C 3 HOH 162 663 228 HOH HOH A . 
C 3 HOH 163 664 229 HOH HOH A . 
C 3 HOH 164 665 230 HOH HOH A . 
C 3 HOH 165 666 231 HOH HOH A . 
C 3 HOH 166 667 232 HOH HOH A . 
C 3 HOH 167 668 233 HOH HOH A . 
C 3 HOH 168 669 234 HOH HOH A . 
C 3 HOH 169 670 235 HOH HOH A . 
C 3 HOH 170 671 236 HOH HOH A . 
C 3 HOH 171 672 237 HOH HOH A . 
C 3 HOH 172 673 238 HOH HOH A . 
# 
_pdbx_struct_assembly.id                   1 
_pdbx_struct_assembly.details              author_defined_assembly 
_pdbx_struct_assembly.method_details       ? 
_pdbx_struct_assembly.oligomeric_details   monomeric 
_pdbx_struct_assembly.oligomeric_count     1 
# 
_pdbx_struct_assembly_gen.assembly_id       1 
_pdbx_struct_assembly_gen.oper_expression   1 
_pdbx_struct_assembly_gen.asym_id_list      A,B,C 
# 
_pdbx_struct_oper_list.id                   1 
_pdbx_struct_oper_list.type                 'identity operation' 
_pdbx_struct_oper_list.name                 1_555 
_pdbx_struct_oper_list.symmetry_operation   x,y,z 
_pdbx_struct_oper_list.matrix[1][1]         1.0000000000 
_pdbx_struct_oper_list.matrix[1][2]         0.0000000000 
_pdbx_struct_oper_list.matrix[1][3]         0.0000000000 
_pdbx_struct_oper_list.vector[1]            0.0000000000 
_pdbx_struct_oper_list.matrix[2][1]         0.0000000000 
_pdbx_struct_oper_list.matrix[2][2]         1.0000000000 
_pdbx_struct_oper_list.matrix[2][3]         0.0000000000 
_pdbx_struct_oper_list.vector[2]            0.0000000000 
_pdbx_struct_oper_list.matrix[3][1]         0.0000000000 
_pdbx_struct_oper_list.matrix[3][2]         0.0000000000 
_pdbx_struct_oper_list.matrix[3][3]         1.0000000000 
_pdbx_struct_oper_list.vector[3]            0.0000000000 
# 
loop_
_pdbx_audit_revision_history.ordinal 
_pdbx_audit_revision_history.data_content_type 
_pdbx_audit_revision_history.major_revision 
_pdbx_audit_revision_history.minor_revision 
_pdbx_audit_revision_history.revision_date 
1 'Structure model' 1 0 2008-04-08 
2 'Structure model' 1 1 2011-07-13 
3 'Structure model' 1 2 2021-10-20 
4 'Structure model' 1 3 2023-08-30 
# 
_pdbx_audit_revision_details.ordinal             1 
_pdbx_audit_revision_details.revision_ordinal    1 
_pdbx_audit_revision_details.data_content_type   'Structure model' 
_pdbx_audit_revision_details.provider            repository 
_pdbx_audit_revision_details.type                'Initial release' 
_pdbx_audit_revision_details.description         ? 
_pdbx_audit_revision_details.details             ? 
# 
loop_
_pdbx_audit_revision_group.ordinal 
_pdbx_audit_revision_group.revision_ordinal 
_pdbx_audit_revision_group.data_content_type 
_pdbx_audit_revision_group.group 
1 2 'Structure model' 'Version format compliance' 
2 3 'Structure model' 'Database references'       
3 3 'Structure model' 'Derived calculations'      
4 4 'Structure model' 'Data collection'           
5 4 'Structure model' 'Refinement description'    
# 
loop_
_pdbx_audit_revision_category.ordinal 
_pdbx_audit_revision_category.revision_ordinal 
_pdbx_audit_revision_category.data_content_type 
_pdbx_audit_revision_category.category 
1 3 'Structure model' database_2                    
2 3 'Structure model' struct_ref_seq_dif            
3 3 'Structure model' struct_site                   
4 4 'Structure model' chem_comp_atom                
5 4 'Structure model' chem_comp_bond                
6 4 'Structure model' pdbx_initial_refinement_model 
# 
loop_
_pdbx_audit_revision_item.ordinal 
_pdbx_audit_revision_item.revision_ordinal 
_pdbx_audit_revision_item.data_content_type 
_pdbx_audit_revision_item.item 
1 3 'Structure model' '_database_2.pdbx_DOI'                
2 3 'Structure model' '_database_2.pdbx_database_accession' 
3 3 'Structure model' '_struct_ref_seq_dif.details'         
4 3 'Structure model' '_struct_site.pdbx_auth_asym_id'      
5 3 'Structure model' '_struct_site.pdbx_auth_comp_id'      
6 3 'Structure model' '_struct_site.pdbx_auth_seq_id'       
# 
_pdbx_phasing_MR.entry_id                     2PRB 
_pdbx_phasing_MR.method_rotation              ? 
_pdbx_phasing_MR.method_translation           ? 
_pdbx_phasing_MR.model_details                ? 
_pdbx_phasing_MR.R_factor                     ? 
_pdbx_phasing_MR.R_rigid_body                 ? 
_pdbx_phasing_MR.correlation_coeff_Fo_to_Fc   ? 
_pdbx_phasing_MR.correlation_coeff_Io_to_Ic   ? 
_pdbx_phasing_MR.d_res_high_rotation          2.500 
_pdbx_phasing_MR.d_res_low_rotation           40.740 
_pdbx_phasing_MR.d_res_high_translation       2.500 
_pdbx_phasing_MR.d_res_low_translation        40.740 
_pdbx_phasing_MR.packing                      ? 
_pdbx_phasing_MR.reflns_percent_rotation      ? 
_pdbx_phasing_MR.reflns_percent_translation   ? 
_pdbx_phasing_MR.sigma_F_rotation             ? 
_pdbx_phasing_MR.sigma_F_translation          ? 
_pdbx_phasing_MR.sigma_I_rotation             ? 
_pdbx_phasing_MR.sigma_I_translation          ? 
# 
loop_
_software.name 
_software.version 
_software.date 
_software.type 
_software.contact_author 
_software.contact_author_email 
_software.classification 
_software.location 
_software.language 
_software.citation_id 
_software.pdbx_ordinal 
SCALA       .       ?                other   'Phil Evans'      pre@mrc-lmb.cam.ac.uk       'data scaling'    
http://www.ccp4.ac.uk/dist/html/INDEX.html  Fortran_77 ? 1 
PHASER      .       ?                other   'R. J. Read'      cimr-phaser@lists.cam.ac.uk phasing           
http://www-structmed.cimr.cam.ac.uk/phaser/ ?          ? 2 
REFMAC      .       ?                program 'Murshudov, G.N.' ccp4@dl.ac.uk               refinement        
http://www.ccp4.ac.uk/main.html             Fortran_77 ? 3 
PDB_EXTRACT 2.000   'April. 3, 2006' package PDB               sw-help@rcsb.rutgers.edu    'data extraction' 
http://pdb.rutgers.edu/software/            C++        ? 4 
ADSC        Quantum ?                ?       ?                 ?                           'data collection' ? ?          ? 5 
MOSFLM      .       ?                ?       ?                 ?                           'data reduction'  ? ?          ? 6 
# 
loop_
_pdbx_unobs_or_zero_occ_residues.id 
_pdbx_unobs_or_zero_occ_residues.PDB_model_num 
_pdbx_unobs_or_zero_occ_residues.polymer_flag 
_pdbx_unobs_or_zero_occ_residues.occupancy_flag 
_pdbx_unobs_or_zero_occ_residues.auth_asym_id 
_pdbx_unobs_or_zero_occ_residues.auth_comp_id 
_pdbx_unobs_or_zero_occ_residues.auth_seq_id 
_pdbx_unobs_or_zero_occ_residues.PDB_ins_code 
_pdbx_unobs_or_zero_occ_residues.label_asym_id 
_pdbx_unobs_or_zero_occ_residues.label_comp_id 
_pdbx_unobs_or_zero_occ_residues.label_seq_id 
1  1 Y 1 A MET 1   ? A MET 1   
2  1 Y 1 A LYS 2   ? A LYS 2   
3  1 Y 1 A ASN 3   ? A ASN 3   
4  1 Y 1 A THR 4   ? A THR 4   
5  1 Y 1 A ILE 5   ? A ILE 5   
6  1 Y 1 A HIS 6   ? A HIS 6   
7  1 Y 1 A ILE 7   ? A ILE 7   
8  1 Y 1 A ASN 8   ? A ASN 8   
9  1 Y 1 A SER 9   ? A SER 9   
10 1 Y 1 A ASN 10  ? A ASN 10  
11 1 Y 1 A ASP 11  ? A ASP 11  
12 1 Y 1 A GLY 41  ? A GLY 41  
13 1 Y 1 A GLU 42  ? A GLU 42  
14 1 Y 1 A GLU 43  ? A GLU 43  
15 1 Y 1 A ASP 188 ? A ASP 188 
16 1 Y 1 A GLU 189 ? A GLU 189 
17 1 Y 1 A GLY 190 ? A GLY 190 
18 1 Y 1 A ARG 191 ? A ARG 191 
19 1 Y 1 A ALA 192 ? A ALA 192 
20 1 Y 1 A GLN 193 ? A GLN 193 
21 1 Y 1 A PHE 194 ? A PHE 194 
22 1 Y 1 A GLU 195 ? A GLU 195 
23 1 Y 1 A ALA 196 ? A ALA 196 
# 
loop_
_chem_comp_atom.comp_id 
_chem_comp_atom.atom_id 
_chem_comp_atom.type_symbol 
_chem_comp_atom.pdbx_aromatic_flag 
_chem_comp_atom.pdbx_stereo_config 
_chem_comp_atom.pdbx_ordinal 
ALA N    N N N 1   
ALA CA   C N S 2   
ALA C    C N N 3   
ALA O    O N N 4   
ALA CB   C N N 5   
ALA OXT  O N N 6   
ALA H    H N N 7   
ALA H2   H N N 8   
ALA HA   H N N 9   
ALA HB1  H N N 10  
ALA HB2  H N N 11  
ALA HB3  H N N 12  
ALA HXT  H N N 13  
ARG N    N N N 14  
ARG CA   C N S 15  
ARG C    C N N 16  
ARG O    O N N 17  
ARG CB   C N N 18  
ARG CG   C N N 19  
ARG CD   C N N 20  
ARG NE   N N N 21  
ARG CZ   C N N 22  
ARG NH1  N N N 23  
ARG NH2  N N N 24  
ARG OXT  O N N 25  
ARG H    H N N 26  
ARG H2   H N N 27  
ARG HA   H N N 28  
ARG HB2  H N N 29  
ARG HB3  H N N 30  
ARG HG2  H N N 31  
ARG HG3  H N N 32  
ARG HD2  H N N 33  
ARG HD3  H N N 34  
ARG HE   H N N 35  
ARG HH11 H N N 36  
ARG HH12 H N N 37  
ARG HH21 H N N 38  
ARG HH22 H N N 39  
ARG HXT  H N N 40  
ASN N    N N N 41  
ASN CA   C N S 42  
ASN C    C N N 43  
ASN O    O N N 44  
ASN CB   C N N 45  
ASN CG   C N N 46  
ASN OD1  O N N 47  
ASN ND2  N N N 48  
ASN OXT  O N N 49  
ASN H    H N N 50  
ASN H2   H N N 51  
ASN HA   H N N 52  
ASN HB2  H N N 53  
ASN HB3  H N N 54  
ASN HD21 H N N 55  
ASN HD22 H N N 56  
ASN HXT  H N N 57  
ASP N    N N N 58  
ASP CA   C N S 59  
ASP C    C N N 60  
ASP O    O N N 61  
ASP CB   C N N 62  
ASP CG   C N N 63  
ASP OD1  O N N 64  
ASP OD2  O N N 65  
ASP OXT  O N N 66  
ASP H    H N N 67  
ASP H2   H N N 68  
ASP HA   H N N 69  
ASP HB2  H N N 70  
ASP HB3  H N N 71  
ASP HD2  H N N 72  
ASP HXT  H N N 73  
COA N1A  N Y N 74  
COA C2A  C Y N 75  
COA N3A  N Y N 76  
COA C4A  C Y N 77  
COA C5A  C Y N 78  
COA C6A  C Y N 79  
COA N6A  N N N 80  
COA N7A  N Y N 81  
COA C8A  C Y N 82  
COA N9A  N Y N 83  
COA C1B  C N R 84  
COA C2B  C N R 85  
COA O2B  O N N 86  
COA C3B  C N S 87  
COA O3B  O N N 88  
COA P3B  P N N 89  
COA O7A  O N N 90  
COA O8A  O N N 91  
COA O9A  O N N 92  
COA C4B  C N R 93  
COA O4B  O N N 94  
COA C5B  C N N 95  
COA O5B  O N N 96  
COA P1A  P N S 97  
COA O1A  O N N 98  
COA O2A  O N N 99  
COA O3A  O N N 100 
COA P2A  P N S 101 
COA O4A  O N N 102 
COA O5A  O N N 103 
COA O6A  O N N 104 
COA CBP  C N N 105 
COA CCP  C N N 106 
COA CDP  C N N 107 
COA CEP  C N N 108 
COA CAP  C N R 109 
COA OAP  O N N 110 
COA C9P  C N N 111 
COA O9P  O N N 112 
COA N8P  N N N 113 
COA C7P  C N N 114 
COA C6P  C N N 115 
COA C5P  C N N 116 
COA O5P  O N N 117 
COA N4P  N N N 118 
COA C3P  C N N 119 
COA C2P  C N N 120 
COA S1P  S N N 121 
COA H2A  H N N 122 
COA H61A H N N 123 
COA H62A H N N 124 
COA H8A  H N N 125 
COA H1B  H N N 126 
COA H2B  H N N 127 
COA HO2A H N N 128 
COA H3B  H N N 129 
COA HOA8 H N N 130 
COA HOA9 H N N 131 
COA H4B  H N N 132 
COA H51A H N N 133 
COA H52A H N N 134 
COA HOA2 H N N 135 
COA HOA5 H N N 136 
COA H121 H N N 137 
COA H122 H N N 138 
COA H131 H N N 139 
COA H132 H N N 140 
COA H133 H N N 141 
COA H141 H N N 142 
COA H142 H N N 143 
COA H143 H N N 144 
COA H10  H N N 145 
COA HO1  H N N 146 
COA HN8  H N N 147 
COA H71  H N N 148 
COA H72  H N N 149 
COA H61  H N N 150 
COA H62  H N N 151 
COA HN4  H N N 152 
COA H31  H N N 153 
COA H32  H N N 154 
COA H21  H N N 155 
COA H22  H N N 156 
COA HS1  H N N 157 
CYS N    N N N 158 
CYS CA   C N R 159 
CYS C    C N N 160 
CYS O    O N N 161 
CYS CB   C N N 162 
CYS SG   S N N 163 
CYS OXT  O N N 164 
CYS H    H N N 165 
CYS H2   H N N 166 
CYS HA   H N N 167 
CYS HB2  H N N 168 
CYS HB3  H N N 169 
CYS HG   H N N 170 
CYS HXT  H N N 171 
GLN N    N N N 172 
GLN CA   C N S 173 
GLN C    C N N 174 
GLN O    O N N 175 
GLN CB   C N N 176 
GLN CG   C N N 177 
GLN CD   C N N 178 
GLN OE1  O N N 179 
GLN NE2  N N N 180 
GLN OXT  O N N 181 
GLN H    H N N 182 
GLN H2   H N N 183 
GLN HA   H N N 184 
GLN HB2  H N N 185 
GLN HB3  H N N 186 
GLN HG2  H N N 187 
GLN HG3  H N N 188 
GLN HE21 H N N 189 
GLN HE22 H N N 190 
GLN HXT  H N N 191 
GLU N    N N N 192 
GLU CA   C N S 193 
GLU C    C N N 194 
GLU O    O N N 195 
GLU CB   C N N 196 
GLU CG   C N N 197 
GLU CD   C N N 198 
GLU OE1  O N N 199 
GLU OE2  O N N 200 
GLU OXT  O N N 201 
GLU H    H N N 202 
GLU H2   H N N 203 
GLU HA   H N N 204 
GLU HB2  H N N 205 
GLU HB3  H N N 206 
GLU HG2  H N N 207 
GLU HG3  H N N 208 
GLU HE2  H N N 209 
GLU HXT  H N N 210 
GLY N    N N N 211 
GLY CA   C N N 212 
GLY C    C N N 213 
GLY O    O N N 214 
GLY OXT  O N N 215 
GLY H    H N N 216 
GLY H2   H N N 217 
GLY HA2  H N N 218 
GLY HA3  H N N 219 
GLY HXT  H N N 220 
HIS N    N N N 221 
HIS CA   C N S 222 
HIS C    C N N 223 
HIS O    O N N 224 
HIS CB   C N N 225 
HIS CG   C Y N 226 
HIS ND1  N Y N 227 
HIS CD2  C Y N 228 
HIS CE1  C Y N 229 
HIS NE2  N Y N 230 
HIS OXT  O N N 231 
HIS H    H N N 232 
HIS H2   H N N 233 
HIS HA   H N N 234 
HIS HB2  H N N 235 
HIS HB3  H N N 236 
HIS HD1  H N N 237 
HIS HD2  H N N 238 
HIS HE1  H N N 239 
HIS HE2  H N N 240 
HIS HXT  H N N 241 
HOH O    O N N 242 
HOH H1   H N N 243 
HOH H2   H N N 244 
ILE N    N N N 245 
ILE CA   C N S 246 
ILE C    C N N 247 
ILE O    O N N 248 
ILE CB   C N S 249 
ILE CG1  C N N 250 
ILE CG2  C N N 251 
ILE CD1  C N N 252 
ILE OXT  O N N 253 
ILE H    H N N 254 
ILE H2   H N N 255 
ILE HA   H N N 256 
ILE HB   H N N 257 
ILE HG12 H N N 258 
ILE HG13 H N N 259 
ILE HG21 H N N 260 
ILE HG22 H N N 261 
ILE HG23 H N N 262 
ILE HD11 H N N 263 
ILE HD12 H N N 264 
ILE HD13 H N N 265 
ILE HXT  H N N 266 
LEU N    N N N 267 
LEU CA   C N S 268 
LEU C    C N N 269 
LEU O    O N N 270 
LEU CB   C N N 271 
LEU CG   C N N 272 
LEU CD1  C N N 273 
LEU CD2  C N N 274 
LEU OXT  O N N 275 
LEU H    H N N 276 
LEU H2   H N N 277 
LEU HA   H N N 278 
LEU HB2  H N N 279 
LEU HB3  H N N 280 
LEU HG   H N N 281 
LEU HD11 H N N 282 
LEU HD12 H N N 283 
LEU HD13 H N N 284 
LEU HD21 H N N 285 
LEU HD22 H N N 286 
LEU HD23 H N N 287 
LEU HXT  H N N 288 
LYS N    N N N 289 
LYS CA   C N S 290 
LYS C    C N N 291 
LYS O    O N N 292 
LYS CB   C N N 293 
LYS CG   C N N 294 
LYS CD   C N N 295 
LYS CE   C N N 296 
LYS NZ   N N N 297 
LYS OXT  O N N 298 
LYS H    H N N 299 
LYS H2   H N N 300 
LYS HA   H N N 301 
LYS HB2  H N N 302 
LYS HB3  H N N 303 
LYS HG2  H N N 304 
LYS HG3  H N N 305 
LYS HD2  H N N 306 
LYS HD3  H N N 307 
LYS HE2  H N N 308 
LYS HE3  H N N 309 
LYS HZ1  H N N 310 
LYS HZ2  H N N 311 
LYS HZ3  H N N 312 
LYS HXT  H N N 313 
MET N    N N N 314 
MET CA   C N S 315 
MET C    C N N 316 
MET O    O N N 317 
MET CB   C N N 318 
MET CG   C N N 319 
MET SD   S N N 320 
MET CE   C N N 321 
MET OXT  O N N 322 
MET H    H N N 323 
MET H2   H N N 324 
MET HA   H N N 325 
MET HB2  H N N 326 
MET HB3  H N N 327 
MET HG2  H N N 328 
MET HG3  H N N 329 
MET HE1  H N N 330 
MET HE2  H N N 331 
MET HE3  H N N 332 
MET HXT  H N N 333 
PHE N    N N N 334 
PHE CA   C N S 335 
PHE C    C N N 336 
PHE O    O N N 337 
PHE CB   C N N 338 
PHE CG   C Y N 339 
PHE CD1  C Y N 340 
PHE CD2  C Y N 341 
PHE CE1  C Y N 342 
PHE CE2  C Y N 343 
PHE CZ   C Y N 344 
PHE OXT  O N N 345 
PHE H    H N N 346 
PHE H2   H N N 347 
PHE HA   H N N 348 
PHE HB2  H N N 349 
PHE HB3  H N N 350 
PHE HD1  H N N 351 
PHE HD2  H N N 352 
PHE HE1  H N N 353 
PHE HE2  H N N 354 
PHE HZ   H N N 355 
PHE HXT  H N N 356 
PRO N    N N N 357 
PRO CA   C N S 358 
PRO C    C N N 359 
PRO O    O N N 360 
PRO CB   C N N 361 
PRO CG   C N N 362 
PRO CD   C N N 363 
PRO OXT  O N N 364 
PRO H    H N N 365 
PRO HA   H N N 366 
PRO HB2  H N N 367 
PRO HB3  H N N 368 
PRO HG2  H N N 369 
PRO HG3  H N N 370 
PRO HD2  H N N 371 
PRO HD3  H N N 372 
PRO HXT  H N N 373 
SER N    N N N 374 
SER CA   C N S 375 
SER C    C N N 376 
SER O    O N N 377 
SER CB   C N N 378 
SER OG   O N N 379 
SER OXT  O N N 380 
SER H    H N N 381 
SER H2   H N N 382 
SER HA   H N N 383 
SER HB2  H N N 384 
SER HB3  H N N 385 
SER HG   H N N 386 
SER HXT  H N N 387 
THR N    N N N 388 
THR CA   C N S 389 
THR C    C N N 390 
THR O    O N N 391 
THR CB   C N R 392 
THR OG1  O N N 393 
THR CG2  C N N 394 
THR OXT  O N N 395 
THR H    H N N 396 
THR H2   H N N 397 
THR HA   H N N 398 
THR HB   H N N 399 
THR HG1  H N N 400 
THR HG21 H N N 401 
THR HG22 H N N 402 
THR HG23 H N N 403 
THR HXT  H N N 404 
TRP N    N N N 405 
TRP CA   C N S 406 
TRP C    C N N 407 
TRP O    O N N 408 
TRP CB   C N N 409 
TRP CG   C Y N 410 
TRP CD1  C Y N 411 
TRP CD2  C Y N 412 
TRP NE1  N Y N 413 
TRP CE2  C Y N 414 
TRP CE3  C Y N 415 
TRP CZ2  C Y N 416 
TRP CZ3  C Y N 417 
TRP CH2  C Y N 418 
TRP OXT  O N N 419 
TRP H    H N N 420 
TRP H2   H N N 421 
TRP HA   H N N 422 
TRP HB2  H N N 423 
TRP HB3  H N N 424 
TRP HD1  H N N 425 
TRP HE1  H N N 426 
TRP HE3  H N N 427 
TRP HZ2  H N N 428 
TRP HZ3  H N N 429 
TRP HH2  H N N 430 
TRP HXT  H N N 431 
TYR N    N N N 432 
TYR CA   C N S 433 
TYR C    C N N 434 
TYR O    O N N 435 
TYR CB   C N N 436 
TYR CG   C Y N 437 
TYR CD1  C Y N 438 
TYR CD2  C Y N 439 
TYR CE1  C Y N 440 
TYR CE2  C Y N 441 
TYR CZ   C Y N 442 
TYR OH   O N N 443 
TYR OXT  O N N 444 
TYR H    H N N 445 
TYR H2   H N N 446 
TYR HA   H N N 447 
TYR HB2  H N N 448 
TYR HB3  H N N 449 
TYR HD1  H N N 450 
TYR HD2  H N N 451 
TYR HE1  H N N 452 
TYR HE2  H N N 453 
TYR HH   H N N 454 
TYR HXT  H N N 455 
VAL N    N N N 456 
VAL CA   C N S 457 
VAL C    C N N 458 
VAL O    O N N 459 
VAL CB   C N N 460 
VAL CG1  C N N 461 
VAL CG2  C N N 462 
VAL OXT  O N N 463 
VAL H    H N N 464 
VAL H2   H N N 465 
VAL HA   H N N 466 
VAL HB   H N N 467 
VAL HG11 H N N 468 
VAL HG12 H N N 469 
VAL HG13 H N N 470 
VAL HG21 H N N 471 
VAL HG22 H N N 472 
VAL HG23 H N N 473 
VAL HXT  H N N 474 
# 
loop_
_chem_comp_bond.comp_id 
_chem_comp_bond.atom_id_1 
_chem_comp_bond.atom_id_2 
_chem_comp_bond.value_order 
_chem_comp_bond.pdbx_aromatic_flag 
_chem_comp_bond.pdbx_stereo_config 
_chem_comp_bond.pdbx_ordinal 
ALA N   CA   sing N N 1   
ALA N   H    sing N N 2   
ALA N   H2   sing N N 3   
ALA CA  C    sing N N 4   
ALA CA  CB   sing N N 5   
ALA CA  HA   sing N N 6   
ALA C   O    doub N N 7   
ALA C   OXT  sing N N 8   
ALA CB  HB1  sing N N 9   
ALA CB  HB2  sing N N 10  
ALA CB  HB3  sing N N 11  
ALA OXT HXT  sing N N 12  
ARG N   CA   sing N N 13  
ARG N   H    sing N N 14  
ARG N   H2   sing N N 15  
ARG CA  C    sing N N 16  
ARG CA  CB   sing N N 17  
ARG CA  HA   sing N N 18  
ARG C   O    doub N N 19  
ARG C   OXT  sing N N 20  
ARG CB  CG   sing N N 21  
ARG CB  HB2  sing N N 22  
ARG CB  HB3  sing N N 23  
ARG CG  CD   sing N N 24  
ARG CG  HG2  sing N N 25  
ARG CG  HG3  sing N N 26  
ARG CD  NE   sing N N 27  
ARG CD  HD2  sing N N 28  
ARG CD  HD3  sing N N 29  
ARG NE  CZ   sing N N 30  
ARG NE  HE   sing N N 31  
ARG CZ  NH1  sing N N 32  
ARG CZ  NH2  doub N N 33  
ARG NH1 HH11 sing N N 34  
ARG NH1 HH12 sing N N 35  
ARG NH2 HH21 sing N N 36  
ARG NH2 HH22 sing N N 37  
ARG OXT HXT  sing N N 38  
ASN N   CA   sing N N 39  
ASN N   H    sing N N 40  
ASN N   H2   sing N N 41  
ASN CA  C    sing N N 42  
ASN CA  CB   sing N N 43  
ASN CA  HA   sing N N 44  
ASN C   O    doub N N 45  
ASN C   OXT  sing N N 46  
ASN CB  CG   sing N N 47  
ASN CB  HB2  sing N N 48  
ASN CB  HB3  sing N N 49  
ASN CG  OD1  doub N N 50  
ASN CG  ND2  sing N N 51  
ASN ND2 HD21 sing N N 52  
ASN ND2 HD22 sing N N 53  
ASN OXT HXT  sing N N 54  
ASP N   CA   sing N N 55  
ASP N   H    sing N N 56  
ASP N   H2   sing N N 57  
ASP CA  C    sing N N 58  
ASP CA  CB   sing N N 59  
ASP CA  HA   sing N N 60  
ASP C   O    doub N N 61  
ASP C   OXT  sing N N 62  
ASP CB  CG   sing N N 63  
ASP CB  HB2  sing N N 64  
ASP CB  HB3  sing N N 65  
ASP CG  OD1  doub N N 66  
ASP CG  OD2  sing N N 67  
ASP OD2 HD2  sing N N 68  
ASP OXT HXT  sing N N 69  
COA N1A C2A  sing Y N 70  
COA N1A C6A  doub Y N 71  
COA C2A N3A  doub Y N 72  
COA C2A H2A  sing N N 73  
COA N3A C4A  sing Y N 74  
COA C4A C5A  doub Y N 75  
COA C4A N9A  sing Y N 76  
COA C5A C6A  sing Y N 77  
COA C5A N7A  sing Y N 78  
COA C6A N6A  sing N N 79  
COA N6A H61A sing N N 80  
COA N6A H62A sing N N 81  
COA N7A C8A  doub Y N 82  
COA C8A N9A  sing Y N 83  
COA C8A H8A  sing N N 84  
COA N9A C1B  sing N N 85  
COA C1B C2B  sing N N 86  
COA C1B O4B  sing N N 87  
COA C1B H1B  sing N N 88  
COA C2B O2B  sing N N 89  
COA C2B C3B  sing N N 90  
COA C2B H2B  sing N N 91  
COA O2B HO2A sing N N 92  
COA C3B O3B  sing N N 93  
COA C3B C4B  sing N N 94  
COA C3B H3B  sing N N 95  
COA O3B P3B  sing N N 96  
COA P3B O7A  doub N N 97  
COA P3B O8A  sing N N 98  
COA P3B O9A  sing N N 99  
COA O8A HOA8 sing N N 100 
COA O9A HOA9 sing N N 101 
COA C4B O4B  sing N N 102 
COA C4B C5B  sing N N 103 
COA C4B H4B  sing N N 104 
COA C5B O5B  sing N N 105 
COA C5B H51A sing N N 106 
COA C5B H52A sing N N 107 
COA O5B P1A  sing N N 108 
COA P1A O1A  doub N N 109 
COA P1A O2A  sing N N 110 
COA P1A O3A  sing N N 111 
COA O2A HOA2 sing N N 112 
COA O3A P2A  sing N N 113 
COA P2A O4A  doub N N 114 
COA P2A O5A  sing N N 115 
COA P2A O6A  sing N N 116 
COA O5A HOA5 sing N N 117 
COA O6A CCP  sing N N 118 
COA CBP CCP  sing N N 119 
COA CBP CDP  sing N N 120 
COA CBP CEP  sing N N 121 
COA CBP CAP  sing N N 122 
COA CCP H121 sing N N 123 
COA CCP H122 sing N N 124 
COA CDP H131 sing N N 125 
COA CDP H132 sing N N 126 
COA CDP H133 sing N N 127 
COA CEP H141 sing N N 128 
COA CEP H142 sing N N 129 
COA CEP H143 sing N N 130 
COA CAP OAP  sing N N 131 
COA CAP C9P  sing N N 132 
COA CAP H10  sing N N 133 
COA OAP HO1  sing N N 134 
COA C9P O9P  doub N N 135 
COA C9P N8P  sing N N 136 
COA N8P C7P  sing N N 137 
COA N8P HN8  sing N N 138 
COA C7P C6P  sing N N 139 
COA C7P H71  sing N N 140 
COA C7P H72  sing N N 141 
COA C6P C5P  sing N N 142 
COA C6P H61  sing N N 143 
COA C6P H62  sing N N 144 
COA C5P O5P  doub N N 145 
COA C5P N4P  sing N N 146 
COA N4P C3P  sing N N 147 
COA N4P HN4  sing N N 148 
COA C3P C2P  sing N N 149 
COA C3P H31  sing N N 150 
COA C3P H32  sing N N 151 
COA C2P S1P  sing N N 152 
COA C2P H21  sing N N 153 
COA C2P H22  sing N N 154 
COA S1P HS1  sing N N 155 
CYS N   CA   sing N N 156 
CYS N   H    sing N N 157 
CYS N   H2   sing N N 158 
CYS CA  C    sing N N 159 
CYS CA  CB   sing N N 160 
CYS CA  HA   sing N N 161 
CYS C   O    doub N N 162 
CYS C   OXT  sing N N 163 
CYS CB  SG   sing N N 164 
CYS CB  HB2  sing N N 165 
CYS CB  HB3  sing N N 166 
CYS SG  HG   sing N N 167 
CYS OXT HXT  sing N N 168 
GLN N   CA   sing N N 169 
GLN N   H    sing N N 170 
GLN N   H2   sing N N 171 
GLN CA  C    sing N N 172 
GLN CA  CB   sing N N 173 
GLN CA  HA   sing N N 174 
GLN C   O    doub N N 175 
GLN C   OXT  sing N N 176 
GLN CB  CG   sing N N 177 
GLN CB  HB2  sing N N 178 
GLN CB  HB3  sing N N 179 
GLN CG  CD   sing N N 180 
GLN CG  HG2  sing N N 181 
GLN CG  HG3  sing N N 182 
GLN CD  OE1  doub N N 183 
GLN CD  NE2  sing N N 184 
GLN NE2 HE21 sing N N 185 
GLN NE2 HE22 sing N N 186 
GLN OXT HXT  sing N N 187 
GLU N   CA   sing N N 188 
GLU N   H    sing N N 189 
GLU N   H2   sing N N 190 
GLU CA  C    sing N N 191 
GLU CA  CB   sing N N 192 
GLU CA  HA   sing N N 193 
GLU C   O    doub N N 194 
GLU C   OXT  sing N N 195 
GLU CB  CG   sing N N 196 
GLU CB  HB2  sing N N 197 
GLU CB  HB3  sing N N 198 
GLU CG  CD   sing N N 199 
GLU CG  HG2  sing N N 200 
GLU CG  HG3  sing N N 201 
GLU CD  OE1  doub N N 202 
GLU CD  OE2  sing N N 203 
GLU OE2 HE2  sing N N 204 
GLU OXT HXT  sing N N 205 
GLY N   CA   sing N N 206 
GLY N   H    sing N N 207 
GLY N   H2   sing N N 208 
GLY CA  C    sing N N 209 
GLY CA  HA2  sing N N 210 
GLY CA  HA3  sing N N 211 
GLY C   O    doub N N 212 
GLY C   OXT  sing N N 213 
GLY OXT HXT  sing N N 214 
HIS N   CA   sing N N 215 
HIS N   H    sing N N 216 
HIS N   H2   sing N N 217 
HIS CA  C    sing N N 218 
HIS CA  CB   sing N N 219 
HIS CA  HA   sing N N 220 
HIS C   O    doub N N 221 
HIS C   OXT  sing N N 222 
HIS CB  CG   sing N N 223 
HIS CB  HB2  sing N N 224 
HIS CB  HB3  sing N N 225 
HIS CG  ND1  sing Y N 226 
HIS CG  CD2  doub Y N 227 
HIS ND1 CE1  doub Y N 228 
HIS ND1 HD1  sing N N 229 
HIS CD2 NE2  sing Y N 230 
HIS CD2 HD2  sing N N 231 
HIS CE1 NE2  sing Y N 232 
HIS CE1 HE1  sing N N 233 
HIS NE2 HE2  sing N N 234 
HIS OXT HXT  sing N N 235 
HOH O   H1   sing N N 236 
HOH O   H2   sing N N 237 
ILE N   CA   sing N N 238 
ILE N   H    sing N N 239 
ILE N   H2   sing N N 240 
ILE CA  C    sing N N 241 
ILE CA  CB   sing N N 242 
ILE CA  HA   sing N N 243 
ILE C   O    doub N N 244 
ILE C   OXT  sing N N 245 
ILE CB  CG1  sing N N 246 
ILE CB  CG2  sing N N 247 
ILE CB  HB   sing N N 248 
ILE CG1 CD1  sing N N 249 
ILE CG1 HG12 sing N N 250 
ILE CG1 HG13 sing N N 251 
ILE CG2 HG21 sing N N 252 
ILE CG2 HG22 sing N N 253 
ILE CG2 HG23 sing N N 254 
ILE CD1 HD11 sing N N 255 
ILE CD1 HD12 sing N N 256 
ILE CD1 HD13 sing N N 257 
ILE OXT HXT  sing N N 258 
LEU N   CA   sing N N 259 
LEU N   H    sing N N 260 
LEU N   H2   sing N N 261 
LEU CA  C    sing N N 262 
LEU CA  CB   sing N N 263 
LEU CA  HA   sing N N 264 
LEU C   O    doub N N 265 
LEU C   OXT  sing N N 266 
LEU CB  CG   sing N N 267 
LEU CB  HB2  sing N N 268 
LEU CB  HB3  sing N N 269 
LEU CG  CD1  sing N N 270 
LEU CG  CD2  sing N N 271 
LEU CG  HG   sing N N 272 
LEU CD1 HD11 sing N N 273 
LEU CD1 HD12 sing N N 274 
LEU CD1 HD13 sing N N 275 
LEU CD2 HD21 sing N N 276 
LEU CD2 HD22 sing N N 277 
LEU CD2 HD23 sing N N 278 
LEU OXT HXT  sing N N 279 
LYS N   CA   sing N N 280 
LYS N   H    sing N N 281 
LYS N   H2   sing N N 282 
LYS CA  C    sing N N 283 
LYS CA  CB   sing N N 284 
LYS CA  HA   sing N N 285 
LYS C   O    doub N N 286 
LYS C   OXT  sing N N 287 
LYS CB  CG   sing N N 288 
LYS CB  HB2  sing N N 289 
LYS CB  HB3  sing N N 290 
LYS CG  CD   sing N N 291 
LYS CG  HG2  sing N N 292 
LYS CG  HG3  sing N N 293 
LYS CD  CE   sing N N 294 
LYS CD  HD2  sing N N 295 
LYS CD  HD3  sing N N 296 
LYS CE  NZ   sing N N 297 
LYS CE  HE2  sing N N 298 
LYS CE  HE3  sing N N 299 
LYS NZ  HZ1  sing N N 300 
LYS NZ  HZ2  sing N N 301 
LYS NZ  HZ3  sing N N 302 
LYS OXT HXT  sing N N 303 
MET N   CA   sing N N 304 
MET N   H    sing N N 305 
MET N   H2   sing N N 306 
MET CA  C    sing N N 307 
MET CA  CB   sing N N 308 
MET CA  HA   sing N N 309 
MET C   O    doub N N 310 
MET C   OXT  sing N N 311 
MET CB  CG   sing N N 312 
MET CB  HB2  sing N N 313 
MET CB  HB3  sing N N 314 
MET CG  SD   sing N N 315 
MET CG  HG2  sing N N 316 
MET CG  HG3  sing N N 317 
MET SD  CE   sing N N 318 
MET CE  HE1  sing N N 319 
MET CE  HE2  sing N N 320 
MET CE  HE3  sing N N 321 
MET OXT HXT  sing N N 322 
PHE N   CA   sing N N 323 
PHE N   H    sing N N 324 
PHE N   H2   sing N N 325 
PHE CA  C    sing N N 326 
PHE CA  CB   sing N N 327 
PHE CA  HA   sing N N 328 
PHE C   O    doub N N 329 
PHE C   OXT  sing N N 330 
PHE CB  CG   sing N N 331 
PHE CB  HB2  sing N N 332 
PHE CB  HB3  sing N N 333 
PHE CG  CD1  doub Y N 334 
PHE CG  CD2  sing Y N 335 
PHE CD1 CE1  sing Y N 336 
PHE CD1 HD1  sing N N 337 
PHE CD2 CE2  doub Y N 338 
PHE CD2 HD2  sing N N 339 
PHE CE1 CZ   doub Y N 340 
PHE CE1 HE1  sing N N 341 
PHE CE2 CZ   sing Y N 342 
PHE CE2 HE2  sing N N 343 
PHE CZ  HZ   sing N N 344 
PHE OXT HXT  sing N N 345 
PRO N   CA   sing N N 346 
PRO N   CD   sing N N 347 
PRO N   H    sing N N 348 
PRO CA  C    sing N N 349 
PRO CA  CB   sing N N 350 
PRO CA  HA   sing N N 351 
PRO C   O    doub N N 352 
PRO C   OXT  sing N N 353 
PRO CB  CG   sing N N 354 
PRO CB  HB2  sing N N 355 
PRO CB  HB3  sing N N 356 
PRO CG  CD   sing N N 357 
PRO CG  HG2  sing N N 358 
PRO CG  HG3  sing N N 359 
PRO CD  HD2  sing N N 360 
PRO CD  HD3  sing N N 361 
PRO OXT HXT  sing N N 362 
SER N   CA   sing N N 363 
SER N   H    sing N N 364 
SER N   H2   sing N N 365 
SER CA  C    sing N N 366 
SER CA  CB   sing N N 367 
SER CA  HA   sing N N 368 
SER C   O    doub N N 369 
SER C   OXT  sing N N 370 
SER CB  OG   sing N N 371 
SER CB  HB2  sing N N 372 
SER CB  HB3  sing N N 373 
SER OG  HG   sing N N 374 
SER OXT HXT  sing N N 375 
THR N   CA   sing N N 376 
THR N   H    sing N N 377 
THR N   H2   sing N N 378 
THR CA  C    sing N N 379 
THR CA  CB   sing N N 380 
THR CA  HA   sing N N 381 
THR C   O    doub N N 382 
THR C   OXT  sing N N 383 
THR CB  OG1  sing N N 384 
THR CB  CG2  sing N N 385 
THR CB  HB   sing N N 386 
THR OG1 HG1  sing N N 387 
THR CG2 HG21 sing N N 388 
THR CG2 HG22 sing N N 389 
THR CG2 HG23 sing N N 390 
THR OXT HXT  sing N N 391 
TRP N   CA   sing N N 392 
TRP N   H    sing N N 393 
TRP N   H2   sing N N 394 
TRP CA  C    sing N N 395 
TRP CA  CB   sing N N 396 
TRP CA  HA   sing N N 397 
TRP C   O    doub N N 398 
TRP C   OXT  sing N N 399 
TRP CB  CG   sing N N 400 
TRP CB  HB2  sing N N 401 
TRP CB  HB3  sing N N 402 
TRP CG  CD1  doub Y N 403 
TRP CG  CD2  sing Y N 404 
TRP CD1 NE1  sing Y N 405 
TRP CD1 HD1  sing N N 406 
TRP CD2 CE2  doub Y N 407 
TRP CD2 CE3  sing Y N 408 
TRP NE1 CE2  sing Y N 409 
TRP NE1 HE1  sing N N 410 
TRP CE2 CZ2  sing Y N 411 
TRP CE3 CZ3  doub Y N 412 
TRP CE3 HE3  sing N N 413 
TRP CZ2 CH2  doub Y N 414 
TRP CZ2 HZ2  sing N N 415 
TRP CZ3 CH2  sing Y N 416 
TRP CZ3 HZ3  sing N N 417 
TRP CH2 HH2  sing N N 418 
TRP OXT HXT  sing N N 419 
TYR N   CA   sing N N 420 
TYR N   H    sing N N 421 
TYR N   H2   sing N N 422 
TYR CA  C    sing N N 423 
TYR CA  CB   sing N N 424 
TYR CA  HA   sing N N 425 
TYR C   O    doub N N 426 
TYR C   OXT  sing N N 427 
TYR CB  CG   sing N N 428 
TYR CB  HB2  sing N N 429 
TYR CB  HB3  sing N N 430 
TYR CG  CD1  doub Y N 431 
TYR CG  CD2  sing Y N 432 
TYR CD1 CE1  sing Y N 433 
TYR CD1 HD1  sing N N 434 
TYR CD2 CE2  doub Y N 435 
TYR CD2 HD2  sing N N 436 
TYR CE1 CZ   doub Y N 437 
TYR CE1 HE1  sing N N 438 
TYR CE2 CZ   sing Y N 439 
TYR CE2 HE2  sing N N 440 
TYR CZ  OH   sing N N 441 
TYR OH  HH   sing N N 442 
TYR OXT HXT  sing N N 443 
VAL N   CA   sing N N 444 
VAL N   H    sing N N 445 
VAL N   H2   sing N N 446 
VAL CA  C    sing N N 447 
VAL CA  CB   sing N N 448 
VAL CA  HA   sing N N 449 
VAL C   O    doub N N 450 
VAL C   OXT  sing N N 451 
VAL CB  CG1  sing N N 452 
VAL CB  CG2  sing N N 453 
VAL CB  HB   sing N N 454 
VAL CG1 HG11 sing N N 455 
VAL CG1 HG12 sing N N 456 
VAL CG1 HG13 sing N N 457 
VAL CG2 HG21 sing N N 458 
VAL CG2 HG22 sing N N 459 
VAL CG2 HG23 sing N N 460 
VAL OXT HXT  sing N N 461 
# 
loop_
_pdbx_entity_nonpoly.entity_id 
_pdbx_entity_nonpoly.name 
_pdbx_entity_nonpoly.comp_id 
2 'COENZYME A' COA 
3 water        HOH 
# 
_pdbx_initial_refinement_model.id               1 
_pdbx_initial_refinement_model.entity_id_list   ? 
_pdbx_initial_refinement_model.type             'experimental model' 
_pdbx_initial_refinement_model.source_name      PDB 
_pdbx_initial_refinement_model.accession_code   2PR8 
_pdbx_initial_refinement_model.details          'pdb entry 2PR8' 
# 
